data_6OO7
#
_entry.id   6OO7
#
_cell.length_a   1.00
_cell.length_b   1.00
_cell.length_c   1.00
_cell.angle_alpha   90.00
_cell.angle_beta   90.00
_cell.angle_gamma   90.00
#
_symmetry.space_group_name_H-M   'P 1'
#
loop_
_entity.id
_entity.type
_entity.pdbx_description
1 polymer TRPV2
2 non-polymer resiniferatoxin
#
_entity_poly.entity_id   1
_entity_poly.type   'polypeptide(L)'
_entity_poly.pdbx_seq_one_letter_code
;MTSPSSPPAFRLETSDGGQDGAEVDKAQLGYGAGPPPMESRFQDEDRNFPPQIKVNLNYRKGAGASQPDLNRFDRDRLFN
VVARGNPEDLAGLLEYLRRTSKYLTDSEYTEGSTGKTCLMKAVLNLQDGVNACIQPLLEIDRDSGNPQPLVNAQCTDEYY
RGHSALHIAIEKRSLQCVKLLVENGANVHAKACGHFFQKNQDTCFYFGELPLSLAACTKQWDVVNYLLENPHQPASLQAQ
DSLGNTVLHALVMIADDSAENSALVVRMYDGLLQAGARLCPNVQLEGIPNLEGLTPLKLAAKEGKIEIFKHILQREFSAP
CQSLSRKFTEWCYGPVRVSLYDLASVDSWEENSVLEIIAFHSRSPHRHRMVVLEPLNKLLQAKWDRLIPRFCFNFLCYLV
YMLIFTAVAYHQPALEKQGFPPLKATAGNSMLLLGHILILLGGVYLLLGQLWYFWRRRLFIWISFMDSYSEILFLLQALL
TVLSQVLCFLAIEWYLPLLVSSLAMGWTNLLYYTRGFQHTGIYSVMIEKVILRDLLRFLLVYLVFLFGFAVALVSLSREA
QNSRTPAGPNATEVGQPGAGQEDEAPPYRSILDASLELFKFTIGMGELAFQEQLRFRGVVLLLLLAYVLLTYVLLLNMLI
ALMSETVNSVATDSWSIWKLQKAISVLEMENGYWWCRRKKQRAGVMLTVGTRPDGSPDERWCFRVGEMNWATWEQTLPRT
LCEEPSGAAAPGVMKNPTPASQRGEDSASEEDHLPLQLLQSRSNLEVLFQGPHHHHHHDYKDDDDK
;
_entity_poly.pdbx_strand_id   A,B,C,D
#
loop_
_chem_comp.id
_chem_comp.type
_chem_comp.name
_chem_comp.formula
6EU non-polymer resiniferatoxin 'C37 H40 O9'
#
# COMPACT_ATOMS: atom_id res chain seq x y z
N PHE A 73 35.19 -31.87 -59.12
CA PHE A 73 34.22 -30.87 -58.72
C PHE A 73 33.67 -31.21 -57.32
N ASP A 74 33.96 -30.36 -56.34
CA ASP A 74 33.88 -30.73 -54.95
C ASP A 74 32.62 -30.19 -54.29
N ARG A 75 32.07 -30.99 -53.37
CA ARG A 75 30.93 -30.57 -52.55
C ARG A 75 31.26 -29.38 -51.67
N ASP A 76 32.46 -29.37 -51.10
CA ASP A 76 32.84 -28.28 -50.21
C ASP A 76 33.10 -27.01 -50.99
N ARG A 77 33.72 -27.16 -52.17
CA ARG A 77 33.82 -26.08 -53.13
C ARG A 77 32.44 -25.55 -53.51
N LEU A 78 31.48 -26.46 -53.65
CA LEU A 78 30.12 -26.08 -54.02
C LEU A 78 29.45 -25.26 -52.92
N PHE A 79 29.61 -25.69 -51.66
CA PHE A 79 29.05 -24.92 -50.55
C PHE A 79 29.72 -23.57 -50.42
N ASN A 80 31.03 -23.50 -50.68
CA ASN A 80 31.71 -22.22 -50.66
C ASN A 80 31.20 -21.32 -51.78
N VAL A 81 30.94 -21.89 -52.96
CA VAL A 81 30.43 -21.10 -54.07
C VAL A 81 29.06 -20.53 -53.76
N VAL A 82 28.17 -21.34 -53.18
CA VAL A 82 26.83 -20.83 -52.88
C VAL A 82 26.87 -19.88 -51.70
N ALA A 83 27.86 -20.00 -50.83
CA ALA A 83 28.03 -19.02 -49.77
C ALA A 83 28.47 -17.68 -50.34
N ARG A 84 29.41 -17.71 -51.29
CA ARG A 84 29.91 -16.46 -51.87
C ARG A 84 28.87 -15.81 -52.78
N GLY A 85 28.16 -16.61 -53.57
CA GLY A 85 27.22 -16.06 -54.53
C GLY A 85 27.75 -15.89 -55.93
N ASN A 86 28.73 -16.68 -56.34
CA ASN A 86 29.29 -16.61 -57.68
C ASN A 86 28.56 -17.55 -58.63
N PRO A 87 27.88 -17.04 -59.65
CA PRO A 87 27.21 -17.92 -60.61
C PRO A 87 28.18 -18.56 -61.59
N GLU A 88 29.23 -17.82 -61.93
CA GLU A 88 30.16 -18.25 -62.97
C GLU A 88 31.05 -19.38 -62.49
N ASP A 89 31.33 -19.45 -61.19
CA ASP A 89 32.19 -20.50 -60.67
C ASP A 89 31.52 -21.87 -60.71
N LEU A 90 30.19 -21.91 -60.83
CA LEU A 90 29.47 -23.16 -60.96
C LEU A 90 29.44 -23.70 -62.39
N ALA A 91 30.12 -23.03 -63.33
CA ALA A 91 30.16 -23.50 -64.71
C ALA A 91 30.89 -24.83 -64.80
N GLY A 92 30.40 -25.70 -65.68
CA GLY A 92 30.91 -27.04 -65.82
C GLY A 92 30.22 -28.07 -64.96
N LEU A 93 29.53 -27.65 -63.89
CA LEU A 93 28.77 -28.57 -63.07
C LEU A 93 27.64 -29.21 -63.86
N LEU A 94 27.05 -28.46 -64.80
CA LEU A 94 26.12 -29.04 -65.76
C LEU A 94 26.83 -30.08 -66.61
N GLU A 95 28.03 -29.76 -67.08
CA GLU A 95 28.82 -30.73 -67.84
C GLU A 95 29.29 -31.87 -66.95
N TYR A 96 29.61 -31.58 -65.68
CA TYR A 96 30.06 -32.61 -64.77
C TYR A 96 28.95 -33.60 -64.47
N LEU A 97 27.73 -33.12 -64.27
CA LEU A 97 26.62 -34.03 -64.02
C LEU A 97 26.11 -34.67 -65.30
N ARG A 98 26.34 -34.03 -66.44
CA ARG A 98 26.09 -34.70 -67.72
C ARG A 98 27.04 -35.86 -67.92
N ARG A 99 28.29 -35.72 -67.47
CA ARG A 99 29.25 -36.80 -67.61
C ARG A 99 29.00 -37.89 -66.58
N THR A 100 29.01 -37.53 -65.30
CA THR A 100 29.00 -38.52 -64.23
C THR A 100 27.62 -39.14 -64.03
N SER A 101 26.57 -38.45 -64.50
CA SER A 101 25.16 -38.84 -64.35
C SER A 101 24.73 -38.94 -62.89
N LYS A 102 25.44 -38.26 -61.99
CA LYS A 102 25.02 -38.11 -60.61
C LYS A 102 23.92 -37.06 -60.50
N TYR A 103 23.28 -37.03 -59.34
CA TYR A 103 22.19 -36.10 -59.04
C TYR A 103 22.56 -35.24 -57.86
N LEU A 104 22.01 -34.02 -57.82
CA LEU A 104 22.28 -33.13 -56.70
C LEU A 104 21.62 -33.61 -55.42
N THR A 105 20.64 -34.48 -55.51
CA THR A 105 20.01 -35.07 -54.34
C THR A 105 20.65 -36.39 -53.93
N ASP A 106 21.76 -36.76 -54.53
CA ASP A 106 22.49 -37.94 -54.09
C ASP A 106 23.10 -37.69 -52.72
N SER A 107 23.23 -38.77 -51.94
CA SER A 107 23.81 -38.70 -50.59
C SER A 107 25.26 -38.25 -50.59
N GLU A 108 25.96 -38.37 -51.73
CA GLU A 108 27.25 -37.73 -51.92
C GLU A 108 27.16 -36.24 -51.70
N TYR A 109 26.06 -35.63 -52.13
CA TYR A 109 25.90 -34.19 -52.12
C TYR A 109 25.05 -33.71 -50.94
N THR A 110 24.81 -34.57 -49.96
CA THR A 110 24.10 -34.20 -48.75
C THR A 110 25.04 -34.37 -47.58
N GLU A 111 24.76 -33.65 -46.49
CA GLU A 111 25.61 -33.83 -45.32
C GLU A 111 25.31 -35.12 -44.58
N GLY A 112 24.19 -35.79 -44.85
CA GLY A 112 23.98 -37.11 -44.31
C GLY A 112 23.47 -37.17 -42.88
N SER A 113 23.89 -36.22 -42.05
CA SER A 113 23.41 -36.16 -40.67
C SER A 113 21.93 -35.80 -40.62
N THR A 114 21.46 -34.99 -41.56
CA THR A 114 20.13 -34.42 -41.51
C THR A 114 19.39 -34.73 -42.80
N GLY A 115 20.14 -34.80 -43.89
CA GLY A 115 19.59 -34.72 -45.21
C GLY A 115 19.66 -33.34 -45.79
N LYS A 116 20.42 -32.45 -45.19
CA LYS A 116 20.49 -31.06 -45.60
C LYS A 116 21.27 -30.95 -46.90
N THR A 117 20.74 -30.18 -47.84
CA THR A 117 21.28 -30.15 -49.18
C THR A 117 21.87 -28.78 -49.47
N CYS A 118 22.32 -28.62 -50.71
CA CYS A 118 23.01 -27.41 -51.11
C CYS A 118 22.06 -26.23 -51.17
N LEU A 119 20.82 -26.46 -51.61
CA LEU A 119 19.87 -25.37 -51.78
C LEU A 119 19.50 -24.75 -50.45
N MET A 120 19.35 -25.57 -49.41
CA MET A 120 19.06 -25.03 -48.08
C MET A 120 20.21 -24.19 -47.58
N LYS A 121 21.44 -24.62 -47.86
CA LYS A 121 22.61 -23.81 -47.52
C LYS A 121 22.66 -22.52 -48.31
N ALA A 122 22.14 -22.53 -49.54
CA ALA A 122 22.06 -21.31 -50.31
C ALA A 122 21.07 -20.34 -49.70
N VAL A 123 19.93 -20.85 -49.25
CA VAL A 123 18.89 -19.97 -48.74
C VAL A 123 19.25 -19.44 -47.35
N LEU A 124 19.96 -20.24 -46.55
CA LEU A 124 20.40 -19.79 -45.24
C LEU A 124 21.35 -18.61 -45.33
N ASN A 125 22.23 -18.64 -46.32
CA ASN A 125 23.27 -17.62 -46.46
C ASN A 125 22.83 -16.67 -47.55
N LEU A 126 22.28 -15.52 -47.16
CA LEU A 126 21.79 -14.54 -48.10
C LEU A 126 22.56 -13.25 -48.01
N GLN A 127 23.00 -12.76 -49.16
CA GLN A 127 23.38 -11.36 -49.28
C GLN A 127 22.10 -10.55 -49.30
N ASP A 128 22.26 -9.22 -49.07
CA ASP A 128 21.26 -8.29 -48.55
C ASP A 128 19.84 -8.46 -49.09
N GLY A 129 19.69 -8.44 -50.41
CA GLY A 129 18.38 -8.74 -50.94
C GLY A 129 18.20 -10.23 -51.12
N VAL A 130 18.99 -10.83 -52.01
CA VAL A 130 18.91 -12.25 -52.36
C VAL A 130 20.29 -12.73 -52.73
N ASN A 131 20.40 -14.04 -52.92
CA ASN A 131 21.52 -14.64 -53.62
C ASN A 131 21.06 -14.94 -55.05
N ALA A 132 22.02 -14.93 -55.96
CA ALA A 132 21.73 -15.09 -57.38
C ALA A 132 22.06 -16.48 -57.91
N CYS A 133 22.59 -17.38 -57.08
CA CYS A 133 22.94 -18.70 -57.57
C CYS A 133 21.74 -19.64 -57.65
N ILE A 134 20.61 -19.22 -57.09
CA ILE A 134 19.49 -20.12 -56.85
C ILE A 134 18.85 -20.54 -58.17
N GLN A 135 18.51 -19.55 -59.00
CA GLN A 135 17.97 -19.85 -60.31
C GLN A 135 18.92 -20.64 -61.21
N PRO A 136 20.25 -20.38 -61.27
CA PRO A 136 21.13 -21.35 -61.94
C PRO A 136 21.08 -22.75 -61.39
N LEU A 137 21.03 -22.92 -60.06
CA LEU A 137 20.93 -24.26 -59.50
C LEU A 137 19.64 -24.96 -59.93
N LEU A 138 18.55 -24.21 -59.98
CA LEU A 138 17.29 -24.78 -60.42
C LEU A 138 17.32 -25.13 -61.89
N GLU A 139 17.97 -24.28 -62.70
CA GLU A 139 18.19 -24.57 -64.11
C GLU A 139 18.99 -25.85 -64.30
N ILE A 140 20.03 -26.02 -63.49
CA ILE A 140 20.88 -27.20 -63.59
C ILE A 140 20.11 -28.46 -63.20
N ASP A 141 19.29 -28.37 -62.15
CA ASP A 141 18.53 -29.55 -61.76
C ASP A 141 17.44 -29.87 -62.77
N ARG A 142 16.86 -28.86 -63.40
CA ARG A 142 15.93 -29.10 -64.50
C ARG A 142 16.65 -29.73 -65.69
N ASP A 143 17.88 -29.29 -65.96
CA ASP A 143 18.65 -29.85 -67.06
C ASP A 143 19.14 -31.26 -66.77
N SER A 144 19.22 -31.63 -65.49
CA SER A 144 19.69 -32.96 -65.11
C SER A 144 18.63 -34.03 -65.29
N GLY A 145 17.38 -33.66 -65.58
CA GLY A 145 16.32 -34.65 -65.69
C GLY A 145 16.01 -35.33 -64.38
N ASN A 146 16.01 -34.58 -63.29
CA ASN A 146 15.95 -35.17 -61.97
C ASN A 146 14.56 -35.74 -61.69
N PRO A 147 14.44 -37.02 -61.33
CA PRO A 147 13.13 -37.59 -61.01
C PRO A 147 12.52 -37.02 -59.74
N GLN A 148 13.29 -37.04 -58.65
CA GLN A 148 12.90 -36.40 -57.41
C GLN A 148 13.52 -35.02 -57.42
N PRO A 149 12.75 -33.96 -57.64
CA PRO A 149 13.34 -32.64 -57.90
C PRO A 149 14.04 -32.07 -56.67
N LEU A 150 14.90 -31.09 -56.94
CA LEU A 150 15.76 -30.52 -55.91
C LEU A 150 14.96 -29.79 -54.86
N VAL A 151 14.02 -28.95 -55.28
CA VAL A 151 13.46 -27.92 -54.40
C VAL A 151 12.54 -28.54 -53.36
N ASN A 152 11.81 -29.60 -53.70
CA ASN A 152 10.86 -30.14 -52.75
C ASN A 152 11.48 -31.16 -51.80
N ALA A 153 12.75 -31.50 -51.97
CA ALA A 153 13.40 -32.46 -51.09
C ALA A 153 13.56 -31.89 -49.69
N GLN A 154 13.43 -32.75 -48.68
CA GLN A 154 13.35 -32.25 -47.31
C GLN A 154 14.05 -33.19 -46.34
N CYS A 155 14.31 -32.68 -45.14
CA CYS A 155 15.21 -33.28 -44.16
C CYS A 155 14.62 -34.57 -43.58
N THR A 156 15.43 -35.26 -42.77
CA THR A 156 15.13 -36.64 -42.42
C THR A 156 15.13 -36.92 -40.92
N ASP A 157 16.09 -36.36 -40.20
CA ASP A 157 16.32 -36.71 -38.80
C ASP A 157 15.15 -36.31 -37.91
N GLU A 158 14.97 -37.07 -36.81
CA GLU A 158 13.81 -36.93 -35.96
C GLU A 158 13.68 -35.56 -35.32
N TYR A 159 14.79 -34.86 -35.10
CA TYR A 159 14.74 -33.56 -34.45
C TYR A 159 14.10 -32.51 -35.32
N TYR A 160 14.32 -32.61 -36.63
CA TYR A 160 14.24 -31.47 -37.52
C TYR A 160 13.58 -31.88 -38.82
N ARG A 161 12.64 -32.81 -38.74
CA ARG A 161 12.14 -33.50 -39.93
C ARG A 161 11.18 -32.64 -40.72
N GLY A 162 11.34 -32.66 -42.03
CA GLY A 162 10.36 -32.06 -42.91
C GLY A 162 10.60 -30.61 -43.26
N HIS A 163 11.65 -30.00 -42.74
CA HIS A 163 11.96 -28.62 -43.05
C HIS A 163 12.33 -28.49 -44.52
N SER A 164 12.18 -27.29 -45.07
CA SER A 164 12.27 -27.15 -46.52
C SER A 164 12.88 -25.81 -46.88
N ALA A 165 13.01 -25.59 -48.18
CA ALA A 165 13.51 -24.31 -48.66
C ALA A 165 12.52 -23.20 -48.36
N LEU A 166 11.24 -23.48 -48.54
CA LEU A 166 10.20 -22.47 -48.40
C LEU A 166 10.11 -21.97 -46.98
N HIS A 167 10.23 -22.86 -46.00
CA HIS A 167 10.21 -22.47 -44.61
C HIS A 167 11.34 -21.51 -44.27
N ILE A 168 12.53 -21.77 -44.81
CA ILE A 168 13.67 -20.89 -44.55
C ILE A 168 13.43 -19.54 -45.19
N ALA A 169 12.93 -19.54 -46.42
CA ALA A 169 12.63 -18.31 -47.12
C ALA A 169 11.59 -17.48 -46.38
N ILE A 170 10.62 -18.13 -45.76
CA ILE A 170 9.64 -17.38 -44.99
C ILE A 170 10.26 -16.86 -43.72
N GLU A 171 11.18 -17.61 -43.11
CA GLU A 171 11.72 -17.18 -41.83
C GLU A 171 12.67 -16.02 -42.01
N LYS A 172 13.45 -16.03 -43.08
CA LYS A 172 14.36 -14.90 -43.31
C LYS A 172 13.65 -13.68 -43.89
N ARG A 173 12.34 -13.76 -44.09
CA ARG A 173 11.47 -12.63 -44.40
C ARG A 173 11.83 -12.00 -45.74
N SER A 174 11.96 -12.84 -46.76
CA SER A 174 12.37 -12.42 -48.10
C SER A 174 11.25 -12.73 -49.08
N LEU A 175 10.50 -11.70 -49.43
CA LEU A 175 9.31 -11.87 -50.26
C LEU A 175 9.66 -12.35 -51.67
N GLN A 176 10.66 -11.73 -52.29
CA GLN A 176 10.98 -12.04 -53.68
C GLN A 176 11.64 -13.40 -53.82
N CYS A 177 12.35 -13.85 -52.79
CA CYS A 177 12.84 -15.22 -52.80
C CYS A 177 11.70 -16.22 -52.73
N VAL A 178 10.65 -15.89 -51.98
CA VAL A 178 9.47 -16.73 -51.93
C VAL A 178 8.79 -16.78 -53.29
N LYS A 179 8.71 -15.63 -53.95
CA LYS A 179 8.20 -15.56 -55.32
C LYS A 179 9.02 -16.45 -56.25
N LEU A 180 10.35 -16.41 -56.09
CA LEU A 180 11.23 -17.24 -56.91
C LEU A 180 11.00 -18.72 -56.69
N LEU A 181 10.85 -19.13 -55.44
CA LEU A 181 10.67 -20.54 -55.13
C LEU A 181 9.33 -21.05 -55.61
N VAL A 182 8.27 -20.26 -55.38
CA VAL A 182 6.93 -20.68 -55.77
C VAL A 182 6.81 -20.73 -57.28
N GLU A 183 7.46 -19.82 -57.99
CA GLU A 183 7.45 -19.88 -59.46
C GLU A 183 8.17 -21.10 -60.01
N ASN A 184 9.03 -21.74 -59.23
CA ASN A 184 9.79 -22.86 -59.72
C ASN A 184 9.27 -24.19 -59.19
N GLY A 185 8.05 -24.22 -58.72
CA GLY A 185 7.42 -25.47 -58.37
C GLY A 185 7.72 -25.98 -56.99
N ALA A 186 8.00 -25.09 -56.04
CA ALA A 186 8.16 -25.52 -54.66
C ALA A 186 6.82 -25.88 -54.08
N ASN A 187 6.78 -26.95 -53.28
CA ASN A 187 5.55 -27.33 -52.60
C ASN A 187 5.13 -26.25 -51.62
N VAL A 188 3.83 -26.14 -51.42
CA VAL A 188 3.26 -25.23 -50.44
C VAL A 188 2.60 -25.99 -49.29
N HIS A 189 2.26 -27.25 -49.49
CA HIS A 189 1.66 -28.03 -48.43
C HIS A 189 2.62 -29.00 -47.76
N ALA A 190 3.92 -28.78 -47.90
CA ALA A 190 4.88 -29.60 -47.19
C ALA A 190 4.82 -29.31 -45.69
N LYS A 191 4.98 -30.35 -44.88
CA LYS A 191 4.79 -30.22 -43.44
C LYS A 191 6.11 -30.42 -42.72
N ALA A 192 6.36 -29.60 -41.70
CA ALA A 192 7.54 -29.72 -40.86
C ALA A 192 7.14 -30.40 -39.56
N CYS A 193 7.60 -31.63 -39.37
CA CYS A 193 7.02 -32.52 -38.39
C CYS A 193 7.95 -32.83 -37.22
N GLY A 194 9.20 -32.39 -37.27
CA GLY A 194 10.22 -32.81 -36.32
C GLY A 194 9.99 -32.31 -34.90
N HIS A 195 10.92 -32.70 -34.03
CA HIS A 195 10.74 -32.49 -32.59
C HIS A 195 10.85 -31.02 -32.20
N PHE A 196 11.77 -30.29 -32.81
CA PHE A 196 11.84 -28.87 -32.48
C PHE A 196 10.60 -28.14 -32.97
N PHE A 197 10.08 -28.56 -34.10
CA PHE A 197 8.78 -28.09 -34.53
C PHE A 197 7.72 -28.86 -33.76
N GLN A 198 6.46 -28.55 -34.06
CA GLN A 198 5.33 -29.50 -33.99
C GLN A 198 5.16 -30.21 -32.64
N LYS A 199 5.70 -29.63 -31.58
CA LYS A 199 5.72 -30.29 -30.29
C LYS A 199 5.49 -29.27 -29.19
N ASN A 200 5.27 -29.78 -27.99
CA ASN A 200 5.22 -28.97 -26.79
C ASN A 200 6.38 -29.33 -25.85
N GLN A 201 7.55 -29.62 -26.42
CA GLN A 201 8.77 -29.89 -25.67
C GLN A 201 9.29 -28.63 -24.97
N ASP A 202 10.41 -28.75 -24.27
CA ASP A 202 11.09 -27.55 -23.82
C ASP A 202 12.06 -27.08 -24.90
N THR A 203 12.12 -25.76 -25.07
CA THR A 203 12.88 -25.05 -26.11
C THR A 203 12.46 -25.52 -27.50
N CYS A 204 11.19 -25.23 -27.80
CA CYS A 204 10.61 -25.62 -29.07
C CYS A 204 9.76 -24.46 -29.57
N PHE A 205 9.39 -24.54 -30.84
CA PHE A 205 8.60 -23.52 -31.49
C PHE A 205 7.42 -24.20 -32.15
N TYR A 206 6.21 -23.90 -31.67
CA TYR A 206 5.01 -24.53 -32.21
C TYR A 206 4.16 -23.50 -32.92
N PHE A 207 3.78 -23.82 -34.15
CA PHE A 207 3.06 -22.91 -35.01
C PHE A 207 2.16 -23.64 -35.98
N GLY A 208 1.90 -24.91 -35.75
CA GLY A 208 1.43 -25.73 -36.82
C GLY A 208 2.62 -26.13 -37.67
N GLU A 209 2.34 -26.71 -38.82
CA GLU A 209 3.38 -27.33 -39.59
C GLU A 209 3.47 -26.78 -41.00
N LEU A 210 2.70 -25.77 -41.32
CA LEU A 210 2.51 -25.35 -42.69
C LEU A 210 3.20 -24.03 -42.98
N PRO A 211 3.48 -23.75 -44.25
CA PRO A 211 4.12 -22.48 -44.57
C PRO A 211 3.23 -21.29 -44.37
N LEU A 212 1.98 -21.40 -44.76
CA LEU A 212 1.00 -20.34 -44.51
C LEU A 212 0.88 -20.03 -43.04
N SER A 213 0.88 -21.06 -42.21
CA SER A 213 0.83 -20.86 -40.76
C SER A 213 2.08 -20.16 -40.27
N LEU A 214 3.22 -20.44 -40.89
CA LEU A 214 4.47 -19.84 -40.46
C LEU A 214 4.52 -18.38 -40.83
N ALA A 215 4.06 -18.05 -42.03
CA ALA A 215 3.94 -16.66 -42.44
C ALA A 215 2.94 -15.92 -41.57
N ALA A 216 1.86 -16.60 -41.19
CA ALA A 216 0.83 -15.95 -40.39
C ALA A 216 1.32 -15.65 -38.99
N CYS A 217 2.05 -16.58 -38.38
CA CYS A 217 2.50 -16.38 -37.01
C CYS A 217 3.63 -15.39 -36.87
N THR A 218 4.20 -14.91 -37.98
CA THR A 218 5.36 -14.03 -37.90
C THR A 218 5.13 -12.68 -38.56
N LYS A 219 3.87 -12.32 -38.82
CA LYS A 219 3.44 -10.97 -39.21
C LYS A 219 4.05 -10.53 -40.54
N GLN A 220 3.86 -11.34 -41.57
CA GLN A 220 4.12 -10.92 -42.95
C GLN A 220 2.77 -11.02 -43.64
N TRP A 221 2.02 -9.92 -43.65
CA TRP A 221 0.73 -9.95 -44.30
C TRP A 221 0.88 -10.12 -45.80
N ASP A 222 1.94 -9.58 -46.36
CA ASP A 222 2.18 -9.67 -47.79
C ASP A 222 2.47 -11.10 -48.24
N VAL A 223 3.26 -11.83 -47.46
CA VAL A 223 3.58 -13.22 -47.82
C VAL A 223 2.33 -14.07 -47.75
N VAL A 224 1.49 -13.81 -46.74
CA VAL A 224 0.19 -14.47 -46.63
C VAL A 224 -0.65 -14.18 -47.86
N ASN A 225 -0.69 -12.92 -48.26
CA ASN A 225 -1.50 -12.52 -49.40
C ASN A 225 -1.00 -13.15 -50.69
N TYR A 226 0.32 -13.29 -50.83
CA TYR A 226 0.86 -13.93 -52.01
C TYR A 226 0.56 -15.42 -52.03
N LEU A 227 0.76 -16.09 -50.89
CA LEU A 227 0.52 -17.53 -50.84
C LEU A 227 -0.94 -17.86 -51.06
N LEU A 228 -1.84 -16.97 -50.66
CA LEU A 228 -3.22 -17.16 -51.03
C LEU A 228 -3.43 -16.92 -52.52
N GLU A 229 -2.92 -15.82 -53.04
CA GLU A 229 -3.27 -15.40 -54.39
C GLU A 229 -2.16 -15.61 -55.41
N ASN A 230 -1.32 -16.63 -55.24
CA ASN A 230 -0.39 -16.98 -56.30
C ASN A 230 -1.14 -17.58 -57.48
N PRO A 231 -0.55 -17.57 -58.68
CA PRO A 231 -1.21 -18.25 -59.80
C PRO A 231 -1.08 -19.76 -59.76
N HIS A 232 0.03 -20.25 -59.23
CA HIS A 232 0.39 -21.65 -59.41
C HIS A 232 -0.36 -22.57 -58.44
N GLN A 233 -0.12 -22.40 -57.15
CA GLN A 233 -0.64 -23.30 -56.13
C GLN A 233 -1.23 -22.48 -55.00
N PRO A 234 -2.53 -22.23 -55.02
CA PRO A 234 -3.17 -21.52 -53.92
C PRO A 234 -3.11 -22.34 -52.64
N ALA A 235 -2.76 -21.68 -51.54
CA ALA A 235 -2.74 -22.37 -50.28
C ALA A 235 -4.16 -22.55 -49.78
N SER A 236 -4.37 -23.62 -49.03
CA SER A 236 -5.70 -23.97 -48.56
C SER A 236 -5.80 -23.65 -47.09
N LEU A 237 -6.72 -22.75 -46.74
CA LEU A 237 -7.01 -22.48 -45.34
C LEU A 237 -7.59 -23.70 -44.65
N GLN A 238 -8.28 -24.55 -45.41
CA GLN A 238 -8.86 -25.76 -44.89
C GLN A 238 -7.80 -26.77 -44.49
N ALA A 239 -6.63 -26.72 -45.13
CA ALA A 239 -5.61 -27.73 -44.91
C ALA A 239 -5.07 -27.65 -43.49
N GLN A 240 -4.68 -28.80 -42.96
CA GLN A 240 -4.33 -28.89 -41.55
C GLN A 240 -3.24 -29.92 -41.35
N ASP A 241 -2.54 -29.80 -40.23
CA ASP A 241 -1.33 -30.55 -39.96
C ASP A 241 -1.63 -31.90 -39.33
N SER A 242 -0.62 -32.50 -38.71
CA SER A 242 -0.74 -33.83 -38.14
C SER A 242 -1.65 -33.87 -36.93
N LEU A 243 -1.82 -32.76 -36.23
CA LEU A 243 -2.78 -32.73 -35.16
C LEU A 243 -4.15 -32.29 -35.64
N GLY A 244 -4.27 -31.93 -36.91
CA GLY A 244 -5.51 -31.41 -37.41
C GLY A 244 -5.77 -29.99 -36.99
N ASN A 245 -4.74 -29.17 -36.89
CA ASN A 245 -4.89 -27.77 -36.56
C ASN A 245 -4.77 -26.95 -37.83
N THR A 246 -5.73 -26.08 -38.08
CA THR A 246 -5.56 -25.13 -39.15
C THR A 246 -4.90 -23.87 -38.60
N VAL A 247 -4.87 -22.84 -39.45
CA VAL A 247 -4.18 -21.60 -39.13
C VAL A 247 -4.81 -20.91 -37.93
N LEU A 248 -6.13 -21.04 -37.79
CA LEU A 248 -6.81 -20.40 -36.68
C LEU A 248 -6.44 -21.04 -35.36
N HIS A 249 -6.28 -22.36 -35.38
CA HIS A 249 -5.85 -23.07 -34.18
C HIS A 249 -4.45 -22.67 -33.78
N ALA A 250 -3.59 -22.45 -34.77
CA ALA A 250 -2.21 -22.06 -34.46
C ALA A 250 -2.16 -20.66 -33.88
N LEU A 251 -2.92 -19.73 -34.46
CA LEU A 251 -3.05 -18.39 -33.90
C LEU A 251 -3.60 -18.41 -32.49
N VAL A 252 -4.45 -19.37 -32.18
CA VAL A 252 -4.82 -19.56 -30.79
C VAL A 252 -3.63 -20.01 -29.98
N MET A 253 -2.88 -20.98 -30.50
CA MET A 253 -1.82 -21.62 -29.71
C MET A 253 -0.67 -20.69 -29.41
N ILE A 254 -0.49 -19.63 -30.20
CA ILE A 254 0.69 -18.82 -29.96
C ILE A 254 0.43 -17.66 -29.00
N ALA A 255 -0.83 -17.28 -28.80
CA ALA A 255 -1.15 -16.12 -27.96
C ALA A 255 -0.76 -16.38 -26.51
N ASP A 256 -0.38 -15.30 -25.80
CA ASP A 256 0.03 -15.46 -24.41
C ASP A 256 -0.54 -14.39 -23.49
N ASP A 257 -1.49 -13.58 -23.97
CA ASP A 257 -2.12 -12.45 -23.29
C ASP A 257 -1.16 -11.30 -22.99
N SER A 258 0.04 -11.28 -23.58
CA SER A 258 0.82 -10.06 -23.60
C SER A 258 0.32 -9.15 -24.72
N ALA A 259 0.76 -7.88 -24.69
CA ALA A 259 0.05 -6.82 -25.41
C ALA A 259 0.27 -6.90 -26.92
N GLU A 260 1.54 -6.80 -27.34
CA GLU A 260 1.85 -6.76 -28.77
C GLU A 260 1.48 -8.07 -29.45
N ASN A 261 1.68 -9.18 -28.75
CA ASN A 261 1.19 -10.49 -29.18
C ASN A 261 -0.30 -10.46 -29.42
N SER A 262 -1.06 -9.85 -28.52
CA SER A 262 -2.51 -9.88 -28.64
C SER A 262 -2.99 -9.04 -29.81
N ALA A 263 -2.38 -7.88 -30.02
CA ALA A 263 -2.75 -7.03 -31.14
C ALA A 263 -2.44 -7.71 -32.47
N LEU A 264 -1.25 -8.33 -32.53
CA LEU A 264 -0.87 -9.19 -33.64
C LEU A 264 -1.92 -10.25 -33.94
N VAL A 265 -2.33 -10.99 -32.92
CA VAL A 265 -3.23 -12.12 -33.12
C VAL A 265 -4.59 -11.66 -33.60
N VAL A 266 -5.14 -10.61 -33.00
CA VAL A 266 -6.49 -10.20 -33.38
C VAL A 266 -6.50 -9.62 -34.79
N ARG A 267 -5.46 -8.86 -35.17
CA ARG A 267 -5.40 -8.32 -36.52
C ARG A 267 -5.25 -9.42 -37.55
N MET A 268 -4.39 -10.40 -37.27
CA MET A 268 -4.14 -11.46 -38.23
C MET A 268 -5.35 -12.37 -38.37
N TYR A 269 -6.01 -12.65 -37.24
CA TYR A 269 -7.18 -13.52 -37.23
C TYR A 269 -8.31 -12.90 -38.05
N ASP A 270 -8.55 -11.60 -37.85
CA ASP A 270 -9.63 -10.94 -38.58
C ASP A 270 -9.32 -10.85 -40.07
N GLY A 271 -8.07 -10.55 -40.41
CA GLY A 271 -7.70 -10.50 -41.81
C GLY A 271 -7.86 -11.85 -42.48
N LEU A 272 -7.54 -12.92 -41.77
CA LEU A 272 -7.71 -14.26 -42.33
C LEU A 272 -9.16 -14.61 -42.50
N LEU A 273 -10.02 -14.19 -41.58
CA LEU A 273 -11.45 -14.45 -41.76
C LEU A 273 -12.01 -13.71 -42.96
N GLN A 274 -11.59 -12.45 -43.16
CA GLN A 274 -12.06 -11.71 -44.32
C GLN A 274 -11.58 -12.35 -45.62
N ALA A 275 -10.32 -12.80 -45.63
CA ALA A 275 -9.78 -13.40 -46.85
C ALA A 275 -10.44 -14.74 -47.15
N GLY A 276 -10.69 -15.54 -46.12
CA GLY A 276 -11.39 -16.79 -46.32
C GLY A 276 -12.84 -16.60 -46.74
N ALA A 277 -13.45 -15.53 -46.27
CA ALA A 277 -14.76 -15.17 -46.78
C ALA A 277 -14.68 -14.82 -48.26
N ARG A 278 -13.62 -14.15 -48.66
CA ARG A 278 -13.49 -13.74 -50.05
C ARG A 278 -13.21 -14.93 -50.97
N LEU A 279 -12.46 -15.91 -50.51
CA LEU A 279 -11.94 -16.91 -51.44
C LEU A 279 -12.59 -18.27 -51.34
N CYS A 280 -13.14 -18.62 -50.18
CA CYS A 280 -13.90 -19.87 -50.02
C CYS A 280 -15.20 -19.55 -49.29
N PRO A 281 -16.17 -18.97 -50.00
CA PRO A 281 -17.34 -18.41 -49.31
C PRO A 281 -18.26 -19.44 -48.70
N ASN A 282 -18.35 -20.63 -49.29
CA ASN A 282 -19.28 -21.64 -48.79
C ASN A 282 -18.83 -22.22 -47.45
N VAL A 283 -17.56 -22.22 -47.18
CA VAL A 283 -17.01 -22.95 -46.06
C VAL A 283 -16.98 -22.04 -44.84
N GLN A 284 -17.40 -22.59 -43.70
CA GLN A 284 -17.31 -21.88 -42.43
C GLN A 284 -16.04 -22.36 -41.74
N LEU A 285 -15.06 -21.47 -41.62
CA LEU A 285 -13.71 -21.87 -41.25
C LEU A 285 -13.64 -22.26 -39.78
N GLU A 286 -14.34 -21.52 -38.92
CA GLU A 286 -14.22 -21.79 -37.50
C GLU A 286 -14.94 -23.05 -37.06
N GLY A 287 -15.70 -23.69 -37.94
CA GLY A 287 -16.40 -24.89 -37.54
C GLY A 287 -15.54 -26.14 -37.49
N ILE A 288 -14.38 -26.12 -38.14
CA ILE A 288 -13.59 -27.35 -38.31
C ILE A 288 -12.91 -27.74 -37.01
N PRO A 289 -13.13 -28.92 -36.51
CA PRO A 289 -12.47 -29.32 -35.26
C PRO A 289 -11.15 -29.99 -35.54
N ASN A 290 -10.36 -30.23 -34.50
CA ASN A 290 -9.10 -30.94 -34.65
C ASN A 290 -9.31 -32.43 -34.42
N LEU A 291 -8.21 -33.18 -34.29
CA LEU A 291 -8.32 -34.59 -33.95
C LEU A 291 -8.86 -34.78 -32.54
N GLU A 292 -8.56 -33.85 -31.65
CA GLU A 292 -9.24 -33.87 -30.37
C GLU A 292 -10.66 -33.31 -30.47
N GLY A 293 -11.03 -32.74 -31.61
CA GLY A 293 -12.41 -32.39 -31.84
C GLY A 293 -12.85 -31.07 -31.28
N LEU A 294 -12.03 -30.02 -31.40
CA LEU A 294 -12.34 -28.73 -30.81
C LEU A 294 -12.31 -27.66 -31.89
N THR A 295 -13.34 -26.83 -31.94
CA THR A 295 -13.33 -25.62 -32.72
C THR A 295 -12.42 -24.60 -32.05
N PRO A 296 -11.95 -23.57 -32.79
CA PRO A 296 -10.99 -22.62 -32.18
C PRO A 296 -11.50 -21.84 -30.99
N LEU A 297 -12.80 -21.59 -30.91
CA LEU A 297 -13.33 -20.96 -29.70
C LEU A 297 -13.16 -21.88 -28.49
N LYS A 298 -13.57 -23.14 -28.66
CA LYS A 298 -13.41 -24.14 -27.61
C LYS A 298 -11.96 -24.33 -27.25
N LEU A 299 -11.08 -24.32 -28.25
CA LEU A 299 -9.66 -24.51 -28.00
C LEU A 299 -9.07 -23.34 -27.26
N ALA A 300 -9.50 -22.13 -27.59
CA ALA A 300 -9.01 -20.96 -26.87
C ALA A 300 -9.52 -20.95 -25.45
N ALA A 301 -10.72 -21.49 -25.24
CA ALA A 301 -11.23 -21.62 -23.88
C ALA A 301 -10.43 -22.65 -23.11
N LYS A 302 -10.10 -23.78 -23.75
CA LYS A 302 -9.54 -24.93 -23.06
C LYS A 302 -8.14 -24.63 -22.55
N GLU A 303 -7.34 -23.94 -23.33
CA GLU A 303 -6.01 -23.60 -22.84
C GLU A 303 -6.01 -22.36 -21.97
N GLY A 304 -7.13 -21.66 -21.83
CA GLY A 304 -7.15 -20.49 -20.98
C GLY A 304 -6.41 -19.29 -21.56
N LYS A 305 -6.52 -19.08 -22.86
CA LYS A 305 -6.06 -17.85 -23.47
C LYS A 305 -7.22 -16.87 -23.46
N ILE A 306 -6.97 -15.65 -22.99
CA ILE A 306 -8.02 -14.76 -22.54
C ILE A 306 -8.35 -13.70 -23.57
N GLU A 307 -7.33 -12.99 -24.05
CA GLU A 307 -7.55 -11.81 -24.88
C GLU A 307 -8.17 -12.16 -26.21
N ILE A 308 -7.65 -13.21 -26.85
CA ILE A 308 -8.24 -13.70 -28.08
C ILE A 308 -9.66 -14.20 -27.84
N PHE A 309 -9.93 -14.78 -26.67
CA PHE A 309 -11.26 -15.29 -26.35
C PHE A 309 -12.26 -14.15 -26.26
N LYS A 310 -11.91 -13.13 -25.49
CA LYS A 310 -12.67 -11.89 -25.41
C LYS A 310 -12.90 -11.28 -26.78
N HIS A 311 -11.89 -11.30 -27.64
CA HIS A 311 -12.11 -10.76 -28.96
C HIS A 311 -13.02 -11.65 -29.80
N ILE A 312 -13.04 -12.95 -29.56
CA ILE A 312 -13.84 -13.80 -30.44
C ILE A 312 -15.30 -13.71 -30.09
N LEU A 313 -15.63 -13.56 -28.80
CA LEU A 313 -17.04 -13.49 -28.40
C LEU A 313 -17.75 -12.30 -28.99
N GLN A 314 -17.18 -11.11 -28.85
CA GLN A 314 -17.84 -9.89 -29.25
C GLN A 314 -17.15 -9.27 -30.46
N ARG A 315 -17.54 -9.73 -31.64
CA ARG A 315 -17.01 -9.22 -32.90
C ARG A 315 -18.07 -8.41 -33.62
N GLU A 316 -17.61 -7.40 -34.36
CA GLU A 316 -18.45 -6.60 -35.22
C GLU A 316 -17.75 -6.48 -36.55
N PHE A 317 -18.52 -6.29 -37.61
CA PHE A 317 -17.94 -5.95 -38.90
C PHE A 317 -18.82 -4.95 -39.61
N SER A 318 -18.26 -3.76 -39.87
CA SER A 318 -18.90 -2.73 -40.67
C SER A 318 -18.83 -3.02 -42.16
N ALA A 319 -18.22 -4.14 -42.55
CA ALA A 319 -18.09 -4.65 -43.90
C ALA A 319 -19.46 -4.95 -44.50
N PRO A 320 -19.56 -5.20 -45.82
CA PRO A 320 -20.77 -5.84 -46.33
C PRO A 320 -21.06 -7.18 -45.70
N CYS A 321 -20.03 -7.95 -45.36
CA CYS A 321 -20.17 -9.19 -44.62
C CYS A 321 -20.07 -8.90 -43.13
N GLN A 322 -21.20 -8.72 -42.50
CA GLN A 322 -21.27 -8.66 -41.05
C GLN A 322 -21.72 -9.99 -40.47
N SER A 323 -22.05 -10.96 -41.31
CA SER A 323 -22.52 -12.26 -40.84
C SER A 323 -21.44 -13.00 -40.08
N LEU A 324 -20.18 -12.65 -40.33
CA LEU A 324 -19.07 -13.19 -39.56
C LEU A 324 -19.18 -12.80 -38.10
N SER A 325 -19.66 -11.59 -37.85
CA SER A 325 -19.68 -11.06 -36.50
C SER A 325 -20.75 -11.74 -35.67
N ARG A 326 -20.56 -11.74 -34.37
CA ARG A 326 -21.53 -12.36 -33.48
C ARG A 326 -22.43 -11.34 -32.80
N LYS A 327 -21.85 -10.26 -32.29
CA LYS A 327 -22.58 -9.25 -31.54
C LYS A 327 -23.43 -8.40 -32.48
N PHE A 328 -24.55 -7.91 -31.97
CA PHE A 328 -25.39 -6.98 -32.70
C PHE A 328 -25.95 -5.97 -31.70
N THR A 329 -26.78 -5.06 -32.20
CA THR A 329 -27.49 -4.11 -31.36
C THR A 329 -28.97 -4.18 -31.73
N GLU A 330 -29.81 -4.45 -30.72
CA GLU A 330 -31.24 -4.53 -30.97
C GLU A 330 -31.81 -3.15 -31.25
N TRP A 331 -31.65 -2.25 -30.30
CA TRP A 331 -32.03 -0.85 -30.44
C TRP A 331 -31.22 -0.06 -29.44
N CYS A 332 -31.24 1.26 -29.61
CA CYS A 332 -30.46 2.14 -28.76
C CYS A 332 -31.28 3.39 -28.48
N TYR A 333 -31.17 3.89 -27.26
CA TYR A 333 -32.06 4.93 -26.77
C TYR A 333 -31.38 5.59 -25.60
N GLY A 334 -30.91 6.82 -25.77
CA GLY A 334 -30.15 7.50 -24.74
C GLY A 334 -28.89 6.75 -24.39
N PRO A 335 -28.56 6.68 -23.10
CA PRO A 335 -27.46 5.81 -22.69
C PRO A 335 -27.80 4.35 -22.74
N VAL A 336 -29.09 3.99 -22.78
CA VAL A 336 -29.48 2.60 -22.89
C VAL A 336 -29.24 2.08 -24.30
N ARG A 337 -28.61 0.91 -24.39
CA ARG A 337 -28.63 0.17 -25.64
C ARG A 337 -28.71 -1.31 -25.31
N VAL A 338 -29.32 -2.06 -26.22
CA VAL A 338 -29.59 -3.47 -26.02
C VAL A 338 -28.85 -4.24 -27.10
N SER A 339 -27.91 -5.05 -26.66
CA SER A 339 -27.02 -5.80 -27.51
C SER A 339 -27.49 -7.24 -27.59
N LEU A 340 -27.46 -7.80 -28.78
CA LEU A 340 -27.65 -9.23 -28.94
C LEU A 340 -26.30 -9.92 -28.91
N TYR A 341 -26.30 -11.17 -28.50
CA TYR A 341 -25.14 -12.03 -28.75
C TYR A 341 -25.66 -13.33 -29.33
N ASP A 342 -24.80 -14.03 -30.04
CA ASP A 342 -25.06 -15.41 -30.38
C ASP A 342 -24.53 -16.29 -29.25
N LEU A 343 -25.12 -17.45 -29.11
CA LEU A 343 -24.68 -18.45 -28.16
C LEU A 343 -24.58 -19.79 -28.83
N ALA A 344 -24.15 -19.80 -30.09
CA ALA A 344 -24.23 -21.00 -30.92
C ALA A 344 -23.28 -22.08 -30.44
N SER A 345 -22.27 -21.73 -29.65
CA SER A 345 -21.45 -22.74 -29.00
C SER A 345 -21.41 -22.61 -27.50
N VAL A 346 -22.06 -21.59 -26.94
CA VAL A 346 -21.84 -21.23 -25.55
C VAL A 346 -22.88 -21.86 -24.62
N ASP A 347 -24.06 -22.20 -25.13
CA ASP A 347 -25.14 -22.67 -24.29
C ASP A 347 -24.84 -24.07 -23.74
N SER A 348 -25.23 -24.29 -22.48
CA SER A 348 -25.06 -25.58 -21.84
C SER A 348 -25.99 -26.64 -22.38
N TRP A 349 -26.98 -26.24 -23.19
CA TRP A 349 -27.85 -27.20 -23.87
C TRP A 349 -27.04 -28.14 -24.76
N GLU A 350 -26.07 -27.59 -25.48
CA GLU A 350 -25.40 -28.36 -26.51
C GLU A 350 -24.41 -29.34 -25.90
N GLU A 351 -24.05 -30.33 -26.70
CA GLU A 351 -23.05 -31.30 -26.30
C GLU A 351 -21.67 -30.68 -26.42
N ASN A 352 -20.86 -30.89 -25.37
CA ASN A 352 -19.47 -30.42 -25.28
C ASN A 352 -19.41 -28.91 -25.40
N SER A 353 -20.14 -28.23 -24.53
CA SER A 353 -20.29 -26.79 -24.58
C SER A 353 -19.03 -26.10 -24.08
N VAL A 354 -18.99 -24.79 -24.29
CA VAL A 354 -17.90 -23.97 -23.77
C VAL A 354 -17.90 -23.98 -22.25
N LEU A 355 -19.09 -23.96 -21.65
CA LEU A 355 -19.20 -23.88 -20.21
C LEU A 355 -18.72 -25.14 -19.54
N GLU A 356 -19.06 -26.29 -20.12
CA GLU A 356 -18.53 -27.55 -19.65
C GLU A 356 -17.02 -27.62 -19.78
N ILE A 357 -16.47 -26.95 -20.81
CA ILE A 357 -15.02 -26.97 -21.01
C ILE A 357 -14.31 -26.07 -20.00
N ILE A 358 -14.88 -24.90 -19.74
CA ILE A 358 -14.33 -24.02 -18.71
C ILE A 358 -14.46 -24.68 -17.34
N ALA A 359 -15.56 -25.39 -17.10
CA ALA A 359 -15.79 -25.99 -15.80
C ALA A 359 -14.88 -27.19 -15.56
N PHE A 360 -14.92 -28.17 -16.45
CA PHE A 360 -14.33 -29.47 -16.19
C PHE A 360 -13.06 -29.71 -16.99
N HIS A 361 -13.13 -29.60 -18.31
CA HIS A 361 -12.04 -30.03 -19.17
C HIS A 361 -10.84 -29.11 -19.14
N SER A 362 -10.99 -27.91 -18.58
CA SER A 362 -9.88 -26.98 -18.55
C SER A 362 -8.80 -27.44 -17.60
N ARG A 363 -7.63 -26.84 -17.75
CA ARG A 363 -6.53 -27.00 -16.81
C ARG A 363 -5.85 -25.67 -16.56
N SER A 364 -6.59 -24.61 -16.62
CA SER A 364 -5.96 -23.31 -16.48
C SER A 364 -6.21 -22.76 -15.10
N PRO A 365 -5.28 -21.99 -14.56
CA PRO A 365 -5.55 -21.28 -13.32
C PRO A 365 -6.62 -20.20 -13.45
N HIS A 366 -6.59 -19.45 -14.54
CA HIS A 366 -7.32 -18.18 -14.63
C HIS A 366 -8.71 -18.33 -15.20
N ARG A 367 -9.39 -19.45 -14.90
CA ARG A 367 -10.73 -19.68 -15.42
C ARG A 367 -11.72 -18.64 -14.89
N HIS A 368 -11.50 -18.19 -13.65
CA HIS A 368 -12.40 -17.24 -13.01
C HIS A 368 -12.46 -15.92 -13.75
N ARG A 369 -11.33 -15.50 -14.32
CA ARG A 369 -11.34 -14.27 -15.12
C ARG A 369 -12.08 -14.48 -16.42
N MET A 370 -12.06 -15.69 -16.94
CA MET A 370 -12.82 -15.99 -18.15
C MET A 370 -14.30 -16.08 -17.86
N VAL A 371 -14.68 -16.31 -16.60
CA VAL A 371 -16.09 -16.38 -16.25
C VAL A 371 -16.76 -15.02 -16.41
N VAL A 372 -16.11 -13.96 -15.93
CA VAL A 372 -16.75 -12.66 -15.81
C VAL A 372 -16.58 -11.96 -17.15
N LEU A 373 -17.45 -12.33 -18.10
CA LEU A 373 -17.57 -11.67 -19.39
C LEU A 373 -19.04 -11.56 -19.69
N GLU A 374 -19.39 -10.54 -20.48
CA GLU A 374 -20.78 -10.10 -20.58
C GLU A 374 -21.77 -11.15 -21.10
N PRO A 375 -21.55 -11.84 -22.24
CA PRO A 375 -22.54 -12.85 -22.65
C PRO A 375 -22.51 -14.08 -21.76
N LEU A 376 -21.41 -14.31 -21.05
CA LEU A 376 -21.42 -15.33 -20.01
C LEU A 376 -22.18 -14.86 -18.78
N ASN A 377 -21.93 -13.62 -18.34
CA ASN A 377 -22.38 -13.18 -17.03
C ASN A 377 -23.89 -13.06 -16.99
N LYS A 378 -24.48 -12.48 -18.03
CA LYS A 378 -25.93 -12.35 -18.04
C LYS A 378 -26.62 -13.70 -18.18
N LEU A 379 -26.00 -14.63 -18.91
CA LEU A 379 -26.56 -15.96 -19.07
C LEU A 379 -26.53 -16.73 -17.76
N LEU A 380 -25.40 -16.67 -17.04
CA LEU A 380 -25.30 -17.33 -15.75
C LEU A 380 -26.29 -16.76 -14.75
N GLN A 381 -26.49 -15.45 -14.78
CA GLN A 381 -27.44 -14.84 -13.85
C GLN A 381 -28.86 -15.30 -14.15
N ALA A 382 -29.20 -15.39 -15.45
CA ALA A 382 -30.51 -15.86 -15.85
C ALA A 382 -30.76 -17.30 -15.41
N LYS A 383 -29.79 -18.18 -15.64
CA LYS A 383 -29.98 -19.59 -15.26
C LYS A 383 -29.98 -19.78 -13.75
N TRP A 384 -29.16 -19.01 -13.02
CA TRP A 384 -29.14 -19.10 -11.57
C TRP A 384 -30.46 -18.68 -10.95
N ASP A 385 -30.99 -17.54 -11.39
CA ASP A 385 -32.28 -17.13 -10.84
C ASP A 385 -33.43 -17.96 -11.38
N ARG A 386 -33.22 -18.67 -12.48
CA ARG A 386 -34.21 -19.65 -12.90
C ARG A 386 -34.30 -20.82 -11.94
N LEU A 387 -33.19 -21.18 -11.29
CA LEU A 387 -33.13 -22.39 -10.47
C LEU A 387 -32.83 -22.16 -9.00
N ILE A 388 -33.18 -20.99 -8.44
CA ILE A 388 -33.13 -20.82 -6.98
C ILE A 388 -34.00 -21.81 -6.21
N PRO A 389 -35.29 -22.10 -6.58
CA PRO A 389 -36.10 -22.93 -5.68
C PRO A 389 -35.65 -24.38 -5.54
N ARG A 390 -35.06 -24.95 -6.58
CA ARG A 390 -34.55 -26.31 -6.46
C ARG A 390 -33.38 -26.37 -5.49
N PHE A 391 -32.60 -25.29 -5.42
CA PHE A 391 -31.52 -25.21 -4.45
C PHE A 391 -32.06 -25.20 -3.01
N CYS A 392 -33.11 -24.42 -2.76
CA CYS A 392 -33.70 -24.39 -1.42
C CYS A 392 -34.37 -25.72 -1.08
N PHE A 393 -34.96 -26.37 -2.09
CA PHE A 393 -35.53 -27.70 -1.91
C PHE A 393 -34.46 -28.72 -1.50
N ASN A 394 -33.31 -28.68 -2.15
CA ASN A 394 -32.22 -29.59 -1.79
C ASN A 394 -31.67 -29.26 -0.41
N PHE A 395 -31.60 -27.97 -0.08
CA PHE A 395 -31.16 -27.53 1.24
C PHE A 395 -32.08 -28.06 2.34
N LEU A 396 -33.39 -27.94 2.11
CA LEU A 396 -34.36 -28.38 3.11
C LEU A 396 -34.34 -29.90 3.26
N CYS A 397 -34.25 -30.63 2.15
CA CYS A 397 -34.19 -32.09 2.22
C CYS A 397 -32.94 -32.56 2.95
N TYR A 398 -31.80 -31.90 2.72
CA TYR A 398 -30.59 -32.28 3.42
C TYR A 398 -30.67 -31.95 4.91
N LEU A 399 -31.28 -30.81 5.25
CA LEU A 399 -31.46 -30.44 6.65
C LEU A 399 -32.37 -31.43 7.38
N VAL A 400 -33.43 -31.87 6.70
CA VAL A 400 -34.32 -32.89 7.25
C VAL A 400 -33.59 -34.21 7.44
N TYR A 401 -32.72 -34.57 6.49
CA TYR A 401 -31.92 -35.78 6.61
C TYR A 401 -30.99 -35.73 7.82
N MET A 402 -30.33 -34.60 8.04
CA MET A 402 -29.42 -34.52 9.18
C MET A 402 -30.16 -34.43 10.50
N LEU A 403 -31.36 -33.83 10.52
CA LEU A 403 -32.17 -33.85 11.73
C LEU A 403 -32.63 -35.26 12.08
N ILE A 404 -33.10 -36.01 11.08
CA ILE A 404 -33.56 -37.38 11.31
C ILE A 404 -32.40 -38.26 11.74
N PHE A 405 -31.20 -38.01 11.19
CA PHE A 405 -30.02 -38.74 11.62
C PHE A 405 -29.63 -38.37 13.04
N THR A 406 -29.76 -37.09 13.39
CA THR A 406 -29.51 -36.66 14.76
C THR A 406 -30.46 -37.35 15.74
N ALA A 407 -31.71 -37.56 15.32
CA ALA A 407 -32.67 -38.25 16.19
C ALA A 407 -32.36 -39.75 16.28
N VAL A 408 -32.19 -40.43 15.13
CA VAL A 408 -32.05 -41.88 15.10
C VAL A 408 -30.69 -42.33 15.64
N ALA A 409 -29.69 -41.46 15.68
CA ALA A 409 -28.41 -41.85 16.22
C ALA A 409 -28.01 -41.12 17.49
N TYR A 410 -28.76 -40.09 17.91
CA TYR A 410 -28.39 -39.36 19.12
C TYR A 410 -28.62 -40.23 20.36
N HIS A 411 -29.82 -40.77 20.50
CA HIS A 411 -30.16 -41.63 21.64
C HIS A 411 -31.12 -42.71 21.17
N GLN A 412 -30.67 -43.96 21.28
CA GLN A 412 -31.45 -45.10 20.82
C GLN A 412 -31.01 -46.36 21.57
N ALA A 427 -42.86 -48.31 20.69
CA ALA A 427 -42.54 -47.82 19.36
C ALA A 427 -41.23 -47.07 19.39
N GLY A 428 -40.53 -47.11 20.53
CA GLY A 428 -39.24 -46.45 20.63
C GLY A 428 -38.17 -47.16 19.82
N ASN A 429 -38.00 -48.47 20.06
CA ASN A 429 -37.03 -49.24 19.32
C ASN A 429 -37.43 -49.46 17.87
N SER A 430 -38.71 -49.40 17.53
CA SER A 430 -39.11 -49.51 16.13
C SER A 430 -38.91 -48.20 15.36
N MET A 431 -39.12 -47.05 16.03
CA MET A 431 -38.71 -45.79 15.44
C MET A 431 -37.21 -45.71 15.24
N LEU A 432 -36.44 -46.20 16.22
CA LEU A 432 -34.98 -46.25 16.06
C LEU A 432 -34.56 -47.21 14.95
N LEU A 433 -35.30 -48.32 14.78
CA LEU A 433 -34.99 -49.28 13.73
C LEU A 433 -35.28 -48.71 12.35
N LEU A 434 -36.48 -48.17 12.15
CA LEU A 434 -36.84 -47.56 10.87
C LEU A 434 -35.97 -46.34 10.58
N GLY A 435 -35.61 -45.58 11.61
CA GLY A 435 -34.65 -44.50 11.50
C GLY A 435 -33.30 -44.94 10.98
N HIS A 436 -32.69 -45.94 11.61
CA HIS A 436 -31.39 -46.44 11.16
C HIS A 436 -31.47 -47.02 9.74
N ILE A 437 -32.58 -47.69 9.41
CA ILE A 437 -32.75 -48.25 8.07
C ILE A 437 -32.83 -47.13 7.04
N LEU A 438 -33.60 -46.08 7.34
CA LEU A 438 -33.71 -44.93 6.44
C LEU A 438 -32.38 -44.19 6.33
N ILE A 439 -31.58 -44.17 7.40
CA ILE A 439 -30.28 -43.52 7.37
C ILE A 439 -29.34 -44.24 6.43
N LEU A 440 -29.31 -45.58 6.54
CA LEU A 440 -28.53 -46.37 5.59
C LEU A 440 -29.02 -46.18 4.16
N LEU A 441 -30.35 -46.10 3.98
CA LEU A 441 -30.92 -45.91 2.64
C LEU A 441 -30.51 -44.56 2.03
N GLY A 442 -30.59 -43.48 2.83
CA GLY A 442 -30.21 -42.17 2.34
C GLY A 442 -28.72 -42.05 2.06
N GLY A 443 -27.89 -42.65 2.92
CA GLY A 443 -26.46 -42.68 2.67
C GLY A 443 -26.10 -43.41 1.40
N VAL A 444 -26.76 -44.55 1.16
CA VAL A 444 -26.55 -45.29 -0.09
C VAL A 444 -27.03 -44.47 -1.29
N TYR A 445 -28.12 -43.71 -1.15
CA TYR A 445 -28.66 -42.93 -2.26
C TYR A 445 -27.71 -41.80 -2.66
N LEU A 446 -27.25 -41.02 -1.69
CA LEU A 446 -26.37 -39.91 -2.02
C LEU A 446 -24.98 -40.41 -2.41
N LEU A 447 -24.55 -41.54 -1.85
CA LEU A 447 -23.32 -42.20 -2.28
C LEU A 447 -23.41 -42.62 -3.73
N LEU A 448 -24.55 -43.19 -4.13
CA LEU A 448 -24.73 -43.66 -5.50
C LEU A 448 -24.76 -42.49 -6.47
N GLY A 449 -25.43 -41.39 -6.09
CA GLY A 449 -25.41 -40.20 -6.93
C GLY A 449 -24.03 -39.61 -7.10
N GLN A 450 -23.25 -39.56 -6.01
CA GLN A 450 -21.91 -39.00 -6.09
C GLN A 450 -20.97 -39.89 -6.89
N LEU A 451 -21.13 -41.21 -6.75
CA LEU A 451 -20.32 -42.10 -7.55
C LEU A 451 -20.72 -42.09 -9.02
N TRP A 452 -22.00 -41.84 -9.33
CA TRP A 452 -22.39 -41.63 -10.72
C TRP A 452 -21.81 -40.34 -11.28
N TYR A 453 -21.68 -39.32 -10.42
CA TYR A 453 -20.95 -38.11 -10.81
C TYR A 453 -19.51 -38.41 -11.17
N PHE A 454 -18.79 -39.12 -10.29
CA PHE A 454 -17.38 -39.36 -10.53
C PHE A 454 -17.14 -40.34 -11.69
N TRP A 455 -17.94 -41.40 -11.79
CA TRP A 455 -17.83 -42.32 -12.91
C TRP A 455 -18.28 -41.67 -14.20
N ARG A 456 -19.14 -40.65 -14.10
CA ARG A 456 -19.62 -39.92 -15.28
C ARG A 456 -18.48 -39.19 -15.97
N ARG A 457 -17.55 -38.63 -15.20
CA ARG A 457 -16.42 -37.93 -15.78
C ARG A 457 -15.14 -38.37 -15.10
N ARG A 458 -14.31 -39.15 -15.82
CA ARG A 458 -12.99 -39.51 -15.31
C ARG A 458 -12.02 -38.35 -15.44
N LEU A 459 -12.19 -37.52 -16.48
CA LEU A 459 -11.33 -36.36 -16.66
C LEU A 459 -11.56 -35.33 -15.56
N PHE A 460 -12.80 -35.23 -15.07
CA PHE A 460 -13.07 -34.33 -13.95
C PHE A 460 -12.37 -34.81 -12.68
N ILE A 461 -12.19 -36.12 -12.54
CA ILE A 461 -11.60 -36.70 -11.33
C ILE A 461 -10.16 -36.23 -11.13
N TRP A 462 -9.45 -35.95 -12.21
CA TRP A 462 -8.09 -35.45 -12.14
C TRP A 462 -7.95 -33.97 -12.41
N ILE A 463 -8.85 -33.39 -13.21
CA ILE A 463 -8.79 -31.94 -13.44
C ILE A 463 -9.27 -31.18 -12.20
N SER A 464 -10.41 -31.59 -11.62
CA SER A 464 -11.01 -30.91 -10.48
C SER A 464 -10.28 -31.16 -9.17
N PHE A 465 -9.16 -31.91 -9.21
CA PHE A 465 -8.37 -32.27 -8.03
C PHE A 465 -7.96 -31.08 -7.17
N MET A 466 -7.82 -29.91 -7.79
CA MET A 466 -7.61 -28.69 -7.01
C MET A 466 -8.82 -28.37 -6.15
N ASP A 467 -10.02 -28.50 -6.69
CA ASP A 467 -11.25 -28.13 -5.99
C ASP A 467 -12.11 -29.32 -5.60
N SER A 468 -11.58 -30.54 -5.69
CA SER A 468 -12.37 -31.75 -5.43
C SER A 468 -12.72 -31.96 -3.96
N TYR A 469 -12.17 -31.13 -3.07
CA TYR A 469 -12.36 -31.27 -1.63
C TYR A 469 -13.84 -31.23 -1.24
N SER A 470 -14.58 -30.30 -1.85
CA SER A 470 -16.02 -30.19 -1.64
C SER A 470 -16.73 -31.45 -2.11
N GLU A 471 -16.29 -32.03 -3.22
CA GLU A 471 -16.83 -33.31 -3.65
C GLU A 471 -16.46 -34.43 -2.68
N ILE A 472 -15.19 -34.46 -2.26
CA ILE A 472 -14.62 -35.62 -1.54
C ILE A 472 -15.27 -35.78 -0.17
N LEU A 473 -15.59 -34.67 0.48
CA LEU A 473 -16.14 -34.73 1.83
C LEU A 473 -17.51 -35.41 1.88
N PHE A 474 -18.34 -35.22 0.86
CA PHE A 474 -19.60 -35.95 0.80
C PHE A 474 -19.38 -37.44 0.67
N LEU A 475 -18.34 -37.84 -0.08
CA LEU A 475 -18.02 -39.24 -0.27
C LEU A 475 -17.59 -39.88 1.04
N LEU A 476 -16.72 -39.20 1.78
CA LEU A 476 -16.25 -39.72 3.08
C LEU A 476 -17.38 -39.77 4.10
N GLN A 477 -18.26 -38.76 4.08
CA GLN A 477 -19.44 -38.76 4.94
C GLN A 477 -20.34 -39.95 4.68
N ALA A 478 -20.68 -40.18 3.40
CA ALA A 478 -21.55 -41.30 3.04
C ALA A 478 -20.91 -42.63 3.37
N LEU A 479 -19.59 -42.76 3.16
CA LEU A 479 -18.92 -44.02 3.38
C LEU A 479 -18.85 -44.36 4.86
N LEU A 480 -18.55 -43.37 5.71
CA LEU A 480 -18.54 -43.60 7.15
C LEU A 480 -19.93 -43.90 7.67
N THR A 481 -20.96 -43.23 7.13
CA THR A 481 -22.34 -43.56 7.51
C THR A 481 -22.70 -44.98 7.14
N VAL A 482 -22.27 -45.43 5.96
CA VAL A 482 -22.58 -46.78 5.50
C VAL A 482 -21.90 -47.83 6.38
N LEU A 483 -20.60 -47.65 6.67
CA LEU A 483 -19.91 -48.60 7.54
C LEU A 483 -20.45 -48.58 8.95
N SER A 484 -20.86 -47.39 9.43
CA SER A 484 -21.41 -47.27 10.77
C SER A 484 -22.74 -48.00 10.91
N GLN A 485 -23.57 -47.95 9.88
CA GLN A 485 -24.84 -48.67 9.99
C GLN A 485 -24.66 -50.17 9.75
N VAL A 486 -23.69 -50.55 8.91
CA VAL A 486 -23.39 -51.98 8.73
C VAL A 486 -22.91 -52.60 10.03
N LEU A 487 -22.03 -51.90 10.74
CA LEU A 487 -21.62 -52.36 12.06
C LEU A 487 -22.59 -51.96 13.17
N CYS A 488 -23.66 -51.25 12.84
CA CYS A 488 -24.77 -51.13 13.78
C CYS A 488 -25.62 -52.40 13.72
N PHE A 489 -25.76 -52.98 12.54
CA PHE A 489 -26.43 -54.27 12.41
C PHE A 489 -25.51 -55.40 12.85
N LEU A 490 -24.22 -55.30 12.54
CA LEU A 490 -23.27 -56.36 12.90
C LEU A 490 -22.66 -56.07 14.27
N ALA A 491 -22.74 -57.06 15.16
CA ALA A 491 -22.46 -57.00 16.60
C ALA A 491 -21.22 -56.22 17.07
N ILE A 492 -20.13 -56.21 16.26
CA ILE A 492 -18.84 -55.64 16.67
C ILE A 492 -18.97 -54.17 17.08
N GLU A 493 -18.31 -53.81 18.17
CA GLU A 493 -18.54 -52.54 18.84
C GLU A 493 -17.57 -51.45 18.39
N TRP A 494 -16.88 -51.65 17.26
CA TRP A 494 -15.97 -50.63 16.75
C TRP A 494 -16.69 -49.43 16.13
N TYR A 495 -18.01 -49.55 15.89
CA TYR A 495 -18.74 -48.51 15.18
C TYR A 495 -19.04 -47.29 16.03
N LEU A 496 -18.94 -47.40 17.35
CA LEU A 496 -19.25 -46.27 18.23
C LEU A 496 -18.42 -45.02 17.97
N PRO A 497 -17.10 -45.07 17.64
CA PRO A 497 -16.46 -43.85 17.14
C PRO A 497 -16.86 -43.43 15.73
N LEU A 498 -17.01 -44.40 14.82
CA LEU A 498 -17.23 -44.06 13.41
C LEU A 498 -18.57 -43.39 13.15
N LEU A 499 -19.60 -43.79 13.89
CA LEU A 499 -20.94 -43.21 13.72
C LEU A 499 -20.93 -41.72 14.06
N VAL A 500 -20.37 -41.38 15.21
CA VAL A 500 -20.33 -39.99 15.63
C VAL A 500 -19.32 -39.21 14.79
N SER A 501 -18.30 -39.89 14.24
CA SER A 501 -17.41 -39.26 13.27
C SER A 501 -18.14 -38.88 11.99
N SER A 502 -19.07 -39.73 11.55
CA SER A 502 -19.88 -39.38 10.37
C SER A 502 -20.87 -38.28 10.70
N LEU A 503 -21.40 -38.28 11.92
CA LEU A 503 -22.32 -37.23 12.39
C LEU A 503 -21.68 -35.84 12.35
N ALA A 504 -20.50 -35.73 12.99
CA ALA A 504 -19.73 -34.49 12.95
C ALA A 504 -19.43 -34.05 11.53
N MET A 505 -19.06 -35.01 10.67
CA MET A 505 -18.73 -34.70 9.28
C MET A 505 -19.95 -34.21 8.49
N GLY A 506 -21.11 -34.83 8.71
CA GLY A 506 -22.31 -34.38 8.02
C GLY A 506 -22.74 -32.98 8.41
N TRP A 507 -22.75 -32.70 9.72
CA TRP A 507 -23.14 -31.36 10.15
C TRP A 507 -22.09 -30.32 9.76
N THR A 508 -20.82 -30.70 9.66
CA THR A 508 -19.88 -29.70 9.17
C THR A 508 -19.94 -29.58 7.64
N ASN A 509 -20.39 -30.62 6.93
CA ASN A 509 -20.60 -30.52 5.49
C ASN A 509 -21.87 -29.77 5.12
N LEU A 510 -22.73 -29.48 6.10
CA LEU A 510 -23.85 -28.56 5.86
C LEU A 510 -23.38 -27.20 5.37
N LEU A 511 -22.17 -26.76 5.76
CA LEU A 511 -21.58 -25.49 5.32
C LEU A 511 -21.32 -25.41 3.81
N TYR A 512 -21.43 -26.52 3.08
CA TYR A 512 -21.40 -26.50 1.61
C TYR A 512 -22.46 -25.58 1.03
N TYR A 513 -23.68 -25.65 1.54
CA TYR A 513 -24.77 -24.90 0.98
C TYR A 513 -24.74 -23.43 1.32
N THR A 514 -23.72 -22.97 2.04
CA THR A 514 -23.52 -21.55 2.29
C THR A 514 -23.19 -20.76 1.03
N ARG A 515 -22.84 -21.43 -0.07
CA ARG A 515 -22.44 -20.75 -1.31
C ARG A 515 -23.59 -19.97 -1.94
N GLY A 516 -24.84 -20.34 -1.63
CA GLY A 516 -25.98 -19.61 -2.18
C GLY A 516 -26.05 -18.18 -1.71
N PHE A 517 -25.87 -17.95 -0.41
CA PHE A 517 -25.74 -16.59 0.09
C PHE A 517 -24.34 -16.08 -0.16
N GLN A 518 -24.22 -14.76 -0.27
CA GLN A 518 -22.96 -14.16 -0.72
C GLN A 518 -21.87 -14.25 0.34
N HIS A 519 -22.13 -13.70 1.53
CA HIS A 519 -21.11 -13.55 2.55
C HIS A 519 -20.68 -14.90 3.12
N THR A 520 -21.67 -15.77 3.37
CA THR A 520 -21.37 -17.11 3.88
C THR A 520 -20.60 -17.93 2.85
N GLY A 521 -20.94 -17.78 1.56
CA GLY A 521 -20.23 -18.50 0.52
C GLY A 521 -18.79 -18.07 0.39
N ILE A 522 -18.54 -16.75 0.34
CA ILE A 522 -17.16 -16.29 0.22
C ILE A 522 -16.37 -16.59 1.50
N TYR A 523 -17.06 -16.62 2.65
CA TYR A 523 -16.40 -16.99 3.90
C TYR A 523 -15.96 -18.44 3.90
N SER A 524 -16.84 -19.33 3.43
CA SER A 524 -16.49 -20.75 3.37
C SER A 524 -15.42 -21.01 2.32
N VAL A 525 -15.43 -20.23 1.23
CA VAL A 525 -14.39 -20.34 0.21
C VAL A 525 -13.04 -19.93 0.77
N MET A 526 -13.01 -18.84 1.55
CA MET A 526 -11.77 -18.42 2.21
C MET A 526 -11.32 -19.45 3.24
N ILE A 527 -12.27 -20.06 3.94
CA ILE A 527 -11.94 -21.07 4.95
C ILE A 527 -11.31 -22.30 4.30
N GLU A 528 -11.89 -22.75 3.19
CA GLU A 528 -11.34 -23.91 2.48
C GLU A 528 -9.98 -23.59 1.86
N LYS A 529 -9.82 -22.36 1.35
CA LYS A 529 -8.53 -21.95 0.79
C LYS A 529 -7.44 -21.92 1.85
N VAL A 530 -7.73 -21.33 3.01
CA VAL A 530 -6.74 -21.24 4.07
C VAL A 530 -6.46 -22.60 4.68
N ILE A 531 -7.47 -23.47 4.72
CA ILE A 531 -7.27 -24.85 5.20
C ILE A 531 -6.32 -25.60 4.25
N LEU A 532 -6.56 -25.49 2.95
CA LEU A 532 -5.67 -26.09 1.97
C LEU A 532 -4.27 -25.46 2.00
N ARG A 533 -4.18 -24.21 2.42
CA ARG A 533 -2.88 -23.56 2.53
C ARG A 533 -2.07 -24.09 3.70
N ASP A 534 -2.68 -24.20 4.89
CA ASP A 534 -1.89 -24.35 6.11
C ASP A 534 -2.05 -25.68 6.83
N LEU A 535 -3.16 -26.41 6.61
CA LEU A 535 -3.58 -27.47 7.52
C LEU A 535 -2.64 -28.65 7.52
N LEU A 536 -2.25 -29.14 6.33
CA LEU A 536 -1.42 -30.33 6.21
C LEU A 536 -0.03 -30.10 6.80
N ARG A 537 0.56 -28.94 6.49
CA ARG A 537 1.88 -28.59 7.02
C ARG A 537 1.87 -28.46 8.54
N PHE A 538 0.92 -27.70 9.08
CA PHE A 538 0.87 -27.51 10.53
C PHE A 538 0.54 -28.80 11.26
N LEU A 539 -0.28 -29.65 10.63
CA LEU A 539 -0.60 -30.95 11.22
C LEU A 539 0.62 -31.86 11.25
N LEU A 540 1.47 -31.80 10.21
CA LEU A 540 2.68 -32.62 10.21
C LEU A 540 3.67 -32.16 11.27
N VAL A 541 3.80 -30.83 11.44
CA VAL A 541 4.63 -30.26 12.51
C VAL A 541 4.15 -30.72 13.88
N TYR A 542 2.85 -30.59 14.12
CA TYR A 542 2.29 -30.88 15.42
C TYR A 542 2.34 -32.38 15.71
N LEU A 543 2.17 -33.21 14.67
CA LEU A 543 2.28 -34.66 14.83
C LEU A 543 3.71 -35.08 15.16
N VAL A 544 4.70 -34.45 14.51
CA VAL A 544 6.10 -34.77 14.80
C VAL A 544 6.45 -34.43 16.24
N PHE A 545 6.09 -33.23 16.68
CA PHE A 545 6.37 -32.83 18.06
C PHE A 545 5.55 -33.64 19.07
N LEU A 546 4.35 -34.06 18.67
CA LEU A 546 3.50 -34.84 19.56
C LEU A 546 4.05 -36.24 19.78
N PHE A 547 4.52 -36.90 18.72
CA PHE A 547 5.17 -38.20 18.90
C PHE A 547 6.47 -38.08 19.68
N GLY A 548 7.20 -36.96 19.51
CA GLY A 548 8.38 -36.72 20.32
C GLY A 548 8.07 -36.62 21.80
N PHE A 549 7.10 -35.76 22.16
CA PHE A 549 6.69 -35.59 23.55
C PHE A 549 6.07 -36.86 24.13
N ALA A 550 5.40 -37.65 23.29
CA ALA A 550 4.76 -38.88 23.73
C ALA A 550 5.78 -39.95 24.08
N VAL A 551 6.77 -40.16 23.20
CA VAL A 551 7.83 -41.13 23.49
C VAL A 551 8.68 -40.67 24.67
N ALA A 552 8.82 -39.35 24.83
CA ALA A 552 9.49 -38.79 26.00
C ALA A 552 8.74 -39.10 27.30
N LEU A 553 7.41 -38.93 27.30
CA LEU A 553 6.63 -39.23 28.50
C LEU A 553 6.57 -40.72 28.77
N VAL A 554 6.64 -41.55 27.73
CA VAL A 554 6.66 -43.00 27.92
C VAL A 554 7.99 -43.43 28.53
N SER A 555 9.10 -42.81 28.12
CA SER A 555 10.37 -43.01 28.81
C SER A 555 10.31 -42.48 30.24
N LEU A 556 9.55 -41.40 30.46
CA LEU A 556 9.47 -40.78 31.78
C LEU A 556 8.61 -41.60 32.75
N SER A 557 7.66 -42.37 32.23
CA SER A 557 6.78 -43.18 33.08
C SER A 557 7.11 -44.67 32.93
N ARG A 589 3.26 -47.41 30.46
CA ARG A 589 2.52 -46.80 29.37
C ARG A 589 3.41 -46.55 28.16
N SER A 590 3.11 -47.24 27.05
CA SER A 590 3.87 -47.10 25.82
C SER A 590 3.56 -45.78 25.13
N ILE A 591 4.13 -45.60 23.94
CA ILE A 591 4.03 -44.33 23.21
C ILE A 591 2.60 -44.05 22.77
N LEU A 592 1.79 -45.09 22.56
CA LEU A 592 0.39 -44.87 22.21
C LEU A 592 -0.40 -44.38 23.42
N ASP A 593 -0.23 -45.04 24.57
CA ASP A 593 -0.93 -44.62 25.78
C ASP A 593 -0.42 -43.26 26.27
N ALA A 594 0.89 -43.03 26.17
CA ALA A 594 1.45 -41.74 26.52
C ALA A 594 0.98 -40.65 25.55
N SER A 595 0.76 -41.02 24.28
CA SER A 595 0.26 -40.06 23.30
C SER A 595 -1.17 -39.66 23.61
N LEU A 596 -2.03 -40.64 23.94
CA LEU A 596 -3.39 -40.32 24.33
C LEU A 596 -3.43 -39.50 25.63
N GLU A 597 -2.57 -39.85 26.59
CA GLU A 597 -2.52 -39.11 27.86
C GLU A 597 -2.01 -37.69 27.66
N LEU A 598 -0.98 -37.50 26.83
CA LEU A 598 -0.46 -36.16 26.58
C LEU A 598 -1.45 -35.32 25.79
N PHE A 599 -2.16 -35.93 24.83
CA PHE A 599 -3.15 -35.20 24.04
C PHE A 599 -4.33 -34.77 24.90
N LYS A 600 -4.78 -35.63 25.82
CA LYS A 600 -5.83 -35.19 26.73
C LYS A 600 -5.29 -34.32 27.85
N PHE A 601 -3.97 -34.29 28.06
CA PHE A 601 -3.39 -33.38 29.05
C PHE A 601 -3.33 -31.95 28.52
N THR A 602 -2.86 -31.76 27.28
CA THR A 602 -2.77 -30.42 26.71
C THR A 602 -4.15 -29.85 26.44
N ILE A 603 -5.14 -30.71 26.18
CA ILE A 603 -6.51 -30.25 26.00
C ILE A 603 -7.14 -29.87 27.33
N GLY A 604 -6.55 -30.31 28.45
CA GLY A 604 -7.08 -29.99 29.76
C GLY A 604 -8.12 -30.94 30.30
N MET A 605 -8.43 -32.03 29.58
CA MET A 605 -9.45 -32.97 30.03
C MET A 605 -8.98 -33.75 31.26
N GLY A 606 -7.91 -34.52 31.11
CA GLY A 606 -7.38 -35.32 32.21
C GLY A 606 -8.18 -36.58 32.48
N ARG A 615 12.15 -32.07 42.46
CA ARG A 615 12.83 -32.75 41.37
C ARG A 615 11.87 -33.14 40.25
N PHE A 616 10.92 -34.01 40.59
CA PHE A 616 9.91 -34.46 39.63
C PHE A 616 9.05 -33.31 39.15
N ARG A 617 8.63 -32.44 40.07
CA ARG A 617 7.86 -31.26 39.70
C ARG A 617 8.66 -30.33 38.81
N GLY A 618 9.97 -30.25 39.03
CA GLY A 618 10.82 -29.46 38.15
C GLY A 618 10.86 -29.98 36.73
N VAL A 619 10.98 -31.30 36.57
CA VAL A 619 11.04 -31.91 35.25
C VAL A 619 9.68 -31.77 34.53
N VAL A 620 8.59 -32.01 35.26
CA VAL A 620 7.25 -31.88 34.66
C VAL A 620 6.97 -30.44 34.26
N LEU A 621 7.35 -29.48 35.11
CA LEU A 621 7.11 -28.08 34.76
C LEU A 621 8.04 -27.62 33.65
N LEU A 622 9.26 -28.17 33.57
CA LEU A 622 10.15 -27.85 32.46
C LEU A 622 9.59 -28.35 31.13
N LEU A 623 8.97 -29.54 31.14
CA LEU A 623 8.25 -30.03 29.97
C LEU A 623 7.07 -29.13 29.62
N LEU A 624 6.34 -28.67 30.65
CA LEU A 624 5.21 -27.76 30.45
C LEU A 624 5.65 -26.42 29.88
N LEU A 625 6.74 -25.85 30.41
CA LEU A 625 7.31 -24.60 29.91
C LEU A 625 7.74 -24.73 28.46
N ALA A 626 8.45 -25.82 28.14
CA ALA A 626 8.94 -26.03 26.78
C ALA A 626 7.78 -26.20 25.81
N TYR A 627 6.78 -27.01 26.18
CA TYR A 627 5.65 -27.25 25.31
C TYR A 627 4.79 -26.01 25.12
N VAL A 628 4.54 -25.25 26.20
CA VAL A 628 3.66 -24.09 26.12
C VAL A 628 4.30 -22.99 25.28
N LEU A 629 5.59 -22.71 25.50
CA LEU A 629 6.24 -21.66 24.71
C LEU A 629 6.45 -22.10 23.26
N LEU A 630 6.73 -23.40 23.03
CA LEU A 630 6.85 -23.89 21.67
C LEU A 630 5.51 -23.85 20.94
N THR A 631 4.42 -24.16 21.65
CA THR A 631 3.08 -24.06 21.08
C THR A 631 2.73 -22.61 20.77
N TYR A 632 3.19 -21.68 21.61
CA TYR A 632 3.04 -20.26 21.30
C TYR A 632 3.83 -19.86 20.06
N VAL A 633 5.04 -20.42 19.91
CA VAL A 633 5.86 -20.16 18.73
C VAL A 633 5.16 -20.64 17.46
N LEU A 634 4.61 -21.86 17.50
CA LEU A 634 3.92 -22.40 16.34
C LEU A 634 2.61 -21.67 16.06
N LEU A 635 1.89 -21.23 17.12
CA LEU A 635 0.65 -20.49 16.93
C LEU A 635 0.90 -19.11 16.34
N LEU A 636 1.95 -18.42 16.83
CA LEU A 636 2.36 -17.16 16.24
C LEU A 636 2.82 -17.33 14.79
N ASN A 637 3.52 -18.44 14.51
CA ASN A 637 3.99 -18.72 13.15
C ASN A 637 2.82 -18.93 12.20
N MET A 638 1.82 -19.70 12.61
CA MET A 638 0.65 -19.92 11.77
C MET A 638 -0.15 -18.63 11.62
N LEU A 639 -0.17 -17.82 12.68
CA LEU A 639 -0.81 -16.51 12.63
C LEU A 639 -0.16 -15.60 11.59
N ILE A 640 1.17 -15.45 11.65
CA ILE A 640 1.83 -14.55 10.73
C ILE A 640 1.89 -15.13 9.32
N ALA A 641 1.85 -16.46 9.19
CA ALA A 641 1.80 -17.07 7.87
C ALA A 641 0.45 -16.83 7.20
N LEU A 642 -0.64 -16.97 7.97
CA LEU A 642 -1.97 -16.64 7.45
C LEU A 642 -2.10 -15.15 7.14
N MET A 643 -1.47 -14.30 7.97
CA MET A 643 -1.48 -12.87 7.72
C MET A 643 -0.73 -12.51 6.44
N SER A 644 0.45 -13.10 6.24
CA SER A 644 1.26 -12.80 5.08
C SER A 644 0.62 -13.36 3.81
N GLU A 645 -0.02 -14.52 3.91
CA GLU A 645 -0.76 -15.08 2.78
C GLU A 645 -1.95 -14.21 2.43
N THR A 646 -2.69 -13.74 3.43
CA THR A 646 -3.86 -12.89 3.19
C THR A 646 -3.46 -11.54 2.61
N VAL A 647 -2.33 -10.99 3.07
CA VAL A 647 -1.84 -9.71 2.57
C VAL A 647 -1.31 -9.90 1.16
N ASN A 648 -0.82 -11.09 0.88
CA ASN A 648 -0.35 -11.43 -0.46
C ASN A 648 -1.50 -11.90 -1.34
N SER A 649 -2.65 -12.19 -0.72
CA SER A 649 -3.77 -12.72 -1.47
C SER A 649 -4.40 -11.65 -2.36
N VAL A 650 -4.90 -12.09 -3.49
CA VAL A 650 -5.75 -11.24 -4.31
C VAL A 650 -7.14 -11.24 -3.70
N ALA A 651 -7.75 -10.05 -3.60
CA ALA A 651 -9.02 -9.91 -2.93
C ALA A 651 -10.15 -9.48 -3.84
N THR A 652 -9.86 -9.20 -5.11
CA THR A 652 -10.93 -8.82 -6.04
C THR A 652 -11.64 -10.04 -6.60
N ASP A 653 -10.91 -11.11 -6.87
CA ASP A 653 -11.38 -12.21 -7.68
C ASP A 653 -12.29 -13.17 -6.92
N SER A 654 -12.58 -12.88 -5.66
CA SER A 654 -13.49 -13.73 -4.89
C SER A 654 -14.90 -13.69 -5.46
N TRP A 655 -15.29 -12.55 -6.03
CA TRP A 655 -16.57 -12.49 -6.73
C TRP A 655 -16.57 -13.37 -7.96
N SER A 656 -15.44 -13.41 -8.67
CA SER A 656 -15.30 -14.31 -9.81
C SER A 656 -15.34 -15.76 -9.36
N ILE A 657 -14.72 -16.05 -8.22
CA ILE A 657 -14.75 -17.41 -7.68
C ILE A 657 -16.17 -17.80 -7.31
N TRP A 658 -16.94 -16.86 -6.76
CA TRP A 658 -18.33 -17.14 -6.39
C TRP A 658 -19.17 -17.40 -7.63
N LYS A 659 -18.93 -16.60 -8.68
CA LYS A 659 -19.61 -16.83 -9.97
C LYS A 659 -19.23 -18.19 -10.54
N LEU A 660 -17.98 -18.60 -10.36
CA LEU A 660 -17.52 -19.89 -10.84
C LEU A 660 -18.21 -21.02 -10.09
N GLN A 661 -18.33 -20.88 -8.77
CA GLN A 661 -18.99 -21.90 -7.96
C GLN A 661 -20.46 -22.01 -8.32
N LYS A 662 -21.11 -20.87 -8.57
CA LYS A 662 -22.50 -20.89 -9.02
C LYS A 662 -22.62 -21.55 -10.38
N ALA A 663 -21.62 -21.35 -11.24
CA ALA A 663 -21.61 -21.99 -12.56
C ALA A 663 -21.48 -23.51 -12.43
N ILE A 664 -20.59 -23.96 -11.55
CA ILE A 664 -20.45 -25.39 -11.25
C ILE A 664 -21.78 -25.95 -10.77
N SER A 665 -22.42 -25.23 -9.85
CA SER A 665 -23.64 -25.72 -9.25
C SER A 665 -24.79 -25.75 -10.26
N VAL A 666 -24.87 -24.75 -11.13
CA VAL A 666 -25.98 -24.72 -12.07
C VAL A 666 -25.80 -25.81 -13.14
N LEU A 667 -24.55 -26.12 -13.50
CA LEU A 667 -24.34 -27.22 -14.43
C LEU A 667 -24.68 -28.56 -13.79
N GLU A 668 -24.31 -28.74 -12.53
CA GLU A 668 -24.64 -29.98 -11.85
C GLU A 668 -26.15 -30.14 -11.66
N MET A 669 -26.85 -29.07 -11.32
CA MET A 669 -28.29 -29.19 -11.11
C MET A 669 -29.03 -29.36 -12.41
N GLU A 670 -28.50 -28.82 -13.51
CA GLU A 670 -29.09 -29.11 -14.82
C GLU A 670 -28.82 -30.53 -15.25
N ASN A 671 -27.74 -31.14 -14.78
CA ASN A 671 -27.54 -32.57 -15.05
C ASN A 671 -28.62 -33.42 -14.40
N GLY A 672 -29.12 -33.00 -13.23
CA GLY A 672 -30.20 -33.70 -12.58
C GLY A 672 -29.76 -34.76 -11.58
N TYR A 673 -30.76 -35.42 -11.01
CA TYR A 673 -30.58 -36.43 -9.98
C TYR A 673 -30.29 -37.78 -10.64
N TRP A 674 -30.47 -38.88 -9.89
CA TRP A 674 -30.51 -40.22 -10.49
C TRP A 674 -31.57 -40.30 -11.59
N TRP A 675 -32.74 -39.73 -11.34
CA TRP A 675 -33.66 -39.43 -12.43
C TRP A 675 -33.10 -38.26 -13.23
N CYS A 676 -33.10 -38.40 -14.56
CA CYS A 676 -32.50 -37.40 -15.43
C CYS A 676 -33.33 -36.11 -15.48
N ARG A 677 -32.63 -34.99 -15.66
CA ARG A 677 -33.25 -33.70 -15.90
C ARG A 677 -33.47 -33.44 -17.38
N ARG A 678 -33.87 -34.46 -18.14
CA ARG A 678 -33.92 -34.42 -19.59
C ARG A 678 -34.95 -33.44 -20.14
N LYS A 679 -34.94 -33.28 -21.46
CA LYS A 679 -35.70 -32.28 -22.20
C LYS A 679 -35.39 -30.87 -21.74
N LYS A 680 -34.12 -30.62 -21.38
CA LYS A 680 -33.69 -29.30 -20.91
C LYS A 680 -33.87 -28.25 -21.98
N GLN A 681 -34.36 -27.08 -21.56
CA GLN A 681 -34.74 -26.06 -22.52
C GLN A 681 -33.51 -25.38 -23.11
N ARG A 682 -33.48 -25.29 -24.45
CA ARG A 682 -32.51 -24.44 -25.12
C ARG A 682 -32.69 -23.01 -24.68
N ALA A 683 -31.58 -22.36 -24.35
CA ALA A 683 -31.66 -20.96 -23.96
C ALA A 683 -31.88 -20.09 -25.19
N GLY A 684 -32.22 -18.83 -24.93
CA GLY A 684 -32.35 -17.85 -25.96
C GLY A 684 -33.47 -18.06 -26.96
N VAL A 685 -33.47 -17.20 -27.97
CA VAL A 685 -34.58 -17.08 -28.90
C VAL A 685 -34.02 -17.08 -30.31
N MET A 686 -34.76 -17.71 -31.22
CA MET A 686 -34.35 -17.79 -32.60
C MET A 686 -34.79 -16.52 -33.32
N LEU A 687 -33.92 -16.00 -34.17
CA LEU A 687 -34.14 -14.74 -34.85
C LEU A 687 -33.60 -14.86 -36.25
N THR A 688 -33.73 -13.80 -37.01
CA THR A 688 -33.07 -13.66 -38.31
C THR A 688 -32.08 -12.51 -38.22
N VAL A 689 -30.79 -12.82 -38.34
CA VAL A 689 -29.79 -11.78 -38.28
C VAL A 689 -29.67 -11.09 -39.62
N GLY A 690 -29.95 -11.79 -40.71
CA GLY A 690 -29.82 -11.19 -42.03
C GLY A 690 -29.71 -12.27 -43.08
N THR A 691 -29.08 -11.91 -44.19
CA THR A 691 -28.71 -12.87 -45.22
C THR A 691 -27.21 -12.86 -45.38
N ARG A 692 -26.66 -14.03 -45.70
CA ARG A 692 -25.24 -14.21 -45.92
C ARG A 692 -24.80 -13.57 -47.24
N PRO A 693 -23.52 -13.67 -47.59
CA PRO A 693 -23.18 -13.60 -49.03
C PRO A 693 -23.91 -14.64 -49.86
N ASP A 694 -24.14 -15.83 -49.30
CA ASP A 694 -25.15 -16.71 -49.85
C ASP A 694 -26.52 -16.05 -49.76
N GLY A 695 -27.33 -16.27 -50.80
CA GLY A 695 -28.63 -15.63 -50.86
C GLY A 695 -29.61 -16.08 -49.80
N SER A 696 -29.42 -17.31 -49.29
CA SER A 696 -30.23 -17.82 -48.20
C SER A 696 -30.00 -16.98 -46.94
N PRO A 697 -31.02 -16.86 -46.08
CA PRO A 697 -30.89 -15.97 -44.92
C PRO A 697 -30.15 -16.63 -43.76
N ASP A 698 -29.69 -15.78 -42.86
CA ASP A 698 -29.07 -16.22 -41.62
C ASP A 698 -30.14 -16.30 -40.56
N GLU A 699 -30.16 -17.41 -39.82
CA GLU A 699 -31.06 -17.57 -38.70
C GLU A 699 -30.28 -18.15 -37.55
N ARG A 700 -30.31 -17.47 -36.42
CA ARG A 700 -29.46 -17.84 -35.30
C ARG A 700 -30.25 -17.72 -34.01
N TRP A 701 -29.76 -18.38 -32.98
CA TRP A 701 -30.29 -18.21 -31.65
C TRP A 701 -29.58 -17.05 -30.99
N CYS A 702 -30.27 -16.40 -30.04
CA CYS A 702 -29.76 -15.12 -29.59
C CYS A 702 -30.14 -14.85 -28.15
N PHE A 703 -29.38 -13.96 -27.52
CA PHE A 703 -29.54 -13.60 -26.12
C PHE A 703 -29.31 -12.10 -25.98
N ARG A 704 -30.02 -11.48 -25.04
CA ARG A 704 -29.99 -10.03 -24.92
C ARG A 704 -29.17 -9.59 -23.73
N VAL A 705 -28.78 -8.32 -23.73
CA VAL A 705 -28.06 -7.72 -22.62
C VAL A 705 -28.28 -6.22 -22.64
N GLY A 706 -28.22 -5.60 -21.47
CA GLY A 706 -28.36 -4.16 -21.36
C GLY A 706 -27.06 -3.50 -20.95
N GLU A 707 -26.89 -2.25 -21.38
CA GLU A 707 -25.71 -1.46 -21.04
C GLU A 707 -26.09 0.00 -20.87
N MET A 708 -25.33 0.71 -20.04
CA MET A 708 -25.51 2.14 -19.82
C MET A 708 -24.17 2.84 -20.04
N ASN A 709 -24.11 3.72 -21.03
CA ASN A 709 -22.86 4.37 -21.37
C ASN A 709 -23.10 5.84 -21.66
N TRP A 710 -22.32 6.70 -21.02
CA TRP A 710 -22.53 8.15 -21.09
C TRP A 710 -21.57 8.85 -22.04
N ALA A 711 -20.70 8.11 -22.70
CA ALA A 711 -19.86 8.69 -23.74
C ALA A 711 -20.56 8.69 -25.10
N THR A 712 -21.86 8.40 -25.11
CA THR A 712 -22.56 8.16 -26.37
C THR A 712 -22.71 9.42 -27.21
N TRP A 713 -22.60 10.60 -26.61
CA TRP A 713 -22.64 11.81 -27.42
C TRP A 713 -21.31 12.04 -28.11
N GLU A 714 -20.23 11.48 -27.56
CA GLU A 714 -18.93 11.54 -28.22
C GLU A 714 -18.86 10.60 -29.41
N GLN A 715 -19.49 9.43 -29.32
CA GLN A 715 -19.42 8.42 -30.36
C GLN A 715 -20.82 7.97 -30.72
N THR A 716 -21.22 8.22 -31.97
CA THR A 716 -22.61 8.08 -32.39
C THR A 716 -23.04 6.61 -32.45
N LEU A 717 -24.35 6.43 -32.61
CA LEU A 717 -25.00 5.14 -32.44
C LEU A 717 -24.70 4.19 -33.60
N PRO A 718 -24.73 2.89 -33.34
CA PRO A 718 -24.58 1.90 -34.42
C PRO A 718 -25.93 1.46 -34.99
N ARG A 719 -25.85 0.62 -36.01
CA ARG A 719 -27.04 0.15 -36.69
C ARG A 719 -27.81 -0.85 -35.84
N THR A 720 -29.13 -0.72 -35.86
CA THR A 720 -30.01 -1.54 -35.03
C THR A 720 -31.19 -2.03 -35.86
N LEU A 721 -31.45 -3.34 -35.83
CA LEU A 721 -32.53 -3.88 -36.65
C LEU A 721 -33.89 -3.57 -36.03
N CYS A 722 -34.02 -3.74 -34.71
CA CYS A 722 -35.30 -3.51 -34.07
C CYS A 722 -35.51 -2.02 -33.87
N GLU A 723 -36.64 -1.52 -34.36
CA GLU A 723 -36.92 -0.10 -34.33
C GLU A 723 -37.26 0.35 -32.92
N GLU A 724 -38.31 -0.20 -32.36
CA GLU A 724 -38.77 0.21 -31.06
C GLU A 724 -38.34 -0.79 -30.01
N PRO A 725 -38.23 -0.37 -28.75
CA PRO A 725 -37.99 -1.34 -27.68
C PRO A 725 -39.13 -2.34 -27.56
N SER A 726 -38.82 -3.62 -27.77
CA SER A 726 -39.83 -4.66 -27.84
C SER A 726 -39.60 -5.65 -26.72
N GLY A 727 -40.61 -5.80 -25.86
CA GLY A 727 -40.59 -6.65 -24.66
C GLY A 727 -39.39 -6.43 -23.75
N ASP B 74 62.35 34.22 1.69
CA ASP B 74 61.79 33.70 2.92
C ASP B 74 60.55 32.89 2.59
N ARG B 75 60.22 31.94 3.47
CA ARG B 75 59.18 30.96 3.15
C ARG B 75 57.79 31.58 3.09
N ASP B 76 57.50 32.54 3.97
CA ASP B 76 56.23 33.23 3.91
C ASP B 76 56.15 34.10 2.66
N ARG B 77 57.25 34.80 2.38
CA ARG B 77 57.40 35.54 1.12
C ARG B 77 57.23 34.63 -0.09
N LEU B 78 57.80 33.43 -0.01
CA LEU B 78 57.76 32.49 -1.12
C LEU B 78 56.34 31.98 -1.35
N PHE B 79 55.62 31.69 -0.26
CA PHE B 79 54.25 31.24 -0.38
C PHE B 79 53.35 32.34 -0.92
N ASN B 80 53.61 33.59 -0.54
CA ASN B 80 52.86 34.70 -1.12
C ASN B 80 53.19 34.89 -2.60
N VAL B 81 54.43 34.56 -2.99
CA VAL B 81 54.79 34.60 -4.41
C VAL B 81 54.00 33.56 -5.19
N VAL B 82 53.98 32.31 -4.70
CA VAL B 82 53.36 31.25 -5.48
C VAL B 82 51.84 31.37 -5.47
N ALA B 83 51.25 31.79 -4.35
CA ALA B 83 49.82 32.07 -4.34
C ALA B 83 49.49 33.27 -5.20
N ARG B 84 50.39 34.25 -5.26
CA ARG B 84 50.23 35.35 -6.19
C ARG B 84 50.44 34.89 -7.63
N GLY B 85 51.36 33.94 -7.84
CA GLY B 85 51.68 33.49 -9.18
C GLY B 85 52.39 34.53 -10.02
N ASN B 86 53.17 35.42 -9.41
CA ASN B 86 53.87 36.44 -10.16
C ASN B 86 55.28 35.95 -10.44
N PRO B 87 55.67 35.77 -11.70
CA PRO B 87 57.01 35.25 -12.01
C PRO B 87 58.14 36.21 -11.70
N GLU B 88 57.95 37.49 -12.03
CA GLU B 88 58.99 38.49 -11.79
C GLU B 88 59.15 38.78 -10.30
N ASP B 89 58.11 38.56 -9.51
CA ASP B 89 58.26 38.62 -8.06
C ASP B 89 59.16 37.49 -7.56
N LEU B 90 59.16 36.36 -8.27
CA LEU B 90 60.06 35.26 -7.94
C LEU B 90 61.44 35.45 -8.55
N ALA B 91 61.62 36.44 -9.43
CA ALA B 91 62.91 36.66 -10.05
C ALA B 91 63.93 37.10 -9.02
N GLY B 92 65.17 36.63 -9.18
CA GLY B 92 66.21 36.88 -8.21
C GLY B 92 66.27 35.87 -7.09
N LEU B 93 65.21 35.08 -6.88
CA LEU B 93 65.26 34.04 -5.87
C LEU B 93 66.22 32.93 -6.27
N LEU B 94 66.45 32.73 -7.56
CA LEU B 94 67.42 31.73 -8.00
C LEU B 94 68.83 32.13 -7.59
N GLU B 95 69.18 33.39 -7.76
CA GLU B 95 70.46 33.88 -7.26
C GLU B 95 70.49 33.85 -5.73
N TYR B 96 69.34 34.07 -5.10
CA TYR B 96 69.24 33.96 -3.64
C TYR B 96 69.53 32.54 -3.18
N LEU B 97 69.14 31.54 -3.98
CA LEU B 97 69.43 30.16 -3.64
C LEU B 97 70.87 29.81 -3.96
N ARG B 98 71.41 30.40 -5.03
CA ARG B 98 72.82 30.20 -5.37
C ARG B 98 73.71 30.75 -4.28
N ARG B 99 73.36 31.91 -3.72
CA ARG B 99 74.13 32.44 -2.60
C ARG B 99 73.86 31.67 -1.32
N THR B 100 72.62 31.22 -1.12
CA THR B 100 72.24 30.59 0.14
C THR B 100 72.85 29.20 0.25
N SER B 101 73.02 28.50 -0.89
CA SER B 101 73.60 27.15 -0.97
C SER B 101 72.82 26.15 -0.13
N LYS B 102 71.50 26.22 -0.21
CA LYS B 102 70.60 25.25 0.39
C LYS B 102 69.68 24.72 -0.70
N TYR B 103 68.71 23.89 -0.31
CA TYR B 103 67.84 23.21 -1.25
C TYR B 103 66.38 23.47 -0.94
N LEU B 104 65.55 23.40 -1.98
CA LEU B 104 64.12 23.61 -1.81
C LEU B 104 63.45 22.47 -1.08
N THR B 105 64.10 21.31 -0.99
CA THR B 105 63.57 20.20 -0.23
C THR B 105 63.97 20.24 1.24
N ASP B 106 64.73 21.25 1.65
CA ASP B 106 65.15 21.36 3.04
C ASP B 106 63.96 21.73 3.92
N SER B 107 63.99 21.23 5.16
CA SER B 107 62.85 21.32 6.07
C SER B 107 62.50 22.75 6.47
N GLU B 108 63.44 23.69 6.31
CA GLU B 108 63.16 25.09 6.63
C GLU B 108 62.06 25.67 5.76
N TYR B 109 61.99 25.24 4.50
CA TYR B 109 61.00 25.73 3.57
C TYR B 109 59.80 24.80 3.47
N THR B 110 59.61 23.95 4.49
CA THR B 110 58.49 23.04 4.58
C THR B 110 57.75 23.34 5.86
N GLU B 111 56.45 23.08 5.85
CA GLU B 111 55.74 23.09 7.11
C GLU B 111 56.11 21.84 7.92
N GLY B 112 56.04 21.97 9.25
CA GLY B 112 56.57 20.92 10.10
C GLY B 112 55.67 19.70 10.13
N SER B 113 54.46 19.86 10.66
CA SER B 113 53.50 18.76 10.70
C SER B 113 52.86 18.65 9.34
N THR B 114 52.82 17.41 8.81
CA THR B 114 52.32 17.06 7.48
C THR B 114 53.10 17.85 6.42
N GLY B 115 54.36 17.47 6.27
CA GLY B 115 55.30 18.29 5.53
C GLY B 115 55.03 18.39 4.06
N LYS B 116 54.35 19.45 3.66
CA LYS B 116 54.13 19.75 2.26
C LYS B 116 55.11 20.81 1.82
N THR B 117 55.09 21.13 0.54
CA THR B 117 56.08 22.00 -0.02
C THR B 117 55.44 23.25 -0.62
N CYS B 118 56.31 24.11 -1.14
CA CYS B 118 55.85 25.26 -1.89
C CYS B 118 55.18 24.84 -3.18
N LEU B 119 55.63 23.73 -3.76
CA LEU B 119 55.07 23.27 -5.02
C LEU B 119 53.62 22.84 -4.85
N MET B 120 53.32 22.10 -3.79
CA MET B 120 51.95 21.68 -3.55
C MET B 120 51.05 22.87 -3.25
N LYS B 121 51.58 23.87 -2.55
CA LYS B 121 50.83 25.11 -2.34
C LYS B 121 50.62 25.85 -3.64
N ALA B 122 51.57 25.74 -4.56
CA ALA B 122 51.42 26.36 -5.87
C ALA B 122 50.32 25.68 -6.66
N VAL B 123 50.32 24.35 -6.64
CA VAL B 123 49.36 23.57 -7.40
C VAL B 123 47.97 23.73 -6.81
N LEU B 124 47.87 23.93 -5.51
CA LEU B 124 46.56 24.26 -4.91
C LEU B 124 46.03 25.61 -5.36
N ASN B 125 46.90 26.52 -5.78
CA ASN B 125 46.50 27.89 -6.07
C ASN B 125 46.70 28.14 -7.55
N LEU B 126 45.62 27.95 -8.31
CA LEU B 126 45.67 28.04 -9.76
C LEU B 126 44.81 29.21 -10.20
N GLN B 127 45.37 30.04 -11.07
CA GLN B 127 44.67 31.22 -11.59
C GLN B 127 44.05 30.82 -12.92
N ASP B 128 42.75 30.50 -12.89
CA ASP B 128 41.93 30.18 -14.06
C ASP B 128 42.48 28.98 -14.81
N GLY B 129 42.92 27.97 -14.07
CA GLY B 129 43.36 26.73 -14.65
C GLY B 129 44.85 26.61 -14.80
N VAL B 130 45.61 27.69 -14.63
CA VAL B 130 47.05 27.67 -14.83
C VAL B 130 47.73 28.43 -13.70
N ASN B 131 49.05 28.36 -13.71
CA ASN B 131 49.90 29.06 -12.76
C ASN B 131 51.25 29.23 -13.44
N ALA B 132 51.76 30.45 -13.41
CA ALA B 132 52.91 30.79 -14.22
C ALA B 132 54.24 30.41 -13.61
N CYS B 133 54.29 30.25 -12.29
CA CYS B 133 55.57 30.09 -11.62
C CYS B 133 56.14 28.68 -11.69
N ILE B 134 55.43 27.74 -12.32
CA ILE B 134 55.73 26.34 -12.12
C ILE B 134 56.93 25.91 -12.94
N GLN B 135 56.90 26.17 -14.24
CA GLN B 135 58.06 25.89 -15.08
C GLN B 135 59.31 26.69 -14.70
N PRO B 136 59.26 28.01 -14.38
CA PRO B 136 60.47 28.64 -13.83
C PRO B 136 60.91 28.07 -12.50
N LEU B 137 59.96 27.62 -11.68
CA LEU B 137 60.32 27.02 -10.39
C LEU B 137 61.02 25.69 -10.58
N LEU B 138 60.53 24.87 -11.52
CA LEU B 138 61.17 23.60 -11.80
C LEU B 138 62.53 23.81 -12.45
N GLU B 139 62.64 24.85 -13.28
CA GLU B 139 63.94 25.21 -13.85
C GLU B 139 64.90 25.68 -12.77
N ILE B 140 64.37 26.37 -11.76
CA ILE B 140 65.19 26.83 -10.66
C ILE B 140 65.70 25.66 -9.85
N ASP B 141 64.86 24.66 -9.64
CA ASP B 141 65.29 23.48 -8.89
C ASP B 141 66.26 22.63 -9.71
N ARG B 142 66.05 22.57 -11.02
CA ARG B 142 66.97 21.84 -11.89
C ARG B 142 68.34 22.49 -11.92
N ASP B 143 68.37 23.82 -12.06
CA ASP B 143 69.63 24.55 -11.97
C ASP B 143 70.23 24.54 -10.58
N SER B 144 69.43 24.24 -9.55
CA SER B 144 69.94 24.18 -8.19
C SER B 144 70.78 22.95 -7.91
N GLY B 145 70.77 21.98 -8.81
CA GLY B 145 71.50 20.75 -8.57
C GLY B 145 70.89 19.89 -7.49
N ASN B 146 69.58 19.98 -7.31
CA ASN B 146 68.84 19.19 -6.34
C ASN B 146 68.90 17.72 -6.73
N PRO B 147 69.49 16.87 -5.89
CA PRO B 147 69.60 15.44 -6.21
C PRO B 147 68.25 14.74 -6.27
N GLN B 148 67.43 14.91 -5.25
CA GLN B 148 66.03 14.51 -5.35
C GLN B 148 65.29 15.69 -5.94
N PRO B 149 64.65 15.54 -7.08
CA PRO B 149 63.91 16.66 -7.67
C PRO B 149 62.71 17.05 -6.83
N LEU B 150 62.18 18.22 -7.15
CA LEU B 150 61.07 18.78 -6.40
C LEU B 150 59.80 17.97 -6.62
N VAL B 151 59.61 17.48 -7.85
CA VAL B 151 58.32 16.94 -8.26
C VAL B 151 58.03 15.64 -7.54
N ASN B 152 59.01 14.76 -7.44
CA ASN B 152 58.75 13.44 -6.89
C ASN B 152 58.70 13.43 -5.37
N ALA B 153 58.87 14.57 -4.70
CA ALA B 153 58.82 14.62 -3.25
C ALA B 153 57.41 14.36 -2.75
N GLN B 154 57.30 13.69 -1.62
CA GLN B 154 56.01 13.26 -1.09
C GLN B 154 55.81 13.80 0.33
N CYS B 155 54.58 13.70 0.80
CA CYS B 155 54.25 14.13 2.15
C CYS B 155 54.67 13.07 3.16
N THR B 156 54.40 13.35 4.44
CA THR B 156 55.05 12.66 5.56
C THR B 156 54.06 12.05 6.53
N ASP B 157 52.90 12.69 6.67
CA ASP B 157 51.98 12.42 7.78
C ASP B 157 51.35 11.04 7.64
N GLU B 158 51.05 10.44 8.79
CA GLU B 158 50.26 9.21 8.80
C GLU B 158 48.84 9.45 8.33
N TYR B 159 48.34 10.67 8.45
CA TYR B 159 47.04 11.02 7.88
C TYR B 159 47.10 11.10 6.36
N TYR B 160 48.28 11.34 5.81
CA TYR B 160 48.34 11.99 4.51
C TYR B 160 49.47 11.49 3.61
N ARG B 161 50.13 10.37 3.93
CA ARG B 161 51.44 10.03 3.37
C ARG B 161 51.42 9.85 1.86
N GLY B 162 52.52 10.22 1.22
CA GLY B 162 52.75 9.88 -0.16
C GLY B 162 52.06 10.74 -1.19
N HIS B 163 51.11 11.58 -0.76
CA HIS B 163 50.36 12.47 -1.63
C HIS B 163 51.30 13.35 -2.43
N SER B 164 50.96 13.64 -3.67
CA SER B 164 51.92 14.32 -4.52
C SER B 164 51.31 15.57 -5.10
N ALA B 165 52.12 16.27 -5.89
CA ALA B 165 51.59 17.35 -6.69
C ALA B 165 50.65 16.80 -7.75
N LEU B 166 50.99 15.62 -8.27
CA LEU B 166 50.28 15.09 -9.43
C LEU B 166 48.88 14.67 -9.07
N HIS B 167 48.71 14.08 -7.89
CA HIS B 167 47.39 13.77 -7.35
C HIS B 167 46.52 15.00 -7.27
N ILE B 168 47.11 16.12 -6.86
CA ILE B 168 46.35 17.36 -6.74
C ILE B 168 45.95 17.85 -8.11
N ALA B 169 46.91 17.86 -9.03
CA ALA B 169 46.66 18.33 -10.39
C ALA B 169 45.59 17.51 -11.07
N ILE B 170 45.56 16.20 -10.81
CA ILE B 170 44.48 15.38 -11.32
C ILE B 170 43.18 15.75 -10.65
N GLU B 171 43.22 16.04 -9.35
CA GLU B 171 41.99 16.37 -8.65
C GLU B 171 41.50 17.75 -9.05
N LYS B 172 42.40 18.67 -9.32
CA LYS B 172 42.00 19.99 -9.77
C LYS B 172 41.73 20.06 -11.25
N ARG B 173 41.81 18.92 -11.95
CA ARG B 173 41.27 18.74 -13.30
C ARG B 173 41.98 19.62 -14.33
N SER B 174 43.31 19.52 -14.37
CA SER B 174 44.11 20.31 -15.30
C SER B 174 45.01 19.38 -16.10
N LEU B 175 44.68 19.21 -17.38
CA LEU B 175 45.52 18.39 -18.25
C LEU B 175 46.88 19.03 -18.48
N GLN B 176 46.93 20.36 -18.46
CA GLN B 176 48.15 21.08 -18.80
C GLN B 176 49.20 20.91 -17.74
N CYS B 177 48.80 21.06 -16.47
CA CYS B 177 49.71 20.85 -15.36
C CYS B 177 50.22 19.41 -15.31
N VAL B 178 49.35 18.45 -15.63
CA VAL B 178 49.75 17.05 -15.67
C VAL B 178 50.80 16.84 -16.75
N LYS B 179 50.56 17.42 -17.93
CA LYS B 179 51.52 17.35 -19.02
C LYS B 179 52.84 17.99 -18.62
N LEU B 180 52.79 19.07 -17.86
CA LEU B 180 54.00 19.75 -17.41
C LEU B 180 54.78 18.88 -16.44
N LEU B 181 54.08 18.29 -15.47
CA LEU B 181 54.75 17.45 -14.48
C LEU B 181 55.36 16.22 -15.10
N VAL B 182 54.65 15.60 -16.03
CA VAL B 182 55.19 14.44 -16.73
C VAL B 182 56.36 14.86 -17.61
N GLU B 183 56.27 16.03 -18.24
CA GLU B 183 57.38 16.56 -19.01
C GLU B 183 58.56 16.96 -18.14
N ASN B 184 58.37 17.06 -16.83
CA ASN B 184 59.47 17.37 -15.94
C ASN B 184 59.77 16.21 -15.00
N GLY B 185 59.42 15.00 -15.41
CA GLY B 185 59.90 13.84 -14.68
C GLY B 185 59.17 13.53 -13.40
N ALA B 186 57.85 13.68 -13.38
CA ALA B 186 57.07 13.25 -12.24
C ALA B 186 57.04 11.73 -12.14
N ASN B 187 56.70 11.25 -10.96
CA ASN B 187 56.45 9.82 -10.79
C ASN B 187 54.99 9.56 -11.12
N VAL B 188 54.74 8.36 -11.64
CA VAL B 188 53.40 7.91 -11.93
C VAL B 188 53.00 6.75 -11.04
N HIS B 189 53.98 6.01 -10.51
CA HIS B 189 53.67 4.91 -9.62
C HIS B 189 53.59 5.35 -8.16
N ALA B 190 53.89 6.61 -7.87
CA ALA B 190 53.82 7.11 -6.51
C ALA B 190 52.40 7.04 -5.96
N LYS B 191 52.24 6.41 -4.80
CA LYS B 191 50.92 6.09 -4.28
C LYS B 191 50.79 6.52 -2.82
N ALA B 192 49.56 6.89 -2.45
CA ALA B 192 49.28 7.55 -1.18
C ALA B 192 48.62 6.59 -0.21
N CYS B 193 49.32 6.26 0.87
CA CYS B 193 48.88 5.22 1.80
C CYS B 193 48.46 5.77 3.16
N GLY B 194 47.96 7.00 3.21
CA GLY B 194 47.59 7.58 4.47
C GLY B 194 46.24 7.12 4.97
N HIS B 195 45.91 7.55 6.20
CA HIS B 195 44.63 7.19 6.81
C HIS B 195 43.46 7.81 6.08
N PHE B 196 43.66 8.97 5.47
CA PHE B 196 42.60 9.57 4.68
C PHE B 196 42.32 8.75 3.43
N PHE B 197 43.31 8.03 2.95
CA PHE B 197 43.13 7.24 1.75
C PHE B 197 42.85 5.78 2.12
N GLN B 198 41.82 5.58 2.94
CA GLN B 198 41.40 4.25 3.37
C GLN B 198 39.89 4.22 3.46
N LYS B 199 39.34 3.03 3.22
CA LYS B 199 37.90 2.92 3.02
C LYS B 199 37.13 2.88 4.32
N ASN B 200 37.77 2.45 5.41
CA ASN B 200 37.05 2.14 6.63
C ASN B 200 36.69 3.38 7.45
N GLN B 201 37.38 4.49 7.24
CA GLN B 201 37.25 5.64 8.12
C GLN B 201 35.95 6.38 7.85
N ASP B 202 35.80 7.53 8.51
CA ASP B 202 34.75 8.49 8.20
C ASP B 202 35.34 9.76 7.60
N THR B 203 34.54 10.40 6.75
CA THR B 203 34.90 11.60 5.98
C THR B 203 36.23 11.41 5.26
N CYS B 204 36.30 10.33 4.48
CA CYS B 204 37.52 10.01 3.78
C CYS B 204 37.21 9.49 2.39
N PHE B 205 38.22 9.48 1.55
CA PHE B 205 38.06 9.22 0.12
C PHE B 205 38.98 8.06 -0.23
N TYR B 206 38.41 7.04 -0.86
CA TYR B 206 39.18 5.87 -1.29
C TYR B 206 39.00 5.65 -2.78
N PHE B 207 40.11 5.48 -3.48
CA PHE B 207 40.09 5.30 -4.92
C PHE B 207 41.10 4.26 -5.37
N GLY B 208 41.57 3.40 -4.50
CA GLY B 208 42.84 2.78 -4.79
C GLY B 208 43.88 3.81 -4.42
N GLU B 209 45.07 3.76 -4.99
CA GLU B 209 46.10 4.71 -4.57
C GLU B 209 46.84 5.37 -5.69
N LEU B 210 46.76 4.92 -6.87
CA LEU B 210 47.58 5.41 -7.95
C LEU B 210 46.91 6.59 -8.64
N PRO B 211 47.68 7.42 -9.36
CA PRO B 211 47.07 8.55 -10.06
C PRO B 211 46.13 8.13 -11.17
N LEU B 212 46.49 7.09 -11.92
CA LEU B 212 45.62 6.60 -12.98
C LEU B 212 44.27 6.15 -12.45
N SER B 213 44.27 5.55 -11.26
CA SER B 213 43.03 5.20 -10.59
C SER B 213 42.22 6.44 -10.26
N LEU B 214 42.90 7.51 -9.85
CA LEU B 214 42.21 8.74 -9.51
C LEU B 214 41.58 9.39 -10.73
N ALA B 215 42.28 9.34 -11.85
CA ALA B 215 41.73 9.84 -13.09
C ALA B 215 40.52 9.02 -13.50
N ALA B 216 40.59 7.71 -13.29
CA ALA B 216 39.46 6.85 -13.63
C ALA B 216 38.25 7.15 -12.77
N CYS B 217 38.44 7.23 -11.46
CA CYS B 217 37.33 7.41 -10.53
C CYS B 217 36.62 8.74 -10.69
N THR B 218 37.30 9.75 -11.20
CA THR B 218 36.72 11.07 -11.34
C THR B 218 36.36 11.40 -12.77
N LYS B 219 36.19 10.38 -13.62
CA LYS B 219 35.67 10.44 -14.99
C LYS B 219 36.39 11.48 -15.87
N GLN B 220 37.70 11.33 -15.96
CA GLN B 220 38.51 12.20 -16.81
C GLN B 220 39.16 11.30 -17.85
N TRP B 221 38.45 11.06 -18.95
CA TRP B 221 38.92 10.11 -19.94
C TRP B 221 40.18 10.59 -20.64
N ASP B 222 40.29 11.89 -20.85
CA ASP B 222 41.45 12.47 -21.52
C ASP B 222 42.74 12.25 -20.76
N VAL B 223 42.68 12.40 -19.43
CA VAL B 223 43.86 12.21 -18.60
C VAL B 223 44.30 10.75 -18.63
N VAL B 224 43.32 9.84 -18.69
CA VAL B 224 43.64 8.43 -18.77
C VAL B 224 44.31 8.11 -20.08
N ASN B 225 43.77 8.64 -21.18
CA ASN B 225 44.37 8.47 -22.49
C ASN B 225 45.77 9.04 -22.52
N TYR B 226 45.97 10.17 -21.83
CA TYR B 226 47.28 10.81 -21.79
C TYR B 226 48.29 10.00 -21.01
N LEU B 227 47.89 9.51 -19.84
CA LEU B 227 48.82 8.78 -18.99
C LEU B 227 49.16 7.42 -19.57
N LEU B 228 48.25 6.84 -20.34
CA LEU B 228 48.62 5.64 -21.06
C LEU B 228 49.50 5.96 -22.25
N GLU B 229 49.23 7.07 -22.93
CA GLU B 229 49.84 7.37 -24.21
C GLU B 229 51.00 8.34 -24.14
N ASN B 230 51.45 8.71 -22.94
CA ASN B 230 52.58 9.64 -22.83
C ASN B 230 53.88 8.96 -23.29
N PRO B 231 54.80 9.73 -23.85
CA PRO B 231 56.08 9.13 -24.26
C PRO B 231 56.98 8.78 -23.09
N HIS B 232 56.98 9.62 -22.07
CA HIS B 232 57.96 9.53 -21.00
C HIS B 232 57.72 8.37 -20.07
N GLN B 233 56.60 8.42 -19.33
CA GLN B 233 56.31 7.48 -18.25
C GLN B 233 54.97 6.82 -18.51
N PRO B 234 54.95 5.69 -19.21
CA PRO B 234 53.67 5.02 -19.48
C PRO B 234 53.12 4.40 -18.21
N ALA B 235 51.83 4.66 -17.98
CA ALA B 235 51.16 4.08 -16.83
C ALA B 235 50.94 2.60 -17.04
N SER B 236 50.80 1.88 -15.94
CA SER B 236 50.64 0.43 -16.00
C SER B 236 49.33 0.05 -15.34
N LEU B 237 48.41 -0.51 -16.13
CA LEU B 237 47.18 -1.07 -15.58
C LEU B 237 47.48 -2.26 -14.69
N GLN B 238 48.58 -2.95 -14.96
CA GLN B 238 48.98 -4.11 -14.16
C GLN B 238 49.33 -3.72 -12.74
N ALA B 239 49.74 -2.47 -12.53
CA ALA B 239 50.18 -2.03 -11.21
C ALA B 239 49.03 -2.04 -10.22
N GLN B 240 49.36 -2.26 -8.96
CA GLN B 240 48.37 -2.39 -7.92
C GLN B 240 48.93 -1.84 -6.62
N ASP B 241 48.03 -1.46 -5.72
CA ASP B 241 48.43 -0.73 -4.53
C ASP B 241 48.90 -1.70 -3.44
N SER B 242 48.92 -1.23 -2.19
CA SER B 242 49.32 -2.08 -1.08
C SER B 242 48.35 -3.22 -0.87
N LEU B 243 47.07 -2.99 -1.10
CA LEU B 243 46.10 -4.06 -0.99
C LEU B 243 46.00 -4.90 -2.25
N GLY B 244 46.84 -4.66 -3.25
CA GLY B 244 46.79 -5.42 -4.47
C GLY B 244 45.63 -5.10 -5.37
N ASN B 245 44.90 -4.03 -5.10
CA ASN B 245 43.77 -3.65 -5.93
C ASN B 245 44.26 -2.89 -7.16
N THR B 246 43.73 -3.23 -8.31
CA THR B 246 44.00 -2.49 -9.53
C THR B 246 42.85 -1.53 -9.81
N VAL B 247 42.88 -0.97 -11.02
CA VAL B 247 41.93 0.05 -11.43
C VAL B 247 40.51 -0.48 -11.40
N LEU B 248 40.35 -1.69 -11.92
CA LEU B 248 39.03 -2.31 -11.98
C LEU B 248 38.50 -2.58 -10.58
N HIS B 249 39.40 -2.97 -9.68
CA HIS B 249 39.02 -3.18 -8.30
C HIS B 249 38.54 -1.90 -7.66
N ALA B 250 39.20 -0.78 -7.96
CA ALA B 250 38.80 0.49 -7.37
C ALA B 250 37.44 0.92 -7.90
N LEU B 251 37.24 0.78 -9.21
CA LEU B 251 35.93 1.05 -9.81
C LEU B 251 34.84 0.19 -9.21
N VAL B 252 35.18 -1.04 -8.82
CA VAL B 252 34.25 -1.84 -8.06
C VAL B 252 33.97 -1.19 -6.71
N MET B 253 35.04 -0.80 -6.00
CA MET B 253 34.90 -0.33 -4.62
C MET B 253 34.09 0.95 -4.53
N ILE B 254 34.15 1.81 -5.55
CA ILE B 254 33.40 3.06 -5.47
C ILE B 254 31.94 2.92 -5.89
N ALA B 255 31.54 1.77 -6.42
CA ALA B 255 30.20 1.63 -6.96
C ALA B 255 29.15 1.63 -5.85
N ASP B 256 28.12 2.46 -6.01
CA ASP B 256 26.94 2.37 -5.19
C ASP B 256 25.70 2.19 -6.08
N ASP B 257 24.54 2.52 -5.53
CA ASP B 257 23.28 2.23 -6.21
C ASP B 257 22.79 3.37 -7.11
N SER B 258 23.41 4.55 -7.08
CA SER B 258 22.85 5.67 -7.82
C SER B 258 23.09 5.49 -9.32
N ALA B 259 22.27 6.18 -10.11
CA ALA B 259 22.22 5.92 -11.54
C ALA B 259 23.43 6.50 -12.26
N GLU B 260 23.81 7.73 -11.88
CA GLU B 260 24.93 8.39 -12.53
C GLU B 260 26.24 7.66 -12.27
N ASN B 261 26.44 7.23 -11.02
CA ASN B 261 27.58 6.39 -10.66
C ASN B 261 27.61 5.12 -11.50
N SER B 262 26.43 4.52 -11.70
CA SER B 262 26.36 3.27 -12.45
C SER B 262 26.78 3.47 -13.89
N ALA B 263 26.23 4.50 -14.55
CA ALA B 263 26.57 4.76 -15.94
C ALA B 263 28.04 5.12 -16.11
N LEU B 264 28.57 5.94 -15.19
CA LEU B 264 29.97 6.34 -15.26
C LEU B 264 30.90 5.15 -15.08
N VAL B 265 30.60 4.30 -14.09
CA VAL B 265 31.46 3.14 -13.81
C VAL B 265 31.45 2.18 -14.99
N VAL B 266 30.28 1.92 -15.57
CA VAL B 266 30.26 0.93 -16.65
C VAL B 266 30.93 1.48 -17.90
N ARG B 267 30.77 2.78 -18.19
CA ARG B 267 31.44 3.35 -19.34
C ARG B 267 32.95 3.35 -19.17
N MET B 268 33.42 3.67 -17.97
CA MET B 268 34.84 3.70 -17.69
C MET B 268 35.44 2.31 -17.76
N TYR B 269 34.73 1.33 -17.21
CA TYR B 269 35.16 -0.06 -17.19
C TYR B 269 35.32 -0.59 -18.60
N ASP B 270 34.36 -0.28 -19.46
CA ASP B 270 34.42 -0.77 -20.84
C ASP B 270 35.56 -0.13 -21.60
N GLY B 271 35.72 1.19 -21.46
CA GLY B 271 36.81 1.87 -22.12
C GLY B 271 38.17 1.36 -21.68
N LEU B 272 38.30 1.06 -20.39
CA LEU B 272 39.54 0.53 -19.85
C LEU B 272 39.84 -0.86 -20.38
N LEU B 273 38.80 -1.70 -20.53
CA LEU B 273 39.04 -3.02 -21.10
C LEU B 273 39.50 -2.92 -22.54
N GLN B 274 38.91 -2.00 -23.31
CA GLN B 274 39.33 -1.83 -24.69
C GLN B 274 40.77 -1.33 -24.77
N ALA B 275 41.13 -0.40 -23.89
CA ALA B 275 42.48 0.15 -23.92
C ALA B 275 43.50 -0.88 -23.46
N GLY B 276 43.16 -1.68 -22.46
CA GLY B 276 44.04 -2.75 -22.03
C GLY B 276 44.17 -3.83 -23.08
N ALA B 277 43.14 -4.02 -23.90
CA ALA B 277 43.26 -4.89 -25.06
C ALA B 277 44.26 -4.32 -26.04
N ARG B 278 44.20 -3.02 -26.29
CA ARG B 278 45.12 -2.39 -27.24
C ARG B 278 46.57 -2.45 -26.77
N LEU B 279 46.80 -2.35 -25.47
CA LEU B 279 48.17 -2.15 -25.02
C LEU B 279 48.83 -3.40 -24.47
N CYS B 280 48.09 -4.26 -23.79
CA CYS B 280 48.63 -5.54 -23.30
C CYS B 280 47.66 -6.65 -23.67
N PRO B 281 47.68 -7.08 -24.94
CA PRO B 281 46.69 -8.08 -25.40
C PRO B 281 46.86 -9.44 -24.74
N ASN B 282 48.08 -9.77 -24.35
CA ASN B 282 48.36 -11.10 -23.81
C ASN B 282 47.76 -11.30 -22.43
N VAL B 283 47.72 -10.26 -21.63
CA VAL B 283 47.32 -10.39 -20.24
C VAL B 283 45.80 -10.42 -20.14
N GLN B 284 45.28 -11.24 -19.25
CA GLN B 284 43.85 -11.29 -18.96
C GLN B 284 43.64 -10.45 -17.71
N LEU B 285 43.09 -9.25 -17.89
CA LEU B 285 43.06 -8.24 -16.85
C LEU B 285 42.13 -8.62 -15.71
N GLU B 286 41.07 -9.36 -16.01
CA GLU B 286 40.18 -9.82 -14.94
C GLU B 286 40.85 -10.86 -14.06
N GLY B 287 41.92 -11.49 -14.53
CA GLY B 287 42.49 -12.62 -13.83
C GLY B 287 43.23 -12.27 -12.56
N ILE B 288 43.67 -11.02 -12.42
CA ILE B 288 44.57 -10.67 -11.32
C ILE B 288 43.78 -10.59 -10.02
N PRO B 289 44.16 -11.31 -8.97
CA PRO B 289 43.50 -11.16 -7.68
C PRO B 289 44.24 -10.18 -6.79
N ASN B 290 43.57 -9.77 -5.72
CA ASN B 290 44.17 -8.92 -4.71
C ASN B 290 44.86 -9.81 -3.67
N LEU B 291 45.21 -9.24 -2.52
CA LEU B 291 45.81 -10.03 -1.44
C LEU B 291 44.83 -11.06 -0.89
N GLU B 292 43.55 -10.76 -0.90
CA GLU B 292 42.53 -11.73 -0.50
C GLU B 292 42.23 -12.76 -1.58
N GLY B 293 42.99 -12.79 -2.67
CA GLY B 293 42.75 -13.74 -3.73
C GLY B 293 41.47 -13.53 -4.49
N LEU B 294 41.02 -12.29 -4.65
CA LEU B 294 39.75 -12.01 -5.29
C LEU B 294 39.95 -11.23 -6.58
N THR B 295 39.42 -11.77 -7.66
CA THR B 295 39.36 -11.09 -8.94
C THR B 295 38.23 -10.06 -8.89
N PRO B 296 38.20 -9.08 -9.82
CA PRO B 296 37.20 -8.00 -9.71
C PRO B 296 35.77 -8.45 -9.81
N LEU B 297 35.49 -9.54 -10.50
CA LEU B 297 34.15 -10.09 -10.49
C LEU B 297 33.79 -10.57 -9.10
N LYS B 298 34.72 -11.26 -8.44
CA LYS B 298 34.46 -11.79 -7.12
C LYS B 298 34.31 -10.68 -6.10
N LEU B 299 35.18 -9.67 -6.19
CA LEU B 299 35.06 -8.51 -5.33
C LEU B 299 33.78 -7.74 -5.59
N ALA B 300 33.33 -7.72 -6.84
CA ALA B 300 32.06 -7.09 -7.17
C ALA B 300 30.91 -7.84 -6.53
N ALA B 301 31.04 -9.16 -6.48
CA ALA B 301 30.04 -9.98 -5.80
C ALA B 301 30.07 -9.74 -4.30
N LYS B 302 31.26 -9.50 -3.76
CA LYS B 302 31.45 -9.58 -2.31
C LYS B 302 30.83 -8.40 -1.59
N GLU B 303 30.97 -7.20 -2.14
CA GLU B 303 30.51 -6.01 -1.46
C GLU B 303 29.06 -5.68 -1.75
N GLY B 304 28.30 -6.62 -2.31
CA GLY B 304 26.93 -6.35 -2.68
C GLY B 304 26.79 -5.33 -3.80
N LYS B 305 27.78 -5.21 -4.66
CA LYS B 305 27.74 -4.28 -5.78
C LYS B 305 26.87 -4.91 -6.84
N ILE B 306 25.71 -4.34 -7.08
CA ILE B 306 24.69 -5.00 -7.90
C ILE B 306 24.88 -4.71 -9.38
N GLU B 307 24.92 -3.43 -9.72
CA GLU B 307 24.71 -3.01 -11.10
C GLU B 307 25.89 -3.35 -11.98
N ILE B 308 27.10 -3.13 -11.48
CA ILE B 308 28.28 -3.50 -12.23
C ILE B 308 28.37 -5.01 -12.37
N PHE B 309 27.92 -5.75 -11.36
CA PHE B 309 27.93 -7.21 -11.42
C PHE B 309 27.00 -7.72 -12.51
N LYS B 310 25.77 -7.20 -12.52
CA LYS B 310 24.80 -7.45 -13.58
C LYS B 310 25.38 -7.14 -14.96
N HIS B 311 26.04 -5.99 -15.08
CA HIS B 311 26.60 -5.64 -16.38
C HIS B 311 27.80 -6.51 -16.76
N ILE B 312 28.53 -7.02 -15.77
CA ILE B 312 29.68 -7.85 -16.11
C ILE B 312 29.22 -9.22 -16.59
N LEU B 313 28.12 -9.73 -16.04
CA LEU B 313 27.62 -11.01 -16.55
C LEU B 313 27.10 -10.90 -17.97
N GLN B 314 26.15 -10.01 -18.21
CA GLN B 314 25.46 -9.91 -19.49
C GLN B 314 26.21 -8.95 -20.42
N ARG B 315 27.44 -9.31 -20.76
CA ARG B 315 28.33 -8.34 -21.38
C ARG B 315 28.65 -8.76 -22.81
N GLU B 316 28.29 -7.91 -23.76
CA GLU B 316 28.48 -8.20 -25.18
C GLU B 316 29.14 -7.03 -25.86
N PHE B 317 30.19 -7.30 -26.64
CA PHE B 317 30.83 -6.26 -27.43
C PHE B 317 30.64 -6.54 -28.91
N SER B 318 30.13 -5.55 -29.63
CA SER B 318 30.07 -5.58 -31.08
C SER B 318 31.38 -5.16 -31.73
N ALA B 319 32.42 -4.97 -30.93
CA ALA B 319 33.70 -4.47 -31.38
C ALA B 319 34.43 -5.56 -32.16
N PRO B 320 35.57 -5.23 -32.78
CA PRO B 320 36.49 -6.31 -33.20
C PRO B 320 36.94 -7.19 -32.06
N CYS B 321 37.10 -6.62 -30.87
CA CYS B 321 37.45 -7.39 -29.67
C CYS B 321 36.20 -7.96 -29.01
N GLN B 322 35.50 -8.81 -29.76
CA GLN B 322 34.32 -9.47 -29.22
C GLN B 322 34.68 -10.55 -28.21
N SER B 323 35.95 -10.98 -28.17
CA SER B 323 36.34 -12.07 -27.29
C SER B 323 36.28 -11.70 -25.82
N LEU B 324 36.33 -10.40 -25.53
CA LEU B 324 36.21 -9.93 -24.15
C LEU B 324 34.82 -10.20 -23.59
N SER B 325 33.83 -10.28 -24.48
CA SER B 325 32.45 -10.40 -24.06
C SER B 325 32.15 -11.78 -23.50
N ARG B 326 31.03 -11.89 -22.81
CA ARG B 326 30.62 -13.17 -22.22
C ARG B 326 29.36 -13.75 -22.84
N LYS B 327 28.38 -12.93 -23.22
CA LYS B 327 27.14 -13.45 -23.76
C LYS B 327 27.26 -13.73 -25.24
N PHE B 328 26.59 -14.77 -25.71
CA PHE B 328 26.60 -15.08 -27.13
C PHE B 328 25.21 -15.57 -27.53
N THR B 329 24.92 -15.46 -28.82
CA THR B 329 23.67 -15.95 -29.37
C THR B 329 23.98 -17.15 -30.25
N GLU B 330 23.42 -18.30 -29.89
CA GLU B 330 23.81 -19.54 -30.54
C GLU B 330 23.09 -19.71 -31.85
N TRP B 331 21.77 -19.58 -31.84
CA TRP B 331 21.00 -19.38 -33.05
C TRP B 331 19.74 -18.62 -32.70
N CYS B 332 19.07 -18.14 -33.73
CA CYS B 332 17.87 -17.34 -33.57
C CYS B 332 16.94 -17.69 -34.72
N TYR B 333 15.67 -17.88 -34.39
CA TYR B 333 14.71 -18.40 -35.35
C TYR B 333 13.34 -17.91 -34.91
N GLY B 334 12.86 -16.86 -35.53
CA GLY B 334 11.60 -16.26 -35.14
C GLY B 334 11.71 -15.64 -33.77
N PRO B 335 10.66 -15.76 -32.96
CA PRO B 335 10.74 -15.23 -31.60
C PRO B 335 11.66 -16.02 -30.71
N VAL B 336 11.90 -17.30 -31.04
CA VAL B 336 12.81 -18.12 -30.25
C VAL B 336 14.24 -17.80 -30.61
N ARG B 337 15.07 -17.51 -29.60
CA ARG B 337 16.52 -17.56 -29.74
C ARG B 337 17.12 -18.20 -28.51
N VAL B 338 18.33 -18.69 -28.66
CA VAL B 338 19.06 -19.34 -27.58
C VAL B 338 20.31 -18.54 -27.29
N SER B 339 20.43 -18.10 -26.04
CA SER B 339 21.56 -17.32 -25.59
C SER B 339 22.59 -18.24 -24.98
N LEU B 340 23.86 -17.97 -25.24
CA LEU B 340 24.95 -18.59 -24.52
C LEU B 340 25.53 -17.60 -23.54
N TYR B 341 25.76 -18.03 -22.31
CA TYR B 341 26.53 -17.27 -21.34
C TYR B 341 27.79 -18.03 -21.00
N ASP B 342 28.89 -17.32 -20.79
CA ASP B 342 30.07 -17.97 -20.25
C ASP B 342 29.89 -18.15 -18.75
N LEU B 343 30.61 -19.11 -18.20
CA LEU B 343 30.31 -19.51 -16.83
C LEU B 343 31.58 -19.83 -16.06
N ALA B 344 32.73 -19.32 -16.51
CA ALA B 344 34.03 -19.76 -16.01
C ALA B 344 34.21 -19.48 -14.53
N SER B 345 33.72 -18.34 -14.06
CA SER B 345 33.85 -18.07 -12.62
C SER B 345 32.69 -18.63 -11.82
N VAL B 346 31.51 -18.78 -12.43
CA VAL B 346 30.31 -19.13 -11.67
C VAL B 346 30.23 -20.63 -11.37
N ASP B 347 31.12 -21.43 -11.95
CA ASP B 347 31.06 -22.88 -11.78
C ASP B 347 31.40 -23.27 -10.34
N SER B 348 30.52 -24.08 -9.76
CA SER B 348 30.71 -24.54 -8.38
C SER B 348 31.88 -25.50 -8.26
N TRP B 349 32.35 -26.06 -9.37
CA TRP B 349 33.51 -26.94 -9.38
C TRP B 349 34.76 -26.24 -8.86
N GLU B 350 34.99 -25.02 -9.31
CA GLU B 350 36.25 -24.36 -9.03
C GLU B 350 36.30 -23.85 -7.58
N GLU B 351 37.51 -23.77 -7.05
CA GLU B 351 37.71 -23.18 -5.73
C GLU B 351 37.43 -21.70 -5.77
N ASN B 352 36.80 -21.20 -4.70
CA ASN B 352 36.23 -19.86 -4.63
C ASN B 352 35.31 -19.58 -5.81
N SER B 353 34.24 -20.37 -5.89
CA SER B 353 33.21 -20.06 -6.87
C SER B 353 32.48 -18.79 -6.45
N VAL B 354 31.84 -18.17 -7.43
CA VAL B 354 31.04 -16.98 -7.15
C VAL B 354 29.84 -17.35 -6.30
N LEU B 355 29.30 -18.55 -6.49
CA LEU B 355 28.15 -18.99 -5.71
C LEU B 355 28.51 -19.17 -4.25
N GLU B 356 29.67 -19.78 -3.98
CA GLU B 356 30.12 -19.93 -2.60
C GLU B 356 30.37 -18.59 -1.93
N ILE B 357 30.71 -17.57 -2.72
CA ILE B 357 31.02 -16.26 -2.16
C ILE B 357 29.75 -15.44 -1.95
N ILE B 358 28.74 -15.59 -2.81
CA ILE B 358 27.44 -15.01 -2.50
C ILE B 358 26.85 -15.69 -1.28
N ALA B 359 27.03 -17.00 -1.18
CA ALA B 359 26.41 -17.79 -0.12
C ALA B 359 27.07 -17.52 1.23
N PHE B 360 28.34 -17.87 1.37
CA PHE B 360 29.00 -17.82 2.66
C PHE B 360 29.58 -16.43 2.94
N HIS B 361 30.56 -16.01 2.16
CA HIS B 361 31.42 -14.90 2.57
C HIS B 361 30.76 -13.55 2.41
N SER B 362 29.61 -13.48 1.76
CA SER B 362 28.95 -12.21 1.53
C SER B 362 28.30 -11.72 2.81
N ARG B 363 28.50 -10.45 3.10
CA ARG B 363 27.83 -9.80 4.23
C ARG B 363 26.83 -8.79 3.73
N SER B 364 26.29 -9.02 2.60
CA SER B 364 25.50 -7.95 2.02
C SER B 364 24.03 -8.12 2.37
N PRO B 365 23.31 -7.02 2.53
CA PRO B 365 21.87 -7.11 2.76
C PRO B 365 21.14 -7.48 1.48
N HIS B 366 21.69 -7.05 0.34
CA HIS B 366 21.08 -7.31 -0.95
C HIS B 366 21.61 -8.58 -1.60
N ARG B 367 22.10 -9.54 -0.81
CA ARG B 367 22.60 -10.80 -1.36
C ARG B 367 21.47 -11.60 -2.01
N HIS B 368 20.24 -11.39 -1.54
CA HIS B 368 19.07 -11.93 -2.21
C HIS B 368 18.89 -11.32 -3.59
N ARG B 369 19.21 -10.04 -3.75
CA ARG B 369 18.89 -9.34 -4.99
C ARG B 369 19.75 -9.82 -6.14
N MET B 370 20.96 -10.32 -5.85
CA MET B 370 21.87 -10.78 -6.89
C MET B 370 21.36 -12.03 -7.59
N VAL B 371 20.59 -12.86 -6.88
CA VAL B 371 20.27 -14.20 -7.35
C VAL B 371 19.30 -14.21 -8.52
N VAL B 372 18.50 -13.16 -8.67
CA VAL B 372 17.42 -13.12 -9.66
C VAL B 372 17.95 -13.10 -11.09
N LEU B 373 19.20 -12.70 -11.28
CA LEU B 373 19.80 -12.54 -12.60
C LEU B 373 19.88 -13.86 -13.36
N GLU B 374 19.74 -13.77 -14.68
CA GLU B 374 19.46 -14.88 -15.61
C GLU B 374 20.35 -16.11 -15.50
N PRO B 375 21.71 -16.03 -15.60
CA PRO B 375 22.49 -17.28 -15.54
C PRO B 375 22.42 -17.96 -14.19
N LEU B 376 22.35 -17.17 -13.12
CA LEU B 376 22.22 -17.72 -11.79
C LEU B 376 20.89 -18.46 -11.62
N ASN B 377 19.80 -17.84 -12.07
CA ASN B 377 18.48 -18.43 -11.90
C ASN B 377 18.35 -19.73 -12.68
N LYS B 378 18.78 -19.71 -13.94
CA LYS B 378 18.71 -20.92 -14.75
C LYS B 378 19.61 -22.02 -14.19
N LEU B 379 20.80 -21.66 -13.70
CA LEU B 379 21.71 -22.68 -13.21
C LEU B 379 21.21 -23.31 -11.91
N LEU B 380 20.70 -22.48 -10.99
CA LEU B 380 20.19 -23.03 -9.74
C LEU B 380 18.94 -23.85 -9.97
N GLN B 381 18.11 -23.44 -10.94
CA GLN B 381 16.92 -24.21 -11.27
C GLN B 381 17.29 -25.58 -11.80
N ALA B 382 18.28 -25.65 -12.68
CA ALA B 382 18.72 -26.92 -13.22
C ALA B 382 19.31 -27.82 -12.14
N LYS B 383 20.16 -27.25 -11.29
CA LYS B 383 20.80 -28.06 -10.25
C LYS B 383 19.78 -28.57 -9.24
N TRP B 384 18.79 -27.76 -8.90
CA TRP B 384 17.79 -28.20 -7.94
C TRP B 384 16.87 -29.28 -8.49
N ASP B 385 16.44 -29.12 -9.75
CA ASP B 385 15.60 -30.15 -10.36
C ASP B 385 16.36 -31.45 -10.55
N ARG B 386 17.67 -31.37 -10.80
CA ARG B 386 18.46 -32.59 -10.76
C ARG B 386 18.56 -33.14 -9.33
N LEU B 387 18.48 -32.28 -8.33
CA LEU B 387 18.81 -32.68 -6.97
C LEU B 387 17.67 -33.33 -6.19
N ILE B 388 16.40 -33.06 -6.58
CA ILE B 388 15.23 -33.42 -5.72
C ILE B 388 15.18 -34.85 -5.17
N PRO B 389 15.54 -35.92 -5.92
CA PRO B 389 15.52 -37.26 -5.28
C PRO B 389 16.51 -37.45 -4.14
N ARG B 390 17.71 -36.86 -4.24
CA ARG B 390 18.66 -36.91 -3.15
C ARG B 390 18.14 -36.19 -1.91
N PHE B 391 17.34 -35.15 -2.11
CA PHE B 391 16.69 -34.49 -0.99
C PHE B 391 15.67 -35.41 -0.34
N CYS B 392 14.84 -36.08 -1.15
CA CYS B 392 13.83 -36.98 -0.59
C CYS B 392 14.46 -38.18 0.09
N PHE B 393 15.66 -38.59 -0.35
CA PHE B 393 16.40 -39.70 0.23
C PHE B 393 16.76 -39.44 1.69
N ASN B 394 17.39 -38.29 1.96
CA ASN B 394 17.75 -37.98 3.33
C ASN B 394 16.55 -37.55 4.15
N PHE B 395 15.48 -37.08 3.49
CA PHE B 395 14.21 -36.86 4.18
C PHE B 395 13.71 -38.13 4.85
N LEU B 396 13.65 -39.22 4.08
CA LEU B 396 13.14 -40.48 4.63
C LEU B 396 14.14 -41.12 5.59
N CYS B 397 15.44 -40.98 5.30
CA CYS B 397 16.46 -41.53 6.21
C CYS B 397 16.39 -40.88 7.58
N TYR B 398 16.28 -39.55 7.62
CA TYR B 398 16.20 -38.84 8.90
C TYR B 398 14.88 -39.12 9.61
N LEU B 399 13.79 -39.25 8.85
CA LEU B 399 12.51 -39.64 9.46
C LEU B 399 12.57 -41.03 10.08
N VAL B 400 13.28 -41.97 9.43
CA VAL B 400 13.43 -43.32 9.97
C VAL B 400 14.31 -43.32 11.21
N TYR B 401 15.35 -42.47 11.23
CA TYR B 401 16.17 -42.32 12.43
C TYR B 401 15.34 -41.80 13.61
N MET B 402 14.52 -40.78 13.35
CA MET B 402 13.62 -40.27 14.39
C MET B 402 12.59 -41.32 14.82
N LEU B 403 12.16 -42.18 13.90
CA LEU B 403 11.27 -43.29 14.24
C LEU B 403 11.95 -44.28 15.19
N ILE B 404 13.19 -44.65 14.87
CA ILE B 404 13.94 -45.57 15.72
C ILE B 404 14.19 -44.98 17.10
N PHE B 405 14.46 -43.68 17.17
CA PHE B 405 14.72 -43.06 18.46
C PHE B 405 13.45 -42.88 19.26
N THR B 406 12.32 -42.62 18.59
CA THR B 406 11.04 -42.65 19.29
C THR B 406 10.71 -44.04 19.82
N ALA B 407 11.10 -45.08 19.08
CA ALA B 407 10.89 -46.45 19.55
C ALA B 407 11.74 -46.78 20.78
N VAL B 408 13.03 -46.39 20.76
CA VAL B 408 13.92 -46.66 21.90
C VAL B 408 13.51 -45.83 23.11
N ALA B 409 12.96 -44.63 22.88
CA ALA B 409 12.39 -43.88 23.98
C ALA B 409 11.12 -44.54 24.51
N TYR B 410 10.35 -45.18 23.62
CA TYR B 410 9.15 -45.88 24.07
C TYR B 410 9.48 -47.10 24.93
N HIS B 411 10.48 -47.89 24.52
CA HIS B 411 10.81 -49.13 25.21
C HIS B 411 11.86 -48.96 26.31
N GLN B 412 12.12 -47.76 26.80
CA GLN B 412 13.11 -47.59 27.87
C GLN B 412 12.47 -47.70 29.25
N MET B 431 14.90 -55.55 23.68
CA MET B 431 14.66 -54.95 22.36
C MET B 431 15.18 -53.52 22.32
N LEU B 432 15.15 -52.85 23.48
CA LEU B 432 15.60 -51.46 23.55
C LEU B 432 17.12 -51.34 23.51
N LEU B 433 17.85 -52.39 23.88
CA LEU B 433 19.30 -52.28 24.07
C LEU B 433 20.05 -52.08 22.75
N LEU B 434 19.78 -52.93 21.75
CA LEU B 434 20.45 -52.79 20.46
C LEU B 434 20.02 -51.51 19.75
N GLY B 435 18.74 -51.14 19.91
CA GLY B 435 18.28 -49.85 19.41
C GLY B 435 19.01 -48.68 20.03
N HIS B 436 19.28 -48.75 21.33
CA HIS B 436 20.01 -47.67 22.00
C HIS B 436 21.47 -47.62 21.53
N ILE B 437 22.06 -48.79 21.23
CA ILE B 437 23.41 -48.80 20.68
C ILE B 437 23.44 -48.15 19.29
N LEU B 438 22.40 -48.40 18.49
CA LEU B 438 22.30 -47.74 17.18
C LEU B 438 22.07 -46.24 17.32
N ILE B 439 21.32 -45.83 18.35
CA ILE B 439 21.11 -44.40 18.56
C ILE B 439 22.42 -43.71 18.98
N LEU B 440 23.24 -44.39 19.78
CA LEU B 440 24.55 -43.84 20.12
C LEU B 440 25.45 -43.73 18.88
N LEU B 441 25.38 -44.73 17.98
CA LEU B 441 26.05 -44.63 16.68
C LEU B 441 25.56 -43.43 15.87
N GLY B 442 24.24 -43.24 15.82
CA GLY B 442 23.69 -42.14 15.03
C GLY B 442 24.03 -40.78 15.60
N GLY B 443 24.09 -40.69 16.93
CA GLY B 443 24.54 -39.45 17.58
C GLY B 443 26.00 -39.16 17.29
N VAL B 444 26.84 -40.20 17.28
CA VAL B 444 28.23 -40.01 16.89
C VAL B 444 28.33 -39.61 15.42
N TYR B 445 27.41 -40.08 14.59
CA TYR B 445 27.41 -39.73 13.16
C TYR B 445 27.05 -38.27 12.95
N LEU B 446 25.97 -37.81 13.57
CA LEU B 446 25.58 -36.41 13.46
C LEU B 446 26.64 -35.49 14.10
N LEU B 447 27.28 -35.96 15.18
CA LEU B 447 28.36 -35.20 15.80
C LEU B 447 29.55 -35.06 14.85
N LEU B 448 29.94 -36.15 14.18
CA LEU B 448 31.05 -36.10 13.24
C LEU B 448 30.72 -35.23 12.03
N GLY B 449 29.47 -35.27 11.57
CA GLY B 449 29.06 -34.42 10.46
C GLY B 449 29.14 -32.94 10.77
N GLN B 450 28.53 -32.53 11.89
CA GLN B 450 28.60 -31.12 12.26
C GLN B 450 30.00 -30.70 12.68
N LEU B 451 30.79 -31.65 13.21
CA LEU B 451 32.18 -31.38 13.54
C LEU B 451 32.98 -31.11 12.29
N TRP B 452 32.79 -31.90 11.23
CA TRP B 452 33.46 -31.62 9.97
C TRP B 452 32.99 -30.31 9.37
N TYR B 453 31.72 -29.97 9.57
CA TYR B 453 31.19 -28.71 9.04
C TYR B 453 31.87 -27.51 9.69
N PHE B 454 31.80 -27.42 11.03
CA PHE B 454 32.31 -26.21 11.67
C PHE B 454 33.82 -26.24 11.91
N TRP B 455 34.43 -27.43 11.96
CA TRP B 455 35.87 -27.53 12.15
C TRP B 455 36.63 -27.05 10.92
N ARG B 456 36.05 -27.29 9.74
CA ARG B 456 36.69 -26.90 8.49
C ARG B 456 36.73 -25.39 8.32
N ARG B 457 35.63 -24.71 8.63
CA ARG B 457 35.52 -23.27 8.45
C ARG B 457 35.13 -22.61 9.76
N ARG B 458 35.99 -21.73 10.26
CA ARG B 458 35.76 -20.99 11.50
C ARG B 458 35.45 -19.51 11.26
N LEU B 459 36.30 -18.82 10.50
CA LEU B 459 36.04 -17.42 10.17
C LEU B 459 34.80 -17.30 9.28
N PHE B 460 34.59 -18.30 8.41
CA PHE B 460 33.34 -18.40 7.69
C PHE B 460 32.16 -18.68 8.62
N ILE B 461 32.39 -19.34 9.75
CA ILE B 461 31.30 -19.50 10.72
C ILE B 461 31.00 -18.18 11.42
N TRP B 462 32.04 -17.37 11.69
CA TRP B 462 31.83 -16.04 12.24
C TRP B 462 31.06 -15.15 11.28
N ILE B 463 31.36 -15.26 9.98
CA ILE B 463 30.59 -14.53 8.97
C ILE B 463 29.18 -15.10 8.84
N SER B 464 29.04 -16.42 9.00
CA SER B 464 27.80 -17.14 8.73
C SER B 464 26.78 -17.06 9.85
N PHE B 465 27.22 -16.68 11.06
CA PHE B 465 26.39 -16.70 12.27
C PHE B 465 25.06 -15.97 12.15
N MET B 466 24.98 -14.95 11.29
CA MET B 466 23.70 -14.25 11.07
C MET B 466 22.64 -15.17 10.46
N ASP B 467 23.06 -16.20 9.69
CA ASP B 467 22.08 -17.09 9.08
C ASP B 467 22.46 -18.56 9.12
N SER B 468 23.34 -18.98 10.02
CA SER B 468 23.76 -20.39 10.09
C SER B 468 22.93 -21.18 11.08
N TYR B 469 21.67 -20.78 11.25
CA TYR B 469 20.81 -21.23 12.35
C TYR B 469 20.54 -22.73 12.35
N SER B 470 20.62 -23.38 11.18
CA SER B 470 20.25 -24.79 11.11
C SER B 470 21.34 -25.71 11.63
N GLU B 471 22.58 -25.52 11.17
CA GLU B 471 23.69 -26.39 11.56
C GLU B 471 24.05 -26.26 13.02
N ILE B 472 23.76 -25.10 13.62
CA ILE B 472 23.88 -24.92 15.07
C ILE B 472 22.96 -25.89 15.81
N LEU B 473 21.68 -25.92 15.43
CA LEU B 473 20.72 -26.83 16.03
C LEU B 473 21.08 -28.29 15.76
N PHE B 474 21.68 -28.58 14.61
CA PHE B 474 22.11 -29.96 14.35
C PHE B 474 23.27 -30.37 15.26
N LEU B 475 24.27 -29.50 15.43
CA LEU B 475 25.37 -29.79 16.35
C LEU B 475 24.88 -29.87 17.79
N LEU B 476 23.88 -29.06 18.14
CA LEU B 476 23.32 -29.07 19.48
C LEU B 476 22.59 -30.37 19.77
N GLN B 477 21.78 -30.85 18.83
CA GLN B 477 21.08 -32.13 19.02
C GLN B 477 22.07 -33.28 19.07
N ALA B 478 23.13 -33.20 18.29
CA ALA B 478 24.15 -34.26 18.33
C ALA B 478 24.88 -34.29 19.67
N LEU B 479 25.22 -33.11 20.21
CA LEU B 479 25.89 -33.05 21.52
C LEU B 479 24.97 -33.52 22.64
N LEU B 480 23.68 -33.17 22.58
CA LEU B 480 22.72 -33.60 23.60
C LEU B 480 22.53 -35.12 23.57
N THR B 481 22.45 -35.70 22.36
CA THR B 481 22.33 -37.15 22.26
C THR B 481 23.59 -37.85 22.74
N VAL B 482 24.76 -37.24 22.49
CA VAL B 482 26.03 -37.82 22.97
C VAL B 482 26.06 -37.85 24.49
N LEU B 483 25.65 -36.74 25.12
CA LEU B 483 25.65 -36.66 26.58
C LEU B 483 24.64 -37.63 27.20
N SER B 484 23.44 -37.71 26.62
CA SER B 484 22.42 -38.61 27.16
C SER B 484 22.82 -40.07 27.02
N GLN B 485 23.43 -40.43 25.89
CA GLN B 485 23.86 -41.82 25.71
C GLN B 485 25.02 -42.17 26.63
N VAL B 486 25.97 -41.25 26.81
CA VAL B 486 27.11 -41.52 27.68
C VAL B 486 26.67 -41.63 29.15
N LEU B 487 25.73 -40.77 29.56
CA LEU B 487 25.27 -40.82 30.94
C LEU B 487 24.34 -42.00 31.20
N CYS B 488 23.53 -42.38 30.20
CA CYS B 488 22.73 -43.60 30.31
C CYS B 488 23.59 -44.85 30.32
N PHE B 489 24.77 -44.79 29.69
CA PHE B 489 25.75 -45.87 29.85
C PHE B 489 26.31 -45.91 31.26
N LEU B 490 26.29 -44.79 31.97
CA LEU B 490 26.65 -44.75 33.39
C LEU B 490 25.41 -44.76 34.27
N GLU B 493 22.28 -40.44 36.30
CA GLU B 493 20.96 -40.37 36.92
C GLU B 493 20.13 -39.23 36.33
N TRP B 494 20.83 -38.23 35.80
CA TRP B 494 20.21 -37.06 35.20
C TRP B 494 20.17 -37.13 33.67
N TYR B 495 20.31 -38.33 33.09
CA TYR B 495 20.36 -38.43 31.64
C TYR B 495 19.00 -38.28 30.99
N LEU B 496 17.91 -38.56 31.71
CA LEU B 496 16.59 -38.46 31.10
C LEU B 496 16.12 -37.05 30.70
N PRO B 497 16.40 -35.96 31.44
CA PRO B 497 16.09 -34.62 30.87
C PRO B 497 16.83 -34.30 29.57
N LEU B 498 18.14 -34.59 29.50
CA LEU B 498 18.87 -34.41 28.25
C LEU B 498 18.36 -35.35 27.16
N LEU B 499 17.91 -36.54 27.54
CA LEU B 499 17.38 -37.49 26.57
C LEU B 499 16.08 -36.98 25.97
N VAL B 500 15.18 -36.45 26.80
CA VAL B 500 13.90 -35.97 26.26
C VAL B 500 14.10 -34.66 25.51
N SER B 501 15.08 -33.85 25.91
CA SER B 501 15.43 -32.66 25.15
C SER B 501 15.96 -33.03 23.77
N SER B 502 16.83 -34.04 23.68
CA SER B 502 17.38 -34.43 22.39
C SER B 502 16.31 -35.05 21.51
N LEU B 503 15.37 -35.79 22.10
CA LEU B 503 14.26 -36.36 21.33
C LEU B 503 13.34 -35.30 20.77
N ALA B 504 12.93 -34.34 21.63
CA ALA B 504 12.10 -33.24 21.17
C ALA B 504 12.81 -32.39 20.12
N MET B 505 14.12 -32.18 20.28
CA MET B 505 14.82 -31.33 19.33
C MET B 505 15.11 -32.07 18.03
N GLY B 506 15.24 -33.39 18.06
CA GLY B 506 15.33 -34.14 16.82
C GLY B 506 14.04 -34.09 16.02
N TRP B 507 12.90 -34.37 16.68
CA TRP B 507 11.62 -34.30 15.96
C TRP B 507 11.23 -32.87 15.60
N THR B 508 11.83 -31.86 16.20
CA THR B 508 11.64 -30.52 15.65
C THR B 508 12.70 -30.16 14.61
N ASN B 509 13.89 -30.76 14.67
CA ASN B 509 14.90 -30.58 13.63
C ASN B 509 14.53 -31.25 12.32
N LEU B 510 13.52 -32.13 12.34
CA LEU B 510 12.93 -32.59 11.08
C LEU B 510 12.40 -31.44 10.22
N LEU B 511 12.03 -30.30 10.83
CA LEU B 511 11.53 -29.13 10.09
C LEU B 511 12.51 -28.51 9.13
N TYR B 512 13.81 -28.81 9.26
CA TYR B 512 14.81 -28.35 8.31
C TYR B 512 14.50 -28.79 6.89
N TYR B 513 13.99 -30.01 6.75
CA TYR B 513 13.69 -30.58 5.45
C TYR B 513 12.36 -30.12 4.87
N THR B 514 11.72 -29.10 5.45
CA THR B 514 10.56 -28.48 4.82
C THR B 514 10.93 -27.57 3.66
N ARG B 515 12.21 -27.26 3.47
CA ARG B 515 12.64 -26.30 2.46
C ARG B 515 12.54 -26.81 1.03
N GLY B 516 12.22 -28.09 0.82
CA GLY B 516 12.18 -28.63 -0.52
C GLY B 516 11.09 -28.01 -1.38
N PHE B 517 9.86 -28.02 -0.89
CA PHE B 517 8.75 -27.45 -1.64
C PHE B 517 8.75 -25.95 -1.45
N GLN B 518 8.04 -25.26 -2.35
CA GLN B 518 8.03 -23.80 -2.39
C GLN B 518 7.45 -23.21 -1.10
N HIS B 519 6.17 -23.45 -0.85
CA HIS B 519 5.49 -22.69 0.20
C HIS B 519 5.88 -23.14 1.59
N THR B 520 6.23 -24.42 1.76
CA THR B 520 6.73 -24.91 3.03
C THR B 520 8.09 -24.29 3.34
N GLY B 521 8.95 -24.19 2.33
CA GLY B 521 10.21 -23.50 2.49
C GLY B 521 10.03 -22.02 2.77
N ILE B 522 9.02 -21.39 2.16
CA ILE B 522 8.71 -19.99 2.42
C ILE B 522 8.32 -19.77 3.87
N TYR B 523 7.42 -20.61 4.38
CA TYR B 523 6.96 -20.48 5.76
C TYR B 523 8.08 -20.78 6.75
N SER B 524 8.88 -21.82 6.50
CA SER B 524 9.95 -22.17 7.44
C SER B 524 11.07 -21.14 7.42
N VAL B 525 11.42 -20.61 6.26
CA VAL B 525 12.49 -19.63 6.17
C VAL B 525 12.04 -18.31 6.77
N MET B 526 10.77 -17.94 6.58
CA MET B 526 10.21 -16.77 7.24
C MET B 526 10.24 -16.92 8.75
N ILE B 527 9.88 -18.10 9.26
CA ILE B 527 9.87 -18.33 10.70
C ILE B 527 11.28 -18.28 11.28
N GLU B 528 12.24 -18.90 10.59
CA GLU B 528 13.61 -18.93 11.07
C GLU B 528 14.24 -17.54 11.04
N LYS B 529 13.97 -16.76 9.98
CA LYS B 529 14.52 -15.42 9.89
C LYS B 529 13.87 -14.47 10.89
N VAL B 530 12.57 -14.66 11.18
CA VAL B 530 11.91 -13.84 12.19
C VAL B 530 12.46 -14.15 13.58
N ILE B 531 12.58 -15.43 13.91
CA ILE B 531 12.94 -15.86 15.27
C ILE B 531 14.35 -15.42 15.65
N LEU B 532 15.23 -15.29 14.65
CA LEU B 532 16.52 -14.66 14.88
C LEU B 532 16.37 -13.17 15.16
N ARG B 533 15.45 -12.52 14.46
CA ARG B 533 15.38 -11.06 14.49
C ARG B 533 14.75 -10.54 15.78
N ASP B 534 13.64 -11.14 16.23
CA ASP B 534 12.80 -10.48 17.21
C ASP B 534 12.43 -11.31 18.43
N LEU B 535 12.52 -12.64 18.36
CA LEU B 535 12.05 -13.48 19.45
C LEU B 535 12.98 -13.40 20.65
N LEU B 536 14.27 -13.13 20.42
CA LEU B 536 15.24 -13.05 21.51
C LEU B 536 14.93 -11.87 22.42
N ARG B 537 14.40 -10.78 21.86
CA ARG B 537 14.04 -9.61 22.65
C ARG B 537 12.88 -9.93 23.59
N PHE B 538 11.88 -10.65 23.10
CA PHE B 538 10.70 -10.96 23.90
C PHE B 538 11.04 -11.93 25.03
N LEU B 539 12.00 -12.84 24.79
CA LEU B 539 12.38 -13.82 25.80
C LEU B 539 13.04 -13.17 27.01
N LEU B 540 13.85 -12.13 26.77
CA LEU B 540 14.57 -11.47 27.86
C LEU B 540 13.63 -10.68 28.78
N VAL B 541 12.55 -10.12 28.22
CA VAL B 541 11.69 -9.22 28.98
C VAL B 541 10.89 -9.98 30.04
N TYR B 542 10.41 -11.18 29.69
CA TYR B 542 9.53 -11.93 30.57
C TYR B 542 10.28 -12.46 31.79
N LEU B 543 11.54 -12.82 31.62
CA LEU B 543 12.28 -13.56 32.64
C LEU B 543 12.52 -12.71 33.89
N VAL B 544 12.76 -11.42 33.70
CA VAL B 544 13.02 -10.52 34.84
C VAL B 544 11.77 -10.38 35.71
N PHE B 545 10.62 -10.18 35.07
CA PHE B 545 9.35 -10.10 35.81
C PHE B 545 9.01 -11.43 36.46
N LEU B 546 9.33 -12.55 35.78
CA LEU B 546 9.05 -13.86 36.35
C LEU B 546 9.93 -14.15 37.56
N PHE B 547 11.22 -13.78 37.48
CA PHE B 547 12.11 -13.95 38.63
C PHE B 547 11.67 -13.06 39.79
N GLY B 548 11.24 -11.83 39.49
CA GLY B 548 10.76 -10.95 40.53
C GLY B 548 9.50 -11.46 41.21
N PHE B 549 8.53 -11.94 40.42
CA PHE B 549 7.30 -12.45 40.99
C PHE B 549 7.50 -13.77 41.72
N ALA B 550 8.46 -14.59 41.29
CA ALA B 550 8.71 -15.86 41.99
C ALA B 550 9.37 -15.63 43.34
N VAL B 551 10.42 -14.79 43.39
CA VAL B 551 11.02 -14.42 44.67
C VAL B 551 10.04 -13.63 45.52
N ALA B 552 9.13 -12.90 44.86
CA ALA B 552 8.07 -12.16 45.54
C ALA B 552 7.13 -13.08 46.29
N LEU B 553 6.63 -14.11 45.63
CA LEU B 553 5.75 -15.07 46.30
C LEU B 553 6.51 -15.86 47.36
N VAL B 554 7.80 -16.13 47.11
CA VAL B 554 8.62 -16.85 48.09
C VAL B 554 8.80 -16.04 49.36
N SER B 555 8.97 -14.72 49.22
CA SER B 555 9.03 -13.86 50.40
C SER B 555 7.65 -13.60 51.00
N LEU B 556 6.60 -13.74 50.20
CA LEU B 556 5.27 -13.32 50.62
C LEU B 556 4.53 -14.39 51.41
N SER B 557 4.51 -15.64 50.91
CA SER B 557 3.65 -16.66 51.51
C SER B 557 4.14 -17.07 52.89
N ARG B 589 14.67 -22.19 51.12
CA ARG B 589 14.91 -21.12 50.17
C ARG B 589 15.38 -21.66 48.83
N SER B 590 14.42 -21.99 47.97
CA SER B 590 14.70 -22.55 46.65
C SER B 590 14.02 -21.67 45.61
N ILE B 591 14.83 -20.98 44.80
CA ILE B 591 14.29 -20.13 43.74
C ILE B 591 13.60 -20.96 42.67
N LEU B 592 14.06 -22.21 42.47
CA LEU B 592 13.47 -23.10 41.48
C LEU B 592 12.02 -23.41 41.82
N ASP B 593 11.76 -23.80 43.07
CA ASP B 593 10.39 -24.11 43.50
C ASP B 593 9.51 -22.87 43.48
N ALA B 594 10.10 -21.69 43.72
CA ALA B 594 9.36 -20.44 43.63
C ALA B 594 8.91 -20.17 42.20
N SER B 595 9.80 -20.39 41.24
CA SER B 595 9.44 -20.29 39.82
C SER B 595 8.42 -21.36 39.44
N LEU B 596 8.48 -22.53 40.08
CA LEU B 596 7.51 -23.59 39.82
C LEU B 596 6.12 -23.14 40.21
N GLU B 597 5.98 -22.62 41.44
CA GLU B 597 4.70 -22.09 41.92
C GLU B 597 4.23 -20.93 41.05
N LEU B 598 5.16 -20.07 40.60
CA LEU B 598 4.75 -18.92 39.79
C LEU B 598 4.22 -19.34 38.42
N PHE B 599 4.91 -20.26 37.73
CA PHE B 599 4.44 -20.65 36.40
C PHE B 599 3.20 -21.53 36.50
N LYS B 600 3.06 -22.30 37.60
CA LYS B 600 1.82 -23.02 37.83
C LYS B 600 0.66 -22.06 38.06
N PHE B 601 0.93 -20.91 38.69
CA PHE B 601 -0.09 -19.88 38.85
C PHE B 601 -0.45 -19.21 37.52
N THR B 602 0.57 -18.84 36.73
CA THR B 602 0.34 -18.07 35.50
C THR B 602 -0.30 -18.93 34.43
N ILE B 603 0.17 -20.17 34.25
CA ILE B 603 -0.43 -21.07 33.26
C ILE B 603 -1.80 -21.58 33.68
N GLY B 604 -2.20 -21.40 34.94
CA GLY B 604 -3.49 -21.84 35.41
C GLY B 604 -3.57 -23.28 35.84
N MET B 605 -2.42 -23.94 36.02
CA MET B 605 -2.44 -25.34 36.43
C MET B 605 -2.85 -25.48 37.90
N GLY B 606 -2.15 -24.79 38.81
CA GLY B 606 -2.47 -24.85 40.22
C GLY B 606 -2.62 -23.47 40.83
N GLU B 607 -2.71 -23.40 42.15
CA GLU B 607 -2.92 -22.11 42.83
C GLU B 607 -1.69 -21.22 42.77
N PHE B 616 -1.35 -10.27 53.20
CA PHE B 616 -2.80 -10.17 53.02
C PHE B 616 -3.24 -10.91 51.76
N ARG B 617 -4.24 -11.77 51.90
CA ARG B 617 -4.73 -12.56 50.77
C ARG B 617 -5.30 -11.71 49.64
N GLY B 618 -6.09 -10.70 49.97
CA GLY B 618 -6.67 -9.85 48.94
C GLY B 618 -5.62 -9.08 48.15
N VAL B 619 -4.66 -8.50 48.88
CA VAL B 619 -3.60 -7.72 48.24
C VAL B 619 -2.76 -8.62 47.35
N VAL B 620 -2.45 -9.82 47.86
CA VAL B 620 -1.65 -10.76 47.11
C VAL B 620 -2.40 -11.15 45.84
N LEU B 621 -3.70 -11.36 45.97
CA LEU B 621 -4.51 -11.74 44.82
C LEU B 621 -4.49 -10.64 43.78
N LEU B 622 -4.59 -9.39 44.24
CA LEU B 622 -4.59 -8.26 43.33
C LEU B 622 -3.25 -8.19 42.60
N LEU B 623 -2.17 -8.42 43.34
CA LEU B 623 -0.84 -8.39 42.74
C LEU B 623 -0.71 -9.47 41.68
N LEU B 624 -1.26 -10.65 41.97
CA LEU B 624 -1.19 -11.76 41.04
C LEU B 624 -1.92 -11.41 39.75
N LEU B 625 -3.08 -10.79 39.90
CA LEU B 625 -3.87 -10.40 38.73
C LEU B 625 -3.08 -9.39 37.92
N ALA B 626 -2.47 -8.43 38.61
CA ALA B 626 -1.67 -7.42 37.94
C ALA B 626 -0.48 -8.08 37.27
N TYR B 627 0.15 -9.00 38.00
CA TYR B 627 1.30 -9.73 37.47
C TYR B 627 0.88 -10.57 36.28
N VAL B 628 -0.28 -11.22 36.40
CA VAL B 628 -0.78 -12.04 35.30
C VAL B 628 -1.13 -11.16 34.11
N LEU B 629 -1.74 -10.01 34.39
CA LEU B 629 -2.11 -9.07 33.34
C LEU B 629 -0.88 -8.70 32.53
N LEU B 630 0.12 -8.13 33.20
CA LEU B 630 1.37 -7.73 32.54
C LEU B 630 2.00 -8.88 31.77
N THR B 631 2.06 -10.05 32.39
CA THR B 631 2.64 -11.24 31.79
C THR B 631 2.15 -11.53 30.35
N TYR B 632 0.84 -11.43 30.13
CA TYR B 632 0.29 -11.72 28.81
C TYR B 632 -0.16 -10.49 27.99
N VAL B 633 -0.67 -9.45 28.65
CA VAL B 633 -1.15 -8.28 27.92
C VAL B 633 -0.10 -7.19 27.67
N LEU B 634 1.17 -7.54 27.76
CA LEU B 634 2.24 -6.58 27.52
C LEU B 634 3.32 -7.18 26.62
N LEU B 635 4.15 -8.04 27.19
CA LEU B 635 5.24 -8.68 26.44
C LEU B 635 4.73 -9.34 25.17
N LEU B 636 3.83 -10.31 25.32
CA LEU B 636 3.26 -11.01 24.18
C LEU B 636 2.67 -10.04 23.18
N ASN B 637 1.85 -9.12 23.67
CA ASN B 637 1.20 -8.12 22.84
C ASN B 637 2.19 -7.25 22.06
N MET B 638 3.09 -6.58 22.75
CA MET B 638 4.05 -5.71 22.08
C MET B 638 4.97 -6.47 21.13
N LEU B 639 5.42 -7.66 21.54
CA LEU B 639 6.31 -8.45 20.72
C LEU B 639 5.64 -8.86 19.41
N ILE B 640 4.37 -9.23 19.48
CA ILE B 640 3.63 -9.64 18.29
C ILE B 640 3.54 -8.48 17.30
N ALA B 641 3.26 -7.29 17.84
CA ALA B 641 3.15 -6.09 17.02
C ALA B 641 4.48 -5.80 16.34
N LEU B 642 5.57 -5.95 17.10
CA LEU B 642 6.89 -5.70 16.55
C LEU B 642 7.19 -6.68 15.43
N MET B 643 6.81 -7.93 15.62
CA MET B 643 7.03 -8.96 14.61
C MET B 643 6.25 -8.62 13.35
N SER B 644 5.01 -8.18 13.52
CA SER B 644 4.18 -7.80 12.38
C SER B 644 4.85 -6.63 11.68
N GLU B 645 5.37 -5.69 12.46
CA GLU B 645 6.05 -4.53 11.91
C GLU B 645 7.31 -4.97 11.18
N THR B 646 8.01 -5.94 11.76
CA THR B 646 9.24 -6.48 11.19
C THR B 646 8.95 -7.16 9.85
N VAL B 647 7.83 -7.86 9.79
CA VAL B 647 7.43 -8.56 8.57
C VAL B 647 7.23 -7.60 7.40
N ASN B 648 6.65 -6.44 7.68
CA ASN B 648 6.42 -5.43 6.64
C ASN B 648 7.74 -4.96 6.05
N SER B 649 8.74 -4.77 6.90
CA SER B 649 10.07 -4.34 6.45
C SER B 649 10.69 -5.39 5.54
N VAL B 650 10.50 -6.66 5.90
CA VAL B 650 11.05 -7.78 5.14
C VAL B 650 10.08 -8.28 4.07
N ALA B 651 8.93 -7.63 3.97
CA ALA B 651 7.91 -8.01 3.00
C ALA B 651 8.34 -7.76 1.56
N THR B 652 7.75 -8.54 0.65
CA THR B 652 8.01 -8.50 -0.79
C THR B 652 9.46 -8.78 -1.20
N ASP B 653 10.11 -9.68 -0.47
CA ASP B 653 11.47 -10.08 -0.79
C ASP B 653 11.72 -11.53 -0.37
N SER B 654 10.68 -12.19 0.10
CA SER B 654 10.77 -13.57 0.58
C SER B 654 11.17 -14.57 -0.50
N TRP B 655 10.61 -14.43 -1.70
CA TRP B 655 10.93 -15.37 -2.76
C TRP B 655 12.43 -15.46 -2.98
N SER B 656 13.14 -14.36 -2.82
CA SER B 656 14.58 -14.36 -3.03
C SER B 656 15.29 -15.17 -1.96
N ILE B 657 14.89 -15.01 -0.70
CA ILE B 657 15.50 -15.79 0.38
C ILE B 657 15.19 -17.26 0.19
N TRP B 658 13.97 -17.56 -0.30
CA TRP B 658 13.65 -18.94 -0.60
C TRP B 658 14.57 -19.51 -1.67
N LYS B 659 14.77 -18.76 -2.76
CA LYS B 659 15.67 -19.22 -3.80
C LYS B 659 17.09 -19.38 -3.26
N LEU B 660 17.47 -18.54 -2.30
CA LEU B 660 18.82 -18.60 -1.77
C LEU B 660 19.05 -19.88 -0.97
N GLN B 661 18.11 -20.24 -0.10
CA GLN B 661 18.37 -21.34 0.83
C GLN B 661 18.62 -22.64 0.09
N LYS B 662 17.96 -22.80 -1.06
CA LYS B 662 18.18 -23.97 -1.89
C LYS B 662 19.61 -24.05 -2.37
N ALA B 663 20.23 -22.88 -2.59
CA ALA B 663 21.64 -22.84 -2.96
C ALA B 663 22.51 -23.44 -1.87
N ILE B 664 22.22 -23.07 -0.63
CA ILE B 664 22.95 -23.64 0.50
C ILE B 664 22.78 -25.14 0.52
N SER B 665 21.55 -25.60 0.31
CA SER B 665 21.28 -27.03 0.35
C SER B 665 22.09 -27.77 -0.70
N VAL B 666 22.06 -27.25 -1.93
CA VAL B 666 22.68 -27.96 -3.04
C VAL B 666 24.19 -27.96 -2.87
N LEU B 667 24.73 -26.86 -2.36
CA LEU B 667 26.16 -26.77 -2.14
C LEU B 667 26.59 -27.72 -1.04
N GLU B 668 25.79 -27.81 0.02
CA GLU B 668 26.09 -28.74 1.08
C GLU B 668 26.11 -30.16 0.56
N MET B 669 25.09 -30.49 -0.23
CA MET B 669 24.92 -31.82 -0.82
C MET B 669 26.08 -32.08 -1.75
N GLU B 670 26.47 -31.03 -2.48
CA GLU B 670 27.58 -31.11 -3.40
C GLU B 670 28.77 -31.45 -2.53
N ASN B 671 28.82 -30.84 -1.35
CA ASN B 671 29.90 -31.09 -0.41
C ASN B 671 29.86 -32.52 0.12
N GLY B 672 28.66 -33.06 0.35
CA GLY B 672 28.50 -34.43 0.75
C GLY B 672 28.59 -34.63 2.26
N TYR B 673 28.41 -35.88 2.66
CA TYR B 673 28.42 -36.27 4.07
C TYR B 673 29.85 -36.60 4.48
N TRP B 674 29.99 -37.22 5.67
CA TRP B 674 31.26 -37.79 6.09
C TRP B 674 31.75 -38.82 5.08
N TRP B 675 30.85 -39.66 4.58
CA TRP B 675 31.08 -40.28 3.28
C TRP B 675 30.87 -39.23 2.20
N CYS B 676 31.90 -38.99 1.41
CA CYS B 676 31.95 -37.79 0.57
C CYS B 676 31.11 -37.94 -0.68
N ARG B 677 30.73 -36.79 -1.27
CA ARG B 677 30.07 -36.72 -2.56
C ARG B 677 30.96 -36.03 -3.61
N ARG B 678 32.23 -36.38 -3.65
CA ARG B 678 33.21 -35.78 -4.56
C ARG B 678 32.89 -36.09 -6.03
N LYS B 679 33.69 -35.47 -6.91
CA LYS B 679 33.69 -35.64 -8.36
C LYS B 679 32.39 -35.12 -8.98
N LYS B 680 31.93 -33.97 -8.48
CA LYS B 680 30.77 -33.30 -9.05
C LYS B 680 31.01 -32.89 -10.49
N GLN B 681 29.96 -32.93 -11.29
CA GLN B 681 30.10 -32.67 -12.72
C GLN B 681 30.27 -31.18 -12.98
N ARG B 682 30.76 -30.88 -14.18
CA ARG B 682 30.71 -29.51 -14.70
C ARG B 682 29.27 -29.10 -14.95
N ALA B 683 29.08 -27.82 -15.22
CA ALA B 683 27.72 -27.32 -15.40
C ALA B 683 27.33 -27.13 -16.86
N GLY B 684 28.28 -26.89 -17.75
CA GLY B 684 27.97 -26.48 -19.10
C GLY B 684 28.56 -27.40 -20.17
N VAL B 685 28.38 -26.97 -21.41
CA VAL B 685 28.92 -27.64 -22.58
C VAL B 685 30.06 -26.79 -23.12
N MET B 686 31.09 -27.46 -23.63
CA MET B 686 32.24 -26.77 -24.17
C MET B 686 31.99 -26.44 -25.64
N LEU B 687 32.22 -25.19 -26.00
CA LEU B 687 31.96 -24.72 -27.36
C LEU B 687 32.99 -23.66 -27.70
N THR B 688 33.73 -23.85 -28.78
CA THR B 688 34.76 -22.89 -29.18
C THR B 688 34.08 -21.74 -29.90
N VAL B 689 34.04 -20.59 -29.23
CA VAL B 689 33.29 -19.44 -29.70
C VAL B 689 34.27 -18.48 -30.36
N GLY B 690 34.36 -18.53 -31.68
CA GLY B 690 35.20 -17.59 -32.39
C GLY B 690 36.68 -17.92 -32.26
N THR B 691 37.51 -16.91 -32.44
CA THR B 691 38.94 -17.03 -32.23
C THR B 691 39.41 -15.94 -31.28
N ARG B 692 40.54 -16.21 -30.63
CA ARG B 692 41.17 -15.24 -29.74
C ARG B 692 41.84 -14.16 -30.59
N PRO B 693 42.24 -13.03 -30.00
CA PRO B 693 43.27 -12.21 -30.66
C PRO B 693 44.55 -12.98 -30.95
N ASP B 694 44.97 -13.86 -30.05
CA ASP B 694 45.97 -14.84 -30.41
C ASP B 694 45.37 -15.85 -31.39
N GLY B 695 46.26 -16.54 -32.13
CA GLY B 695 45.80 -17.43 -33.18
C GLY B 695 45.02 -18.63 -32.69
N SER B 696 45.20 -19.00 -31.43
CA SER B 696 44.54 -20.18 -30.89
C SER B 696 43.04 -19.93 -30.77
N PRO B 697 42.20 -20.94 -30.99
CA PRO B 697 40.77 -20.80 -30.72
C PRO B 697 40.50 -20.89 -29.23
N ASP B 698 39.36 -20.33 -28.84
CA ASP B 698 39.02 -20.17 -27.42
C ASP B 698 37.91 -21.14 -27.04
N GLU B 699 38.29 -22.22 -26.38
CA GLU B 699 37.33 -23.14 -25.82
C GLU B 699 36.85 -22.58 -24.48
N ARG B 700 35.54 -22.53 -24.31
CA ARG B 700 34.97 -22.08 -23.05
C ARG B 700 33.86 -23.03 -22.68
N TRP B 701 33.51 -23.03 -21.41
CA TRP B 701 32.37 -23.79 -20.94
C TRP B 701 31.20 -22.82 -20.82
N CYS B 702 30.05 -23.24 -21.32
CA CYS B 702 28.96 -22.29 -21.45
C CYS B 702 27.64 -22.98 -21.14
N PHE B 703 26.72 -22.20 -20.61
CA PHE B 703 25.41 -22.67 -20.21
C PHE B 703 24.39 -22.03 -21.12
N ARG B 704 23.56 -22.84 -21.77
CA ARG B 704 22.64 -22.34 -22.78
C ARG B 704 21.25 -22.21 -22.20
N VAL B 705 20.56 -21.13 -22.57
CA VAL B 705 19.26 -20.76 -22.02
C VAL B 705 18.42 -20.28 -23.18
N GLY B 706 17.15 -20.65 -23.19
CA GLY B 706 16.23 -20.21 -24.22
C GLY B 706 15.52 -18.94 -23.83
N GLU B 707 15.01 -18.24 -24.84
CA GLU B 707 14.30 -17.00 -24.63
C GLU B 707 13.36 -16.74 -25.81
N MET B 708 12.19 -16.20 -25.52
CA MET B 708 11.19 -15.90 -26.54
C MET B 708 10.78 -14.44 -26.44
N ASN B 709 11.10 -13.66 -27.46
CA ASN B 709 10.73 -12.25 -27.52
C ASN B 709 9.88 -11.98 -28.75
N TRP B 710 8.83 -11.20 -28.56
CA TRP B 710 7.94 -10.84 -29.65
C TRP B 710 8.20 -9.44 -30.19
N ALA B 711 9.11 -8.69 -29.60
CA ALA B 711 9.50 -7.39 -30.11
C ALA B 711 10.62 -7.48 -31.12
N THR B 712 10.90 -8.68 -31.61
CA THR B 712 12.17 -8.98 -32.26
C THR B 712 12.26 -8.33 -33.64
N TRP B 713 11.13 -8.18 -34.33
CA TRP B 713 11.17 -7.70 -35.70
C TRP B 713 11.48 -6.22 -35.79
N GLU B 714 11.30 -5.48 -34.68
CA GLU B 714 11.78 -4.11 -34.64
C GLU B 714 13.30 -4.06 -34.68
N GLN B 715 13.96 -4.98 -34.00
CA GLN B 715 15.42 -4.95 -33.90
C GLN B 715 16.07 -5.70 -35.05
N THR B 716 17.34 -5.37 -35.28
CA THR B 716 18.14 -6.09 -36.26
C THR B 716 18.67 -7.39 -35.64
N LEU B 717 19.03 -8.32 -36.52
CA LEU B 717 19.42 -9.64 -36.06
C LEU B 717 20.82 -9.60 -35.44
N PRO B 718 21.03 -10.31 -34.35
CA PRO B 718 22.36 -10.35 -33.74
C PRO B 718 23.30 -11.25 -34.53
N ARG B 719 24.60 -11.07 -34.26
CA ARG B 719 25.59 -11.96 -34.84
C ARG B 719 25.49 -13.33 -34.19
N THR B 720 25.50 -14.37 -35.02
CA THR B 720 25.31 -15.73 -34.55
C THR B 720 26.53 -16.55 -34.92
N LEU B 721 26.63 -17.71 -34.30
CA LEU B 721 27.77 -18.59 -34.49
C LEU B 721 27.40 -19.97 -34.99
N CYS B 722 26.28 -20.52 -34.53
CA CYS B 722 25.79 -21.79 -35.04
C CYS B 722 24.71 -21.53 -36.07
N GLU B 723 24.78 -22.25 -37.19
CA GLU B 723 23.83 -22.07 -38.28
C GLU B 723 22.59 -22.92 -38.08
N GLU B 724 22.77 -24.23 -37.99
CA GLU B 724 21.69 -25.17 -37.81
C GLU B 724 21.21 -25.13 -36.37
N PRO B 725 19.91 -24.94 -36.14
CA PRO B 725 19.39 -24.90 -34.77
C PRO B 725 19.48 -26.21 -34.00
N SER B 726 19.92 -27.30 -34.62
CA SER B 726 19.83 -28.63 -34.02
C SER B 726 20.72 -28.79 -32.79
N GLY B 727 20.10 -29.20 -31.69
CA GLY B 727 20.72 -29.55 -30.40
C GLY B 727 21.60 -28.44 -29.84
N PHE C 73 -24.23 71.59 6.75
CA PHE C 73 -23.21 70.74 6.18
C PHE C 73 -23.13 69.42 6.97
N ASP C 74 -23.49 68.32 6.32
CA ASP C 74 -23.84 67.09 7.01
C ASP C 74 -22.71 66.07 6.98
N ARG C 75 -22.60 65.33 8.09
CA ARG C 75 -21.65 64.23 8.19
C ARG C 75 -21.96 63.12 7.18
N ASP C 76 -23.24 62.82 7.00
CA ASP C 76 -23.60 61.74 6.08
C ASP C 76 -23.40 62.17 4.65
N ARG C 77 -23.70 63.44 4.36
CA ARG C 77 -23.32 64.05 3.08
C ARG C 77 -21.82 63.97 2.87
N LEU C 78 -21.05 64.17 3.94
CA LEU C 78 -19.60 64.13 3.87
C LEU C 78 -19.08 62.74 3.52
N PHE C 79 -19.65 61.71 4.17
CA PHE C 79 -19.26 60.35 3.87
C PHE C 79 -19.67 59.95 2.45
N ASN C 80 -20.82 60.45 1.99
CA ASN C 80 -21.20 60.21 0.60
C ASN C 80 -20.24 60.89 -0.37
N VAL C 81 -19.80 62.10 -0.03
CA VAL C 81 -18.85 62.83 -0.89
C VAL C 81 -17.53 62.08 -0.99
N VAL C 82 -17.02 61.59 0.15
CA VAL C 82 -15.73 60.90 0.09
C VAL C 82 -15.89 59.52 -0.54
N ALA C 83 -17.08 58.94 -0.48
CA ALA C 83 -17.31 57.69 -1.21
C ALA C 83 -17.31 57.93 -2.71
N ARG C 84 -17.96 59.01 -3.16
CA ARG C 84 -18.03 59.30 -4.58
C ARG C 84 -16.69 59.76 -5.13
N GLY C 85 -15.97 60.61 -4.39
CA GLY C 85 -14.74 61.16 -4.88
C GLY C 85 -14.84 62.54 -5.49
N ASN C 86 -15.83 63.34 -5.09
CA ASN C 86 -15.99 64.69 -5.63
C ASN C 86 -15.24 65.70 -4.78
N PRO C 87 -14.23 66.38 -5.33
CA PRO C 87 -13.52 67.39 -4.53
C PRO C 87 -14.31 68.68 -4.42
N GLU C 88 -15.06 69.02 -5.47
CA GLU C 88 -15.74 70.30 -5.53
C GLU C 88 -16.95 70.35 -4.60
N ASP C 89 -17.56 69.20 -4.32
CA ASP C 89 -18.71 69.18 -3.43
C ASP C 89 -18.33 69.48 -1.98
N LEU C 90 -17.05 69.34 -1.62
CA LEU C 90 -16.57 69.70 -0.30
C LEU C 90 -16.29 71.19 -0.13
N ALA C 91 -16.56 72.00 -1.15
CA ALA C 91 -16.33 73.44 -1.04
C ALA C 91 -17.26 74.04 0.00
N GLY C 92 -16.74 75.02 0.73
CA GLY C 92 -17.47 75.64 1.81
C GLY C 92 -17.25 75.00 3.16
N LEU C 93 -16.78 73.74 3.19
CA LEU C 93 -16.47 73.08 4.46
C LEU C 93 -15.32 73.79 5.16
N LEU C 94 -14.38 74.33 4.40
CA LEU C 94 -13.37 75.22 4.98
C LEU C 94 -14.02 76.46 5.56
N GLU C 95 -14.96 77.05 4.83
CA GLU C 95 -15.71 78.18 5.36
C GLU C 95 -16.61 77.77 6.51
N TYR C 96 -17.19 76.55 6.43
CA TYR C 96 -18.06 76.08 7.51
C TYR C 96 -17.29 75.87 8.80
N LEU C 97 -16.08 75.31 8.71
CA LEU C 97 -15.29 75.12 9.91
C LEU C 97 -14.60 76.40 10.34
N ARG C 98 -14.40 77.35 9.42
CA ARG C 98 -13.97 78.68 9.81
C ARG C 98 -15.05 79.38 10.61
N ARG C 99 -16.32 79.17 10.25
CA ARG C 99 -17.41 79.79 10.99
C ARG C 99 -17.66 79.08 12.32
N THR C 100 -17.93 77.78 12.27
CA THR C 100 -18.39 77.05 13.44
C THR C 100 -17.26 76.78 14.43
N SER C 101 -16.01 76.81 13.95
CA SER C 101 -14.79 76.51 14.71
C SER C 101 -14.79 75.08 15.26
N LYS C 102 -15.55 74.18 14.65
CA LYS C 102 -15.48 72.76 14.94
C LYS C 102 -14.25 72.14 14.27
N TYR C 103 -13.94 70.92 14.67
CA TYR C 103 -12.80 70.17 14.16
C TYR C 103 -13.28 68.89 13.52
N LEU C 104 -12.52 68.39 12.54
CA LEU C 104 -12.89 67.13 11.90
C LEU C 104 -12.70 65.94 12.81
N THR C 105 -11.93 66.09 13.87
CA THR C 105 -11.76 65.04 14.85
C THR C 105 -12.74 65.16 16.02
N ASP C 106 -13.71 66.06 15.92
CA ASP C 106 -14.75 66.12 16.94
C ASP C 106 -15.63 64.88 16.87
N SER C 107 -16.17 64.48 18.02
CA SER C 107 -17.05 63.31 18.12
C SER C 107 -18.33 63.46 17.31
N GLU C 108 -18.72 64.71 16.99
CA GLU C 108 -19.76 64.96 16.00
C GLU C 108 -19.43 64.30 14.68
N TYR C 109 -18.15 64.31 14.30
CA TYR C 109 -17.70 63.85 13.00
C TYR C 109 -17.12 62.45 13.05
N THR C 110 -17.32 61.74 14.15
CA THR C 110 -16.88 60.36 14.26
C THR C 110 -18.11 59.49 14.45
N GLU C 111 -17.98 58.21 14.11
CA GLU C 111 -19.12 57.33 14.33
C GLU C 111 -19.30 56.96 15.80
N GLY C 112 -18.30 57.18 16.64
CA GLY C 112 -18.50 57.01 18.07
C GLY C 112 -18.40 55.60 18.59
N SER C 113 -18.84 54.63 17.79
CA SER C 113 -18.73 53.22 18.17
C SER C 113 -17.28 52.78 18.24
N THR C 114 -16.43 53.34 17.38
CA THR C 114 -15.08 52.84 17.20
C THR C 114 -14.10 53.99 17.39
N GLY C 115 -14.53 55.18 17.00
CA GLY C 115 -13.65 56.29 16.76
C GLY C 115 -13.28 56.44 15.31
N LYS C 116 -13.98 55.76 14.42
CA LYS C 116 -13.66 55.77 13.00
C LYS C 116 -14.04 57.11 12.40
N THR C 117 -13.15 57.66 11.59
CA THR C 117 -13.32 59.02 11.11
C THR C 117 -13.52 59.01 9.61
N CYS C 118 -13.58 60.22 9.05
CA CYS C 118 -13.89 60.37 7.64
C CYS C 118 -12.75 59.90 6.77
N LEU C 119 -11.51 60.14 7.21
CA LEU C 119 -10.34 59.79 6.40
C LEU C 119 -10.22 58.29 6.22
N MET C 120 -10.52 57.53 7.27
CA MET C 120 -10.47 56.08 7.16
C MET C 120 -11.53 55.58 6.18
N LYS C 121 -12.71 56.21 6.19
CA LYS C 121 -13.74 55.88 5.23
C LYS C 121 -13.33 56.27 3.82
N ALA C 122 -12.52 57.31 3.68
CA ALA C 122 -12.01 57.67 2.37
C ALA C 122 -11.03 56.62 1.87
N VAL C 123 -10.17 56.12 2.76
CA VAL C 123 -9.15 55.20 2.31
C VAL C 123 -9.74 53.82 2.04
N LEU C 124 -10.78 53.43 2.79
CA LEU C 124 -11.44 52.15 2.56
C LEU C 124 -12.09 52.10 1.18
N ASN C 125 -12.66 53.20 0.74
CA ASN C 125 -13.41 53.24 -0.51
C ASN C 125 -12.52 53.90 -1.55
N LEU C 126 -11.89 53.09 -2.38
CA LEU C 126 -10.97 53.58 -3.40
C LEU C 126 -11.49 53.28 -4.79
N GLN C 127 -11.50 54.30 -5.62
CA GLN C 127 -11.53 54.09 -7.06
C GLN C 127 -10.15 53.63 -7.50
N ASP C 128 -10.09 53.08 -8.72
CA ASP C 128 -9.09 52.13 -9.22
C ASP C 128 -7.64 52.42 -8.82
N GLY C 129 -7.16 53.63 -9.08
CA GLY C 129 -5.85 53.96 -8.56
C GLY C 129 -5.94 54.51 -7.16
N VAL C 130 -6.58 55.68 -7.01
CA VAL C 130 -6.70 56.40 -5.75
C VAL C 130 -8.01 57.16 -5.75
N ASN C 131 -8.32 57.74 -4.60
CA ASN C 131 -9.31 58.79 -4.49
C ASN C 131 -8.57 60.12 -4.42
N ALA C 132 -9.23 61.17 -4.90
CA ALA C 132 -8.62 62.49 -4.99
C ALA C 132 -9.07 63.45 -3.92
N CYS C 133 -9.95 63.03 -3.00
CA CYS C 133 -10.42 63.92 -1.96
C CYS C 133 -9.45 64.04 -0.80
N ILE C 134 -8.44 63.18 -0.77
CA ILE C 134 -7.61 63.00 0.43
C ILE C 134 -6.77 64.23 0.67
N GLN C 135 -6.03 64.66 -0.34
CA GLN C 135 -5.23 65.87 -0.24
C GLN C 135 -6.07 67.12 0.05
N PRO C 136 -7.25 67.35 -0.55
CA PRO C 136 -8.11 68.43 -0.04
C PRO C 136 -8.49 68.32 1.42
N LEU C 137 -8.81 67.11 1.91
CA LEU C 137 -9.12 66.94 3.33
C LEU C 137 -7.93 67.30 4.21
N LEU C 138 -6.74 66.93 3.77
CA LEU C 138 -5.55 67.26 4.54
C LEU C 138 -5.27 68.76 4.51
N GLU C 139 -5.51 69.39 3.36
CA GLU C 139 -5.40 70.84 3.25
C GLU C 139 -6.37 71.54 4.18
N ILE C 140 -7.60 71.03 4.26
CA ILE C 140 -8.61 71.62 5.13
C ILE C 140 -8.22 71.46 6.60
N ASP C 141 -7.70 70.29 6.97
CA ASP C 141 -7.33 70.12 8.38
C ASP C 141 -6.10 70.94 8.72
N ARG C 142 -5.20 71.14 7.76
CA ARG C 142 -4.09 72.06 7.98
C ARG C 142 -4.59 73.50 8.12
N ASP C 143 -5.59 73.86 7.33
CA ASP C 143 -6.16 75.20 7.40
C ASP C 143 -6.97 75.42 8.65
N SER C 144 -7.45 74.35 9.28
CA SER C 144 -8.25 74.47 10.49
C SER C 144 -7.42 74.73 11.73
N GLY C 145 -6.09 74.65 11.64
CA GLY C 145 -5.25 74.82 12.80
C GLY C 145 -5.43 73.73 13.83
N ASN C 146 -5.57 72.49 13.38
CA ASN C 146 -5.97 71.41 14.26
C ASN C 146 -4.82 71.04 15.21
N PRO C 147 -5.05 71.04 16.53
CA PRO C 147 -3.99 70.64 17.46
C PRO C 147 -3.65 69.17 17.37
N GLN C 148 -4.67 68.31 17.45
CA GLN C 148 -4.50 66.88 17.23
C GLN C 148 -4.80 66.62 15.77
N PRO C 149 -3.79 66.36 14.94
CA PRO C 149 -4.02 66.34 13.49
C PRO C 149 -4.88 65.18 13.05
N LEU C 150 -5.43 65.31 11.84
CA LEU C 150 -6.40 64.36 11.33
C LEU C 150 -5.77 62.99 11.10
N VAL C 151 -4.61 62.97 10.46
CA VAL C 151 -4.11 61.74 9.85
C VAL C 151 -3.63 60.75 10.91
N ASN C 152 -3.08 61.23 12.01
CA ASN C 152 -2.53 60.31 12.99
C ASN C 152 -3.57 59.83 14.00
N ALA C 153 -4.80 60.33 13.95
CA ALA C 153 -5.83 59.91 14.89
C ALA C 153 -6.23 58.47 14.64
N GLN C 154 -6.53 57.75 15.71
CA GLN C 154 -6.71 56.31 15.59
C GLN C 154 -7.80 55.80 16.51
N CYS C 155 -8.26 54.58 16.24
CA CYS C 155 -9.48 54.02 16.80
C CYS C 155 -9.34 53.74 18.30
N THR C 156 -10.46 53.34 18.92
CA THR C 156 -10.54 53.36 20.38
C THR C 156 -11.00 52.04 21.00
N ASP C 157 -11.98 51.38 20.37
CA ASP C 157 -12.63 50.22 20.97
C ASP C 157 -11.67 49.05 21.11
N GLU C 158 -11.94 48.21 22.11
CA GLU C 158 -11.01 47.15 22.49
C GLU C 158 -10.80 46.11 21.40
N TYR C 159 -11.77 45.92 20.51
CA TYR C 159 -11.64 44.92 19.47
C TYR C 159 -10.61 45.30 18.43
N TYR C 160 -10.48 46.60 18.17
CA TYR C 160 -9.96 47.09 16.91
C TYR C 160 -9.07 48.30 17.16
N ARG C 161 -8.38 48.30 18.30
CA ARG C 161 -7.75 49.51 18.80
C ARG C 161 -6.46 49.82 18.06
N GLY C 162 -6.27 51.09 17.74
CA GLY C 162 -5.00 51.55 17.22
C GLY C 162 -4.85 51.50 15.73
N HIS C 163 -5.85 51.03 15.00
CA HIS C 163 -5.79 50.99 13.55
C HIS C 163 -5.73 52.40 12.99
N SER C 164 -5.21 52.55 11.78
CA SER C 164 -4.89 53.88 11.29
C SER C 164 -5.10 53.94 9.78
N ALA C 165 -4.85 55.13 9.23
CA ALA C 165 -4.94 55.30 7.78
C ALA C 165 -3.87 54.51 7.07
N LEU C 166 -2.66 54.51 7.64
CA LEU C 166 -1.52 53.89 7.01
C LEU C 166 -1.69 52.38 6.88
N HIS C 167 -2.25 51.76 7.92
CA HIS C 167 -2.51 50.32 7.90
C HIS C 167 -3.47 49.94 6.79
N ILE C 168 -4.50 50.76 6.58
CA ILE C 168 -5.46 50.49 5.52
C ILE C 168 -4.80 50.65 4.17
N ALA C 169 -4.01 51.72 4.02
CA ALA C 169 -3.31 51.95 2.77
C ALA C 169 -2.35 50.82 2.43
N ILE C 170 -1.73 50.24 3.44
CA ILE C 170 -0.86 49.11 3.20
C ILE C 170 -1.67 47.88 2.83
N GLU C 171 -2.82 47.71 3.45
CA GLU C 171 -3.59 46.49 3.19
C GLU C 171 -4.22 46.53 1.81
N LYS C 172 -4.67 47.70 1.37
CA LYS C 172 -5.25 47.78 0.04
C LYS C 172 -4.21 47.83 -1.05
N ARG C 173 -2.92 47.79 -0.69
CA ARG C 173 -1.80 47.57 -1.61
C ARG C 173 -1.67 48.72 -2.60
N SER C 174 -1.69 49.95 -2.09
CA SER C 174 -1.65 51.16 -2.90
C SER C 174 -0.40 51.94 -2.55
N LEU C 175 0.62 51.83 -3.39
CA LEU C 175 1.92 52.42 -3.11
C LEU C 175 1.85 53.95 -3.08
N GLN C 176 1.18 54.55 -4.06
CA GLN C 176 1.19 55.99 -4.17
C GLN C 176 0.34 56.64 -3.10
N CYS C 177 -0.69 55.94 -2.63
CA CYS C 177 -1.43 56.44 -1.47
C CYS C 177 -0.56 56.45 -0.23
N VAL C 178 0.31 55.45 -0.09
CA VAL C 178 1.25 55.41 1.02
C VAL C 178 2.23 56.57 0.91
N LYS C 179 2.69 56.85 -0.31
CA LYS C 179 3.52 58.02 -0.56
C LYS C 179 2.81 59.30 -0.16
N LEU C 180 1.52 59.40 -0.48
CA LEU C 180 0.73 60.57 -0.14
C LEU C 180 0.61 60.75 1.37
N LEU C 181 0.35 59.66 2.08
CA LEU C 181 0.18 59.74 3.53
C LEU C 181 1.47 60.08 4.22
N VAL C 182 2.57 59.43 3.82
CA VAL C 182 3.85 59.65 4.46
C VAL C 182 4.36 61.05 4.18
N GLU C 183 4.10 61.59 2.99
CA GLU C 183 4.48 62.97 2.71
C GLU C 183 3.70 63.98 3.54
N ASN C 184 2.55 63.60 4.09
CA ASN C 184 1.73 64.53 4.84
C ASN C 184 1.82 64.31 6.34
N GLY C 185 2.86 63.62 6.79
CA GLY C 185 3.11 63.53 8.20
C GLY C 185 2.37 62.45 8.93
N ALA C 186 2.03 61.36 8.25
CA ALA C 186 1.43 60.22 8.93
C ALA C 186 2.48 59.52 9.76
N ASN C 187 2.10 59.07 10.95
CA ASN C 187 3.01 58.30 11.78
C ASN C 187 3.35 56.98 11.10
N VAL C 188 4.56 56.50 11.39
CA VAL C 188 5.02 55.22 10.91
C VAL C 188 5.19 54.23 12.06
N HIS C 189 5.32 54.72 13.29
CA HIS C 189 5.46 53.83 14.42
C HIS C 189 4.18 53.67 15.22
N ALA C 190 3.03 53.99 14.65
CA ALA C 190 1.77 53.76 15.35
C ALA C 190 1.49 52.27 15.43
N LYS C 191 0.95 51.83 16.55
CA LYS C 191 0.77 50.41 16.82
C LYS C 191 -0.71 50.05 16.84
N ALA C 192 -1.04 48.90 16.27
CA ALA C 192 -2.40 48.38 16.25
C ALA C 192 -2.50 47.28 17.30
N CYS C 193 -3.22 47.55 18.37
CA CYS C 193 -3.10 46.78 19.59
C CYS C 193 -4.35 45.95 19.91
N GLY C 194 -5.43 46.13 19.17
CA GLY C 194 -6.73 45.55 19.52
C GLY C 194 -6.78 44.04 19.42
N HIS C 195 -7.96 43.51 19.76
CA HIS C 195 -8.12 42.07 19.94
C HIS C 195 -8.04 41.31 18.63
N PHE C 196 -8.61 41.85 17.56
CA PHE C 196 -8.47 41.15 16.28
C PHE C 196 -7.04 41.15 15.81
N PHE C 197 -6.33 42.22 16.08
CA PHE C 197 -4.90 42.23 15.88
C PHE C 197 -4.24 41.53 17.05
N GLN C 198 -2.91 41.47 17.03
CA GLN C 198 -2.05 41.46 18.23
C GLN C 198 -2.39 40.37 19.25
N LYS C 199 -3.05 39.31 18.81
CA LYS C 199 -3.54 38.30 19.74
C LYS C 199 -3.41 36.94 19.10
N ASN C 200 -3.62 35.92 19.93
CA ASN C 200 -3.73 34.55 19.45
C ASN C 200 -5.12 34.00 19.71
N GLN C 201 -6.15 34.84 19.55
CA GLN C 201 -7.55 34.45 19.65
C GLN C 201 -7.97 33.53 18.50
N ASP C 202 -9.23 33.13 18.49
CA ASP C 202 -9.76 32.50 17.28
C ASP C 202 -10.30 33.57 16.35
N THR C 203 -10.05 33.37 15.04
CA THR C 203 -10.36 34.29 13.94
C THR C 203 -9.69 35.65 14.17
N CYS C 204 -8.36 35.59 14.17
CA CYS C 204 -7.55 36.78 14.37
C CYS C 204 -6.40 36.74 13.40
N PHE C 205 -5.73 37.88 13.27
CA PHE C 205 -4.61 38.03 12.36
C PHE C 205 -3.45 38.61 13.15
N TYR C 206 -2.37 37.84 13.29
CA TYR C 206 -1.23 38.29 14.06
C TYR C 206 -0.03 38.50 13.15
N PHE C 207 0.58 39.66 13.28
CA PHE C 207 1.66 40.06 12.41
C PHE C 207 2.62 41.00 13.11
N GLY C 208 2.56 41.09 14.41
CA GLY C 208 3.12 42.25 15.05
C GLY C 208 2.13 43.39 14.93
N GLU C 209 2.58 44.58 15.28
CA GLU C 209 1.67 45.69 15.40
C GLU C 209 2.06 46.87 14.54
N LEU C 210 3.09 46.73 13.72
CA LEU C 210 3.70 47.85 13.05
C LEU C 210 3.39 47.88 11.56
N PRO C 211 3.51 49.04 10.93
CA PRO C 211 3.23 49.09 9.50
C PRO C 211 4.24 48.38 8.66
N LEU C 212 5.53 48.53 8.98
CA LEU C 212 6.59 47.80 8.31
C LEU C 212 6.38 46.31 8.38
N SER C 213 5.96 45.82 9.55
CA SER C 213 5.67 44.40 9.70
C SER C 213 4.50 43.98 8.84
N LEU C 214 3.53 44.88 8.68
CA LEU C 214 2.35 44.55 7.90
C LEU C 214 2.68 44.49 6.43
N ALA C 215 3.50 45.42 5.96
CA ALA C 215 3.98 45.37 4.58
C ALA C 215 4.85 44.14 4.36
N ALA C 216 5.64 43.78 5.36
CA ALA C 216 6.55 42.65 5.19
C ALA C 216 5.78 41.34 5.12
N CYS C 217 4.74 41.19 5.94
CA CYS C 217 4.00 39.93 5.95
C CYS C 217 3.10 39.74 4.75
N THR C 218 2.95 40.74 3.89
CA THR C 218 2.02 40.65 2.77
C THR C 218 2.69 40.83 1.42
N LYS C 219 4.02 40.73 1.35
CA LYS C 219 4.81 40.65 0.13
C LYS C 219 4.66 41.90 -0.76
N GLN C 220 4.95 43.05 -0.18
CA GLN C 220 5.15 44.27 -0.96
C GLN C 220 6.58 44.68 -0.70
N TRP C 221 7.50 44.23 -1.53
CA TRP C 221 8.89 44.60 -1.31
C TRP C 221 9.10 46.10 -1.55
N ASP C 222 8.33 46.66 -2.47
CA ASP C 222 8.44 48.08 -2.77
C ASP C 222 8.00 48.95 -1.61
N VAL C 223 6.91 48.58 -0.93
CA VAL C 223 6.42 49.37 0.20
C VAL C 223 7.42 49.30 1.34
N VAL C 224 8.01 48.12 1.54
CA VAL C 224 9.08 47.95 2.51
C VAL C 224 10.24 48.86 2.19
N ASN C 225 10.65 48.88 0.91
CA ASN C 225 11.78 49.69 0.49
C ASN C 225 11.50 51.16 0.66
N TYR C 226 10.26 51.59 0.41
CA TYR C 226 9.94 52.99 0.59
C TYR C 226 9.92 53.37 2.06
N LEU C 227 9.30 52.53 2.90
CA LEU C 227 9.22 52.83 4.32
C LEU C 227 10.59 52.85 4.97
N LEU C 228 11.52 52.06 4.46
CA LEU C 228 12.89 52.21 4.91
C LEU C 228 13.48 53.52 4.40
N GLU C 229 13.34 53.80 3.11
CA GLU C 229 14.10 54.87 2.50
C GLU C 229 13.28 56.10 2.17
N ASN C 230 12.24 56.41 2.95
CA ASN C 230 11.59 57.70 2.79
C ASN C 230 12.50 58.82 3.29
N PRO C 231 12.26 60.06 2.85
CA PRO C 231 13.05 61.16 3.41
C PRO C 231 12.62 61.56 4.80
N HIS C 232 11.34 61.43 5.09
CA HIS C 232 10.77 62.06 6.28
C HIS C 232 11.03 61.26 7.55
N GLN C 233 10.51 60.05 7.62
CA GLN C 233 10.54 59.23 8.84
C GLN C 233 10.97 57.83 8.47
N PRO C 234 12.25 57.52 8.56
CA PRO C 234 12.70 56.16 8.30
C PRO C 234 12.18 55.20 9.35
N ALA C 235 11.70 54.06 8.88
CA ALA C 235 11.21 53.06 9.82
C ALA C 235 12.39 52.37 10.48
N SER C 236 12.19 51.93 11.70
CA SER C 236 13.25 51.34 12.50
C SER C 236 13.03 49.84 12.56
N LEU C 237 13.99 49.08 12.04
CA LEU C 237 13.95 47.64 12.20
C LEU C 237 14.07 47.23 13.65
N GLN C 238 14.75 48.05 14.45
CA GLN C 238 14.92 47.78 15.86
C GLN C 238 13.62 47.91 16.63
N ALA C 239 12.68 48.72 16.13
CA ALA C 239 11.45 49.02 16.86
C ALA C 239 10.60 47.77 16.98
N GLN C 240 9.85 47.69 18.08
CA GLN C 240 9.14 46.46 18.39
C GLN C 240 7.85 46.78 19.13
N ASP C 241 6.93 45.83 19.09
CA ASP C 241 5.56 46.04 19.54
C ASP C 241 5.43 45.79 21.04
N SER C 242 4.19 45.59 21.48
CA SER C 242 3.89 45.42 22.90
C SER C 242 4.42 44.11 23.46
N LEU C 243 4.60 43.10 22.63
CA LEU C 243 5.25 41.90 23.10
C LEU C 243 6.76 41.95 22.93
N GLY C 244 7.27 43.00 22.32
CA GLY C 244 8.68 43.09 22.05
C GLY C 244 9.12 42.23 20.90
N ASN C 245 8.28 42.09 19.87
CA ASN C 245 8.63 41.34 18.68
C ASN C 245 9.00 42.32 17.59
N THR C 246 10.15 42.12 16.97
CA THR C 246 10.46 42.89 15.78
C THR C 246 9.95 42.13 14.57
N VAL C 247 10.34 42.62 13.39
CA VAL C 247 9.84 42.11 12.13
C VAL C 247 10.25 40.66 11.92
N LEU C 248 11.44 40.30 12.40
CA LEU C 248 11.93 38.94 12.24
C LEU C 248 11.10 37.97 13.05
N HIS C 249 10.69 38.39 14.26
CA HIS C 249 9.85 37.56 15.07
C HIS C 249 8.49 37.36 14.43
N ALA C 250 7.97 38.38 13.77
CA ALA C 250 6.67 38.26 13.12
C ALA C 250 6.74 37.31 11.93
N LEU C 251 7.81 37.45 11.13
CA LEU C 251 8.05 36.51 10.03
C LEU C 251 8.19 35.08 10.52
N VAL C 252 8.73 34.90 11.72
CA VAL C 252 8.68 33.58 12.32
C VAL C 252 7.24 33.19 12.61
N MET C 253 6.48 34.10 13.22
CA MET C 253 5.16 33.76 13.73
C MET C 253 4.17 33.43 12.61
N ILE C 254 4.41 33.91 11.40
CA ILE C 254 3.40 33.68 10.38
C ILE C 254 3.62 32.39 9.60
N ALA C 255 4.83 31.83 9.63
CA ALA C 255 5.14 30.66 8.83
C ALA C 255 4.34 29.44 9.29
N ASP C 256 4.02 28.55 8.35
CA ASP C 256 3.24 27.36 8.71
C ASP C 256 3.75 26.09 8.06
N ASP C 257 4.93 26.13 7.44
CA ASP C 257 5.58 25.05 6.69
C ASP C 257 4.81 24.62 5.44
N SER C 258 3.85 25.42 4.97
CA SER C 258 3.36 25.23 3.62
C SER C 258 4.30 25.94 2.63
N ALA C 259 4.14 25.61 1.35
CA ALA C 259 5.20 25.84 0.37
C ALA C 259 5.37 27.32 0.03
N GLU C 260 4.30 27.93 -0.49
CA GLU C 260 4.38 29.33 -0.94
C GLU C 260 4.65 30.27 0.23
N ASN C 261 4.05 29.97 1.38
CA ASN C 261 4.37 30.64 2.63
C ASN C 261 5.86 30.57 2.94
N SER C 262 6.46 29.39 2.76
CA SER C 262 7.85 29.22 3.13
C SER C 262 8.77 29.99 2.21
N ALA C 263 8.47 29.98 0.90
CA ALA C 263 9.29 30.73 -0.05
C ALA C 263 9.20 32.22 0.21
N LEU C 264 7.98 32.70 0.46
CA LEU C 264 7.73 34.06 0.92
C LEU C 264 8.59 34.44 2.12
N VAL C 265 8.58 33.60 3.15
CA VAL C 265 9.25 33.92 4.39
C VAL C 265 10.76 33.98 4.20
N VAL C 266 11.33 33.00 3.50
CA VAL C 266 12.79 32.99 3.38
C VAL C 266 13.28 34.14 2.50
N ARG C 267 12.53 34.48 1.44
CA ARG C 267 12.94 35.61 0.60
C ARG C 267 12.85 36.92 1.35
N MET C 268 11.77 37.10 2.10
CA MET C 268 11.58 38.35 2.82
C MET C 268 12.57 38.51 3.96
N TYR C 269 12.85 37.40 4.65
CA TYR C 269 13.79 37.41 5.76
C TYR C 269 15.19 37.77 5.29
N ASP C 270 15.62 37.18 4.17
CA ASP C 270 16.95 37.47 3.65
C ASP C 270 17.06 38.90 3.15
N GLY C 271 16.02 39.38 2.47
CA GLY C 271 16.03 40.76 2.01
C GLY C 271 16.10 41.74 3.16
N LEU C 272 15.40 41.43 4.25
CA LEU C 272 15.45 42.30 5.42
C LEU C 272 16.80 42.27 6.09
N LEU C 273 17.46 41.12 6.12
CA LEU C 273 18.80 41.07 6.68
C LEU C 273 19.79 41.89 5.87
N GLN C 274 19.69 41.81 4.54
CA GLN C 274 20.58 42.60 3.70
C GLN C 274 20.33 44.09 3.87
N ALA C 275 19.06 44.48 3.96
CA ALA C 275 18.75 45.89 4.12
C ALA C 275 19.18 46.42 5.47
N GLY C 276 19.01 45.62 6.52
CA GLY C 276 19.47 46.04 7.83
C GLY C 276 20.98 46.08 7.93
N ALA C 277 21.66 45.21 7.18
CA ALA C 277 23.10 45.33 7.06
C ALA C 277 23.49 46.64 6.39
N ARG C 278 22.72 47.04 5.39
CA ARG C 278 23.04 48.25 4.67
C ARG C 278 22.78 49.50 5.50
N LEU C 279 21.73 49.52 6.31
CA LEU C 279 21.28 50.77 6.88
C LEU C 279 21.58 50.93 8.36
N CYS C 280 21.74 49.85 9.09
CA CYS C 280 22.18 49.91 10.49
C CYS C 280 23.29 48.88 10.71
N PRO C 281 24.51 49.19 10.25
CA PRO C 281 25.54 48.16 10.17
C PRO C 281 26.05 47.69 11.51
N ASN C 282 26.07 48.57 12.51
CA ASN C 282 26.61 48.20 13.82
C ASN C 282 25.72 47.20 14.56
N VAL C 283 24.44 47.21 14.28
CA VAL C 283 23.48 46.47 15.08
C VAL C 283 23.34 45.07 14.51
N GLN C 284 23.32 44.09 15.39
CA GLN C 284 23.04 42.71 15.01
C GLN C 284 21.56 42.46 15.30
N LEU C 285 20.79 42.29 14.24
CA LEU C 285 19.34 42.32 14.36
C LEU C 285 18.80 41.08 15.05
N GLU C 286 19.37 39.91 14.76
CA GLU C 286 18.84 38.69 15.32
C GLU C 286 19.16 38.51 16.79
N GLY C 287 19.99 39.36 17.37
CA GLY C 287 20.31 39.19 18.77
C GLY C 287 19.22 39.67 19.73
N ILE C 288 18.30 40.49 19.26
CA ILE C 288 17.35 41.17 20.15
C ILE C 288 16.29 40.20 20.64
N PRO C 289 16.13 40.03 21.92
CA PRO C 289 15.11 39.11 22.42
C PRO C 289 13.79 39.82 22.63
N ASN C 290 12.73 39.07 22.90
CA ASN C 290 11.44 39.66 23.19
C ASN C 290 11.29 39.84 24.70
N LEU C 291 10.07 40.16 25.15
CA LEU C 291 9.80 40.22 26.58
C LEU C 291 9.90 38.86 27.22
N GLU C 292 9.57 37.81 26.48
CA GLU C 292 9.87 36.48 26.97
C GLU C 292 11.35 36.14 26.81
N GLY C 293 12.11 36.96 26.09
CA GLY C 293 13.55 36.82 26.07
C GLY C 293 14.09 35.81 25.09
N LEU C 294 13.56 35.77 23.87
CA LEU C 294 13.97 34.79 22.88
C LEU C 294 14.43 35.50 21.61
N THR C 295 15.59 35.09 21.10
CA THR C 295 16.03 35.48 19.77
C THR C 295 15.19 34.73 18.74
N PRO C 296 15.14 35.21 17.48
CA PRO C 296 14.27 34.56 16.48
C PRO C 296 14.59 33.12 16.16
N LEU C 297 15.84 32.71 16.29
CA LEU C 297 16.15 31.30 16.11
C LEU C 297 15.51 30.46 17.21
N LYS C 298 15.67 30.90 18.46
CA LYS C 298 15.06 30.22 19.59
C LYS C 298 13.56 30.24 19.49
N LEU C 299 12.99 31.34 19.02
CA LEU C 299 11.54 31.46 18.88
C LEU C 299 11.03 30.53 17.80
N ALA C 300 11.76 30.40 16.70
CA ALA C 300 11.34 29.50 15.65
C ALA C 300 11.46 28.06 16.11
N ALA C 301 12.42 27.78 16.97
CA ALA C 301 12.52 26.45 17.55
C ALA C 301 11.36 26.17 18.48
N LYS C 302 11.00 27.16 19.31
CA LYS C 302 10.05 26.96 20.39
C LYS C 302 8.66 26.67 19.87
N GLU C 303 8.24 27.38 18.83
CA GLU C 303 6.93 27.08 18.28
C GLU C 303 6.94 25.91 17.31
N GLY C 304 8.10 25.35 17.01
CA GLY C 304 8.12 24.22 16.10
C GLY C 304 7.83 24.55 14.66
N LYS C 305 8.31 25.68 14.19
CA LYS C 305 8.29 26.00 12.77
C LYS C 305 9.58 25.47 12.16
N ILE C 306 9.46 24.74 11.06
CA ILE C 306 10.51 23.84 10.60
C ILE C 306 11.30 24.44 9.45
N GLU C 307 10.61 24.90 8.41
CA GLU C 307 11.25 25.28 7.16
C GLU C 307 12.11 26.52 7.35
N ILE C 308 11.59 27.51 8.06
CA ILE C 308 12.38 28.69 8.38
C ILE C 308 13.55 28.33 9.27
N PHE C 309 13.39 27.35 10.16
CA PHE C 309 14.47 26.94 11.05
C PHE C 309 15.62 26.33 10.27
N LYS C 310 15.28 25.38 9.39
CA LYS C 310 16.22 24.79 8.46
C LYS C 310 16.92 25.85 7.63
N HIS C 311 16.18 26.85 7.17
CA HIS C 311 16.84 27.91 6.42
C HIS C 311 17.74 28.76 7.29
N ILE C 312 17.45 28.92 8.57
CA ILE C 312 18.26 29.82 9.38
C ILE C 312 19.58 29.17 9.76
N LEU C 313 19.57 27.85 9.99
CA LEU C 313 20.81 27.17 10.39
C LEU C 313 21.88 27.25 9.31
N GLN C 314 21.54 26.90 8.09
CA GLN C 314 22.51 26.80 7.01
C GLN C 314 22.28 27.92 5.98
N ARG C 315 22.89 29.07 6.22
CA ARG C 315 22.81 30.20 5.32
C ARG C 315 24.16 30.45 4.67
N GLU C 316 24.11 30.94 3.44
CA GLU C 316 25.30 31.34 2.70
C GLU C 316 25.01 32.69 2.07
N PHE C 317 26.05 33.48 1.87
CA PHE C 317 25.91 34.71 1.11
C PHE C 317 27.14 34.94 0.25
N SER C 318 26.94 34.95 -1.06
CA SER C 318 27.98 35.30 -2.03
C SER C 318 28.23 36.80 -2.10
N ALA C 319 27.54 37.59 -1.30
CA ALA C 319 27.66 39.03 -1.18
C ALA C 319 29.04 39.43 -0.68
N PRO C 320 29.40 40.72 -0.72
CA PRO C 320 30.56 41.16 0.09
C PRO C 320 30.37 40.87 1.58
N CYS C 321 29.15 40.97 2.08
CA CYS C 321 28.83 40.61 3.45
C CYS C 321 28.41 39.14 3.49
N GLN C 322 29.37 38.28 3.79
CA GLN C 322 29.07 36.89 4.08
C GLN C 322 29.08 36.61 5.57
N SER C 323 29.40 37.62 6.39
CA SER C 323 29.43 37.46 7.84
C SER C 323 28.05 37.17 8.39
N LEU C 324 27.00 37.53 7.66
CA LEU C 324 25.64 37.17 8.02
C LEU C 324 25.46 35.67 8.00
N SER C 325 26.11 35.00 7.07
CA SER C 325 25.91 33.57 6.89
C SER C 325 26.57 32.79 8.01
N ARG C 326 26.04 31.60 8.26
CA ARG C 326 26.60 30.76 9.30
C ARG C 326 27.48 29.64 8.74
N LYS C 327 27.00 28.96 7.72
CA LYS C 327 27.71 27.83 7.13
C LYS C 327 28.91 28.30 6.33
N PHE C 328 29.95 27.47 6.29
CA PHE C 328 31.10 27.71 5.44
C PHE C 328 31.57 26.37 4.89
N THR C 329 32.66 26.40 4.13
CA THR C 329 33.30 25.20 3.63
C THR C 329 34.76 25.26 3.99
N GLU C 330 35.25 24.25 4.70
CA GLU C 330 36.66 24.24 5.10
C GLU C 330 37.55 23.99 3.90
N TRP C 331 37.34 22.86 3.24
CA TRP C 331 38.01 22.52 2.00
C TRP C 331 37.14 21.50 1.28
N CYS C 332 37.48 21.27 0.02
CA CYS C 332 36.70 20.37 -0.81
C CYS C 332 37.65 19.58 -1.70
N TYR C 333 37.32 18.31 -1.92
CA TYR C 333 38.24 17.39 -2.55
C TYR C 333 37.41 16.23 -3.08
N GLY C 334 37.25 16.13 -4.39
CA GLY C 334 36.42 15.10 -4.98
C GLY C 334 34.97 15.24 -4.54
N PRO C 335 34.32 14.11 -4.25
CA PRO C 335 33.00 14.18 -3.62
C PRO C 335 33.05 14.61 -2.17
N VAL C 336 34.21 14.50 -1.52
CA VAL C 336 34.32 14.93 -0.13
C VAL C 336 34.35 16.44 -0.04
N ARG C 337 33.54 16.98 0.87
CA ARG C 337 33.73 18.37 1.28
C ARG C 337 33.44 18.48 2.77
N VAL C 338 34.11 19.43 3.40
CA VAL C 338 34.03 19.61 4.84
C VAL C 338 33.48 20.99 5.12
N SER C 339 32.32 20.99 5.76
CA SER C 339 31.55 22.20 6.01
C SER C 339 31.73 22.61 7.47
N LEU C 340 31.90 23.89 7.70
CA LEU C 340 31.84 24.41 9.05
C LEU C 340 30.42 24.88 9.35
N TYR C 341 30.06 24.83 10.62
CA TYR C 341 28.87 25.54 11.08
C TYR C 341 29.25 26.35 12.29
N ASP C 342 28.48 27.40 12.54
CA ASP C 342 28.54 28.05 13.84
C ASP C 342 27.57 27.36 14.77
N LEU C 343 27.85 27.44 16.06
CA LEU C 343 26.97 26.92 17.08
C LEU C 343 26.78 27.95 18.17
N ALA C 344 26.71 29.23 17.75
CA ALA C 344 26.74 30.33 18.71
C ALA C 344 25.50 30.37 19.59
N SER C 345 24.42 29.73 19.18
CA SER C 345 23.28 29.57 20.07
C SER C 345 22.89 28.12 20.28
N VAL C 346 23.56 27.19 19.62
CA VAL C 346 23.07 25.83 19.56
C VAL C 346 23.69 24.93 20.62
N ASP C 347 24.87 25.27 21.13
CA ASP C 347 25.58 24.40 22.05
C ASP C 347 24.87 24.35 23.40
N SER C 348 24.87 23.15 24.01
CA SER C 348 24.28 22.96 25.33
C SER C 348 25.10 23.60 26.43
N TRP C 349 26.32 24.06 26.13
CA TRP C 349 27.11 24.80 27.10
C TRP C 349 26.38 26.05 27.57
N GLU C 350 25.78 26.78 26.63
CA GLU C 350 25.25 28.09 26.94
C GLU C 350 23.96 28.00 27.73
N GLU C 351 23.64 29.10 28.39
CA GLU C 351 22.40 29.20 29.13
C GLU C 351 21.24 29.40 28.16
N ASN C 352 20.16 28.65 28.39
CA ASN C 352 18.92 28.70 27.62
C ASN C 352 19.19 28.39 26.15
N SER C 353 19.80 27.23 25.92
CA SER C 353 20.25 26.83 24.59
C SER C 353 19.07 26.41 23.73
N VAL C 354 19.35 26.22 22.44
CA VAL C 354 18.36 25.71 21.50
C VAL C 354 17.96 24.29 21.87
N LEU C 355 18.93 23.50 22.32
CA LEU C 355 18.67 22.10 22.60
C LEU C 355 17.80 21.93 23.82
N GLU C 356 18.03 22.74 24.84
CA GLU C 356 17.14 22.77 26.00
C GLU C 356 15.73 23.20 25.61
N ILE C 357 15.62 24.08 24.62
CA ILE C 357 14.31 24.56 24.20
C ILE C 357 13.56 23.50 23.41
N ILE C 358 14.27 22.80 22.51
CA ILE C 358 13.66 21.68 21.79
C ILE C 358 13.29 20.56 22.77
N ALA C 359 14.12 20.33 23.77
CA ALA C 359 13.88 19.25 24.72
C ALA C 359 12.71 19.54 25.64
N PHE C 360 12.78 20.65 26.36
CA PHE C 360 11.90 20.90 27.49
C PHE C 360 10.85 21.97 27.20
N HIS C 361 11.28 23.15 26.79
CA HIS C 361 10.39 24.30 26.72
C HIS C 361 9.43 24.24 25.54
N SER C 362 9.67 23.35 24.60
CA SER C 362 8.79 23.27 23.44
C SER C 362 7.43 22.71 23.81
N ARG C 363 6.49 22.91 22.91
CA ARG C 363 5.18 22.28 23.00
C ARG C 363 4.73 21.79 21.64
N SER C 364 5.65 21.40 20.81
CA SER C 364 5.28 21.02 19.48
C SER C 364 5.27 19.51 19.34
N PRO C 365 4.41 18.95 18.51
CA PRO C 365 4.49 17.53 18.20
C PRO C 365 5.75 17.15 17.44
N HIS C 366 6.15 17.97 16.47
CA HIS C 366 7.11 17.56 15.46
C HIS C 366 8.55 17.86 15.83
N ARG C 367 8.89 17.76 17.12
CA ARG C 367 10.25 18.05 17.57
C ARG C 367 11.25 17.07 16.98
N HIS C 368 10.81 15.82 16.79
CA HIS C 368 11.68 14.76 16.29
C HIS C 368 12.19 15.07 14.88
N ARG C 369 11.37 15.70 14.06
CA ARG C 369 11.83 16.09 12.75
C ARG C 369 12.82 17.23 12.82
N MET C 370 12.68 18.08 13.84
CA MET C 370 13.65 19.13 14.04
C MET C 370 14.97 18.60 14.57
N VAL C 371 14.94 17.41 15.18
CA VAL C 371 16.19 16.82 15.68
C VAL C 371 17.13 16.46 14.55
N VAL C 372 16.60 15.83 13.49
CA VAL C 372 17.44 15.22 12.47
C VAL C 372 17.77 16.31 11.47
N LEU C 373 18.76 17.14 11.82
CA LEU C 373 19.33 18.13 10.94
C LEU C 373 20.83 18.10 11.15
N GLU C 374 21.57 18.47 10.10
CA GLU C 374 23.00 18.16 10.04
C GLU C 374 23.86 18.77 11.16
N PRO C 375 23.80 20.07 11.48
CA PRO C 375 24.64 20.55 12.59
C PRO C 375 24.15 20.06 13.93
N LEU C 376 22.88 19.71 14.04
CA LEU C 376 22.41 19.02 15.23
C LEU C 376 22.91 17.58 15.28
N ASN C 377 22.81 16.87 14.16
CA ASN C 377 22.98 15.42 14.18
C ASN C 377 24.43 15.05 14.47
N LYS C 378 25.37 15.75 13.84
CA LYS C 378 26.77 15.42 14.09
C LYS C 378 27.17 15.82 15.50
N LEU C 379 26.60 16.89 16.03
CA LEU C 379 26.91 17.31 17.39
C LEU C 379 26.38 16.31 18.42
N LEU C 380 25.14 15.84 18.22
CA LEU C 380 24.57 14.84 19.11
C LEU C 380 25.36 13.54 19.07
N GLN C 381 25.83 13.15 17.89
CA GLN C 381 26.60 11.92 17.79
C GLN C 381 27.93 12.05 18.52
N ALA C 382 28.57 13.22 18.39
CA ALA C 382 29.83 13.48 19.08
C ALA C 382 29.66 13.43 20.60
N LYS C 383 28.62 14.09 21.11
CA LYS C 383 28.42 14.11 22.56
C LYS C 383 28.00 12.74 23.09
N TRP C 384 27.19 12.01 22.34
CA TRP C 384 26.77 10.67 22.75
C TRP C 384 27.94 9.72 22.85
N ASP C 385 28.79 9.69 21.82
CA ASP C 385 29.95 8.81 21.90
C ASP C 385 31.00 9.32 22.86
N ARG C 386 30.96 10.61 23.21
CA ARG C 386 31.81 11.08 24.29
C ARG C 386 31.40 10.50 25.64
N LEU C 387 30.10 10.23 25.82
CA LEU C 387 29.59 9.81 27.13
C LEU C 387 28.96 8.43 27.16
N ILE C 388 29.38 7.51 26.30
CA ILE C 388 29.00 6.10 26.46
C ILE C 388 29.42 5.47 27.80
N PRO C 389 30.66 5.66 28.32
CA PRO C 389 31.02 4.87 29.52
C PRO C 389 30.28 5.25 30.79
N ARG C 390 29.87 6.51 30.94
CA ARG C 390 29.09 6.89 32.11
C ARG C 390 27.72 6.23 32.08
N PHE C 391 27.18 6.01 30.88
CA PHE C 391 25.92 5.28 30.75
C PHE C 391 26.05 3.83 31.21
N CYS C 392 27.13 3.16 30.81
CA CYS C 392 27.35 1.78 31.25
C CYS C 392 27.63 1.72 32.75
N PHE C 393 28.32 2.73 33.28
CA PHE C 393 28.55 2.83 34.71
C PHE C 393 27.25 2.94 35.49
N ASN C 394 26.32 3.78 35.00
CA ASN C 394 25.02 3.92 35.66
C ASN C 394 24.21 2.64 35.53
N PHE C 395 24.32 1.98 34.38
CA PHE C 395 23.63 0.71 34.16
C PHE C 395 24.11 -0.35 35.14
N LEU C 396 25.43 -0.44 35.32
CA LEU C 396 25.99 -1.45 36.21
C LEU C 396 25.65 -1.15 37.66
N CYS C 397 25.70 0.12 38.07
CA CYS C 397 25.34 0.49 39.44
C CYS C 397 23.87 0.17 39.73
N TYR C 398 22.99 0.45 38.78
CA TYR C 398 21.58 0.13 38.96
C TYR C 398 21.34 -1.38 39.02
N LEU C 399 22.06 -2.14 38.19
CA LEU C 399 21.94 -3.61 38.22
C LEU C 399 22.41 -4.17 39.55
N VAL C 400 23.50 -3.62 40.09
CA VAL C 400 24.00 -4.02 41.40
C VAL C 400 22.98 -3.68 42.49
N TYR C 401 22.33 -2.51 42.37
CA TYR C 401 21.31 -2.12 43.33
C TYR C 401 20.12 -3.08 43.32
N MET C 402 19.66 -3.48 42.14
CA MET C 402 18.52 -4.39 42.08
C MET C 402 18.90 -5.80 42.49
N LEU C 403 20.14 -6.21 42.26
CA LEU C 403 20.61 -7.50 42.77
C LEU C 403 20.65 -7.53 44.29
N ILE C 404 21.21 -6.46 44.89
CA ILE C 404 21.30 -6.39 46.34
C ILE C 404 19.91 -6.32 46.97
N PHE C 405 18.99 -5.62 46.29
CA PHE C 405 17.60 -5.60 46.76
C PHE C 405 16.94 -6.96 46.63
N THR C 406 17.24 -7.68 45.54
CA THR C 406 16.73 -9.03 45.37
C THR C 406 17.23 -9.95 46.49
N ALA C 407 18.48 -9.74 46.93
CA ALA C 407 19.00 -10.55 48.03
C ALA C 407 18.38 -10.16 49.37
N VAL C 408 18.39 -8.86 49.69
CA VAL C 408 17.95 -8.40 51.02
C VAL C 408 16.44 -8.51 51.20
N ALA C 409 15.68 -8.62 50.11
CA ALA C 409 14.25 -8.79 50.24
C ALA C 409 13.73 -10.13 49.76
N TYR C 410 14.55 -10.94 49.10
CA TYR C 410 14.08 -12.24 48.63
C TYR C 410 13.83 -13.18 49.80
N HIS C 411 14.81 -13.32 50.69
CA HIS C 411 14.68 -14.19 51.86
C HIS C 411 15.43 -13.55 53.02
N GLN C 412 14.70 -13.23 54.08
CA GLN C 412 15.27 -12.60 55.25
C GLN C 412 14.42 -12.88 56.49
N ALA C 427 25.38 -13.99 61.11
CA ALA C 427 25.52 -12.78 60.30
C ALA C 427 24.44 -12.76 59.24
N GLY C 428 23.47 -13.67 59.34
CA GLY C 428 22.36 -13.67 58.40
C GLY C 428 21.44 -12.48 58.62
N ASN C 429 20.98 -12.30 59.86
CA ASN C 429 20.09 -11.19 60.18
C ASN C 429 20.81 -9.85 60.13
N SER C 430 22.13 -9.81 60.33
CA SER C 430 22.85 -8.54 60.23
C SER C 430 23.13 -8.15 58.79
N MET C 431 23.38 -9.14 57.92
CA MET C 431 23.42 -8.87 56.48
C MET C 431 22.07 -8.41 55.97
N LEU C 432 20.98 -9.03 56.45
CA LEU C 432 19.64 -8.59 56.07
C LEU C 432 19.34 -7.19 56.60
N LEU C 433 19.84 -6.86 57.79
CA LEU C 433 19.61 -5.54 58.38
C LEU C 433 20.37 -4.45 57.61
N LEU C 434 21.66 -4.66 57.40
CA LEU C 434 22.47 -3.69 56.64
C LEU C 434 21.99 -3.59 55.18
N GLY C 435 21.53 -4.71 54.61
CA GLY C 435 20.89 -4.73 53.32
C GLY C 435 19.66 -3.85 53.25
N HIS C 436 18.72 -4.03 54.18
CA HIS C 436 17.51 -3.21 54.20
C HIS C 436 17.82 -1.73 54.43
N ILE C 437 18.82 -1.45 55.28
CA ILE C 437 19.22 -0.06 55.53
C ILE C 437 19.80 0.57 54.26
N LEU C 438 20.66 -0.17 53.57
CA LEU C 438 21.21 0.32 52.31
C LEU C 438 20.16 0.47 51.24
N ILE C 439 19.13 -0.38 51.25
CA ILE C 439 18.05 -0.29 50.28
C ILE C 439 17.25 0.99 50.50
N LEU C 440 16.92 1.27 51.76
CA LEU C 440 16.26 2.53 52.08
C LEU C 440 17.13 3.73 51.71
N LEU C 441 18.45 3.63 51.95
CA LEU C 441 19.37 4.72 51.60
C LEU C 441 19.41 4.98 50.10
N GLY C 442 19.51 3.92 49.30
CA GLY C 442 19.54 4.09 47.85
C GLY C 442 18.24 4.59 47.28
N GLY C 443 17.10 4.12 47.82
CA GLY C 443 15.81 4.64 47.42
C GLY C 443 15.65 6.11 47.72
N VAL C 444 16.11 6.54 48.90
CA VAL C 444 16.09 7.96 49.25
C VAL C 444 17.01 8.76 48.32
N TYR C 445 18.15 8.19 47.93
CA TYR C 445 19.10 8.90 47.07
C TYR C 445 18.53 9.14 45.67
N LEU C 446 17.99 8.09 45.06
CA LEU C 446 17.47 8.25 43.71
C LEU C 446 16.15 9.04 43.72
N LEU C 447 15.37 8.91 44.79
CA LEU C 447 14.19 9.75 45.00
C LEU C 447 14.56 11.22 45.07
N LEU C 448 15.63 11.53 45.81
CA LEU C 448 16.06 12.90 45.98
C LEU C 448 16.56 13.49 44.67
N GLY C 449 17.33 12.69 43.91
CA GLY C 449 17.78 13.14 42.60
C GLY C 449 16.63 13.39 41.64
N GLN C 450 15.63 12.51 41.64
CA GLN C 450 14.50 12.69 40.73
C GLN C 450 13.64 13.87 41.14
N LEU C 451 13.47 14.08 42.45
CA LEU C 451 12.72 15.25 42.88
C LEU C 451 13.48 16.54 42.63
N TRP C 452 14.82 16.51 42.68
CA TRP C 452 15.58 17.69 42.27
C TRP C 452 15.44 17.95 40.78
N TYR C 453 15.33 16.88 39.98
CA TYR C 453 15.00 17.05 38.57
C TYR C 453 13.66 17.75 38.37
N PHE C 454 12.62 17.28 39.05
CA PHE C 454 11.29 17.85 38.86
C PHE C 454 11.19 19.26 39.43
N TRP C 455 11.76 19.50 40.61
CA TRP C 455 11.77 20.83 41.19
C TRP C 455 12.66 21.78 40.39
N ARG C 456 13.64 21.22 39.68
CA ARG C 456 14.52 22.03 38.85
C ARG C 456 13.78 22.70 37.71
N ARG C 457 12.82 22.00 37.11
CA ARG C 457 12.03 22.58 36.03
C ARG C 457 10.55 22.30 36.27
N ARG C 458 9.81 23.35 36.63
CA ARG C 458 8.35 23.24 36.73
C ARG C 458 7.70 23.22 35.36
N LEU C 459 8.31 23.93 34.39
CA LEU C 459 7.78 23.93 33.04
C LEU C 459 7.91 22.56 32.40
N PHE C 460 8.97 21.81 32.74
CA PHE C 460 9.11 20.45 32.24
C PHE C 460 8.03 19.55 32.80
N ILE C 461 7.55 19.83 34.01
CA ILE C 461 6.56 18.98 34.67
C ILE C 461 5.24 18.94 33.89
N TRP C 462 4.91 20.01 33.18
CA TRP C 462 3.70 20.05 32.37
C TRP C 462 3.95 19.92 30.89
N ILE C 463 5.13 20.32 30.40
CA ILE C 463 5.45 20.14 28.98
C ILE C 463 5.73 18.67 28.68
N SER C 464 6.56 18.01 29.51
CA SER C 464 6.97 16.63 29.28
C SER C 464 5.88 15.62 29.61
N PHE C 465 4.68 16.08 30.00
CA PHE C 465 3.56 15.24 30.41
C PHE C 465 3.20 14.17 29.39
N MET C 466 3.46 14.43 28.10
CA MET C 466 3.31 13.39 27.09
C MET C 466 4.30 12.26 27.30
N ASP C 467 5.55 12.59 27.63
CA ASP C 467 6.60 11.58 27.76
C ASP C 467 7.08 11.40 29.20
N SER C 468 6.34 11.93 30.18
CA SER C 468 6.78 11.89 31.58
C SER C 468 6.70 10.50 32.21
N TYR C 469 6.11 9.52 31.50
CA TYR C 469 5.90 8.18 32.01
C TYR C 469 7.19 7.51 32.46
N SER C 470 8.24 7.66 31.65
CA SER C 470 9.56 7.16 31.98
C SER C 470 10.11 7.80 33.23
N GLU C 471 9.86 9.10 33.41
CA GLU C 471 10.22 9.76 34.65
C GLU C 471 9.40 9.25 35.82
N ILE C 472 8.08 9.13 35.62
CA ILE C 472 7.13 8.91 36.72
C ILE C 472 7.34 7.54 37.36
N LEU C 473 7.71 6.54 36.54
CA LEU C 473 7.85 5.18 37.07
C LEU C 473 8.99 5.06 38.06
N PHE C 474 10.09 5.80 37.87
CA PHE C 474 11.15 5.82 38.87
C PHE C 474 10.66 6.42 40.18
N LEU C 475 9.81 7.44 40.10
CA LEU C 475 9.27 8.07 41.30
C LEU C 475 8.40 7.11 42.09
N LEU C 476 7.51 6.40 41.39
CA LEU C 476 6.63 5.44 42.07
C LEU C 476 7.43 4.28 42.64
N GLN C 477 8.47 3.83 41.93
CA GLN C 477 9.35 2.78 42.42
C GLN C 477 10.04 3.20 43.72
N ALA C 478 10.65 4.39 43.72
CA ALA C 478 11.34 4.87 44.91
C ALA C 478 10.39 5.07 46.08
N LEU C 479 9.18 5.56 45.80
CA LEU C 479 8.23 5.86 46.86
C LEU C 479 7.72 4.57 47.50
N LEU C 480 7.41 3.56 46.68
CA LEU C 480 6.98 2.28 47.23
C LEU C 480 8.09 1.60 48.00
N THR C 481 9.35 1.72 47.53
CA THR C 481 10.48 1.18 48.27
C THR C 481 10.62 1.86 49.64
N VAL C 482 10.43 3.19 49.66
CA VAL C 482 10.56 3.94 50.91
C VAL C 482 9.47 3.55 51.90
N LEU C 483 8.21 3.48 51.45
CA LEU C 483 7.13 3.08 52.36
C LEU C 483 7.28 1.64 52.81
N SER C 484 7.78 0.76 51.92
CA SER C 484 7.94 -0.64 52.25
C SER C 484 9.03 -0.83 53.31
N GLN C 485 10.10 -0.05 53.25
CA GLN C 485 11.12 -0.21 54.29
C GLN C 485 10.72 0.48 55.59
N VAL C 486 9.95 1.58 55.50
CA VAL C 486 9.43 2.22 56.72
C VAL C 486 8.51 1.27 57.47
N LEU C 487 7.62 0.58 56.75
CA LEU C 487 6.79 -0.44 57.36
C LEU C 487 7.50 -1.78 57.49
N CYS C 488 8.74 -1.89 57.04
CA CYS C 488 9.57 -3.02 57.45
C CYS C 488 10.11 -2.77 58.84
N PHE C 489 10.44 -1.53 59.15
CA PHE C 489 10.84 -1.17 60.51
C PHE C 489 9.64 -1.11 61.44
N LEU C 490 8.50 -0.63 60.93
CA LEU C 490 7.31 -0.50 61.76
C LEU C 490 6.43 -1.75 61.64
N ALA C 491 6.07 -2.31 62.79
CA ALA C 491 5.44 -3.62 62.99
C ALA C 491 4.28 -4.02 62.05
N ILE C 492 3.48 -3.04 61.58
CA ILE C 492 2.28 -3.32 60.78
C ILE C 492 2.62 -4.12 59.51
N GLU C 493 1.83 -5.15 59.25
CA GLU C 493 2.18 -6.16 58.26
C GLU C 493 1.59 -5.88 56.88
N TRP C 494 1.17 -4.63 56.63
CA TRP C 494 0.65 -4.26 55.32
C TRP C 494 1.73 -4.17 54.25
N TYR C 495 3.01 -4.15 54.65
CA TYR C 495 4.10 -3.90 53.72
C TYR C 495 4.43 -5.09 52.83
N LEU C 496 3.96 -6.29 53.20
CA LEU C 496 4.28 -7.49 52.41
C LEU C 496 3.80 -7.45 50.96
N PRO C 497 2.61 -6.89 50.61
CA PRO C 497 2.35 -6.65 49.18
C PRO C 497 3.14 -5.49 48.57
N LEU C 498 3.33 -4.40 49.32
CA LEU C 498 3.97 -3.21 48.74
C LEU C 498 5.43 -3.44 48.39
N LEU C 499 6.13 -4.22 49.21
CA LEU C 499 7.55 -4.50 48.97
C LEU C 499 7.75 -5.24 47.66
N VAL C 500 6.97 -6.30 47.45
CA VAL C 500 7.08 -7.08 46.22
C VAL C 500 6.53 -6.30 45.04
N SER C 501 5.58 -5.39 45.28
CA SER C 501 5.13 -4.49 44.22
C SER C 501 6.25 -3.54 43.78
N SER C 502 7.08 -3.08 44.73
CA SER C 502 8.21 -2.24 44.36
C SER C 502 9.29 -3.06 43.66
N LEU C 503 9.46 -4.32 44.08
CA LEU C 503 10.43 -5.23 43.45
C LEU C 503 10.11 -5.46 41.97
N ALA C 504 8.87 -5.86 41.69
CA ALA C 504 8.40 -6.03 40.32
C ALA C 504 8.58 -4.76 39.50
N MET C 505 8.24 -3.62 40.11
CA MET C 505 8.37 -2.33 39.42
C MET C 505 9.82 -1.97 39.11
N GLY C 506 10.73 -2.23 40.04
CA GLY C 506 12.13 -1.94 39.80
C GLY C 506 12.73 -2.79 38.68
N TRP C 507 12.45 -4.10 38.71
CA TRP C 507 12.99 -4.95 37.65
C TRP C 507 12.32 -4.68 36.31
N THR C 508 11.05 -4.23 36.30
CA THR C 508 10.50 -3.86 35.01
C THR C 508 10.99 -2.47 34.57
N ASN C 509 11.37 -1.60 35.50
CA ASN C 509 11.97 -0.31 35.13
C ASN C 509 13.41 -0.44 34.69
N LEU C 510 14.03 -1.60 34.88
CA LEU C 510 15.33 -1.87 34.26
C LEU C 510 15.30 -1.70 32.74
N LEU C 511 14.15 -1.97 32.11
CA LEU C 511 13.97 -1.82 30.66
C LEU C 511 14.13 -0.39 30.16
N TYR C 512 14.18 0.61 31.05
CA TYR C 512 14.54 1.98 30.68
C TYR C 512 15.88 2.06 29.97
N TYR C 513 16.88 1.34 30.48
CA TYR C 513 18.22 1.43 29.94
C TYR C 513 18.40 0.69 28.63
N THR C 514 17.33 0.07 28.10
CA THR C 514 17.37 -0.53 26.78
C THR C 514 17.53 0.50 25.66
N ARG C 515 17.34 1.79 25.95
CA ARG C 515 17.43 2.84 24.93
C ARG C 515 18.83 2.98 24.34
N GLY C 516 19.85 2.55 25.08
CA GLY C 516 21.21 2.63 24.57
C GLY C 516 21.45 1.76 23.35
N PHE C 517 20.98 0.52 23.39
CA PHE C 517 21.01 -0.32 22.22
C PHE C 517 19.84 0.05 21.30
N GLN C 518 20.03 -0.21 20.00
CA GLN C 518 19.10 0.30 19.00
C GLN C 518 17.76 -0.45 19.04
N HIS C 519 17.82 -1.77 18.86
CA HIS C 519 16.61 -2.57 18.68
C HIS C 519 15.79 -2.63 19.98
N THR C 520 16.48 -2.82 21.10
CA THR C 520 15.81 -2.84 22.40
C THR C 520 15.18 -1.49 22.72
N GLY C 521 15.87 -0.40 22.37
CA GLY C 521 15.33 0.93 22.63
C GLY C 521 14.07 1.22 21.82
N ILE C 522 14.11 0.93 20.51
CA ILE C 522 12.94 1.17 19.68
C ILE C 522 11.81 0.23 20.06
N TYR C 523 12.14 -0.98 20.53
CA TYR C 523 11.13 -1.92 20.99
C TYR C 523 10.44 -1.41 22.24
N SER C 524 11.20 -0.87 23.18
CA SER C 524 10.63 -0.32 24.41
C SER C 524 9.83 0.94 24.12
N VAL C 525 10.26 1.73 23.13
CA VAL C 525 9.51 2.91 22.73
C VAL C 525 8.16 2.51 22.13
N MET C 526 8.16 1.47 21.29
CA MET C 526 6.91 0.98 20.74
C MET C 526 6.01 0.39 21.81
N ILE C 527 6.60 -0.28 22.80
CA ILE C 527 5.83 -0.86 23.90
C ILE C 527 5.17 0.23 24.73
N GLU C 528 5.91 1.29 25.06
CA GLU C 528 5.34 2.39 25.82
C GLU C 528 4.29 3.15 25.02
N LYS C 529 4.50 3.30 23.70
CA LYS C 529 3.52 3.97 22.85
C LYS C 529 2.22 3.19 22.76
N VAL C 530 2.31 1.87 22.56
CA VAL C 530 1.11 1.04 22.46
C VAL C 530 0.42 0.92 23.81
N ILE C 531 1.18 0.95 24.91
CA ILE C 531 0.60 0.95 26.24
C ILE C 531 -0.20 2.23 26.46
N LEU C 532 0.39 3.38 26.11
CA LEU C 532 -0.31 4.65 26.20
C LEU C 532 -1.52 4.70 25.26
N ARG C 533 -1.47 3.95 24.17
CA ARG C 533 -2.61 3.93 23.25
C ARG C 533 -3.79 3.14 23.82
N ASP C 534 -3.53 1.93 24.35
CA ASP C 534 -4.60 0.98 24.57
C ASP C 534 -4.91 0.65 26.02
N LEU C 535 -3.95 0.86 26.94
CA LEU C 535 -3.98 0.23 28.26
C LEU C 535 -5.12 0.75 29.12
N LEU C 536 -5.27 2.08 29.21
CA LEU C 536 -6.27 2.70 30.07
C LEU C 536 -7.68 2.36 29.62
N ARG C 537 -7.93 2.42 28.31
CA ARG C 537 -9.24 2.10 27.76
C ARG C 537 -9.60 0.63 28.00
N PHE C 538 -8.70 -0.29 27.64
CA PHE C 538 -9.01 -1.71 27.81
C PHE C 538 -9.12 -2.09 29.28
N LEU C 539 -8.35 -1.43 30.14
CA LEU C 539 -8.45 -1.65 31.58
C LEU C 539 -9.80 -1.19 32.12
N LEU C 540 -10.33 -0.08 31.60
CA LEU C 540 -11.64 0.39 32.07
C LEU C 540 -12.75 -0.54 31.61
N VAL C 541 -12.63 -1.07 30.37
CA VAL C 541 -13.58 -2.06 29.87
C VAL C 541 -13.57 -3.30 30.74
N TYR C 542 -12.37 -3.83 31.02
CA TYR C 542 -12.24 -5.08 31.74
C TYR C 542 -12.65 -4.91 33.19
N LEU C 543 -12.39 -3.73 33.77
CA LEU C 543 -12.83 -3.45 35.14
C LEU C 543 -14.34 -3.35 35.24
N VAL C 544 -14.99 -2.75 34.24
CA VAL C 544 -16.45 -2.65 34.23
C VAL C 544 -17.08 -4.05 34.15
N PHE C 545 -16.59 -4.88 33.23
CA PHE C 545 -17.13 -6.24 33.09
C PHE C 545 -16.77 -7.11 34.30
N LEU C 546 -15.63 -6.84 34.93
CA LEU C 546 -15.21 -7.62 36.09
C LEU C 546 -16.08 -7.31 37.31
N PHE C 547 -16.39 -6.03 37.54
CA PHE C 547 -17.33 -5.69 38.61
C PHE C 547 -18.73 -6.23 38.32
N GLY C 548 -19.12 -6.25 37.04
CA GLY C 548 -20.40 -6.87 36.68
C GLY C 548 -20.46 -8.34 37.03
N PHE C 549 -19.47 -9.11 36.55
CA PHE C 549 -19.41 -10.56 36.83
C PHE C 549 -19.21 -10.84 38.31
N ALA C 550 -18.51 -9.95 39.02
CA ALA C 550 -18.24 -10.13 40.44
C ALA C 550 -19.51 -9.97 41.27
N VAL C 551 -20.26 -8.88 41.04
CA VAL C 551 -21.52 -8.67 41.75
C VAL C 551 -22.55 -9.72 41.34
N ALA C 552 -22.44 -10.22 40.10
CA ALA C 552 -23.28 -11.32 39.63
C ALA C 552 -23.02 -12.60 40.43
N LEU C 553 -21.75 -12.98 40.61
CA LEU C 553 -21.44 -14.17 41.40
C LEU C 553 -21.73 -13.94 42.87
N VAL C 554 -21.69 -12.68 43.33
CA VAL C 554 -22.03 -12.36 44.71
C VAL C 554 -23.53 -12.59 44.95
N SER C 555 -24.36 -12.17 44.01
CA SER C 555 -25.79 -12.50 44.08
C SER C 555 -26.02 -14.00 43.88
N LEU C 556 -25.16 -14.66 43.10
CA LEU C 556 -25.34 -16.08 42.78
C LEU C 556 -24.98 -16.98 43.96
N SER C 557 -24.07 -16.54 44.83
CA SER C 557 -23.69 -17.32 46.01
C SER C 557 -24.16 -16.65 47.29
N ARG C 589 -20.66 -14.15 50.28
CA ARG C 589 -19.57 -13.51 49.57
C ARG C 589 -20.05 -12.25 48.83
N SER C 590 -19.61 -11.09 49.31
CA SER C 590 -19.93 -9.82 48.66
C SER C 590 -19.08 -9.63 47.41
N ILE C 591 -19.25 -8.45 46.79
CA ILE C 591 -18.63 -8.16 45.50
C ILE C 591 -17.11 -8.10 45.60
N LEU C 592 -16.56 -7.79 46.78
CA LEU C 592 -15.11 -7.79 46.94
C LEU C 592 -14.57 -9.21 46.97
N ASP C 593 -15.18 -10.08 47.80
CA ASP C 593 -14.74 -11.46 47.89
C ASP C 593 -15.04 -12.22 46.60
N ALA C 594 -16.21 -11.97 46.01
CA ALA C 594 -16.53 -12.57 44.72
C ALA C 594 -15.62 -12.03 43.62
N SER C 595 -15.16 -10.78 43.76
CA SER C 595 -14.24 -10.21 42.79
C SER C 595 -12.88 -10.89 42.84
N LEU C 596 -12.35 -11.09 44.05
CA LEU C 596 -11.11 -11.83 44.20
C LEU C 596 -11.24 -13.27 43.73
N GLU C 597 -12.38 -13.90 44.04
CA GLU C 597 -12.62 -15.28 43.62
C GLU C 597 -12.76 -15.40 42.11
N LEU C 598 -13.46 -14.45 41.46
CA LEU C 598 -13.61 -14.48 40.01
C LEU C 598 -12.29 -14.18 39.32
N PHE C 599 -11.50 -13.26 39.88
CA PHE C 599 -10.21 -12.93 39.28
C PHE C 599 -9.25 -14.11 39.37
N LYS C 600 -9.25 -14.83 40.49
CA LYS C 600 -8.43 -16.04 40.54
C LYS C 600 -9.09 -17.22 39.83
N PHE C 601 -10.38 -17.12 39.50
CA PHE C 601 -11.03 -18.16 38.73
C PHE C 601 -10.65 -18.08 37.25
N THR C 602 -10.67 -16.87 36.69
CA THR C 602 -10.31 -16.71 35.28
C THR C 602 -8.83 -16.96 35.04
N ILE C 603 -7.99 -16.71 36.06
CA ILE C 603 -6.57 -16.98 35.94
C ILE C 603 -6.28 -18.47 36.02
N GLY C 604 -7.22 -19.27 36.53
CA GLY C 604 -7.03 -20.70 36.67
C GLY C 604 -6.35 -21.13 37.95
N MET C 605 -6.07 -20.21 38.87
CA MET C 605 -5.39 -20.57 40.12
C MET C 605 -6.31 -21.37 41.04
N GLY C 606 -7.43 -20.77 41.43
CA GLY C 606 -8.37 -21.44 42.31
C GLY C 606 -7.90 -21.59 43.74
N ARG C 615 -28.90 -28.08 36.69
CA ARG C 615 -29.39 -26.71 36.67
C ARG C 615 -28.29 -25.74 37.07
N PHE C 616 -27.67 -26.01 38.22
CA PHE C 616 -26.56 -25.19 38.70
C PHE C 616 -25.38 -25.20 37.74
N ARG C 617 -25.02 -26.41 37.26
CA ARG C 617 -23.92 -26.55 36.32
C ARG C 617 -24.24 -25.85 35.01
N GLY C 618 -25.53 -25.83 34.62
CA GLY C 618 -25.93 -25.10 33.45
C GLY C 618 -25.72 -23.60 33.58
N VAL C 619 -26.07 -23.04 34.73
CA VAL C 619 -25.89 -21.61 34.97
C VAL C 619 -24.41 -21.24 35.02
N VAL C 620 -23.61 -22.07 35.70
CA VAL C 620 -22.17 -21.83 35.80
C VAL C 620 -21.52 -21.93 34.42
N LEU C 621 -21.92 -22.92 33.61
CA LEU C 621 -21.35 -23.05 32.27
C LEU C 621 -21.81 -21.92 31.36
N LEU C 622 -23.04 -21.43 31.55
CA LEU C 622 -23.52 -20.32 30.74
C LEU C 622 -22.75 -19.04 31.06
N LEU C 623 -22.42 -18.84 32.34
CA LEU C 623 -21.54 -17.73 32.73
C LEU C 623 -20.15 -17.90 32.14
N LEU C 624 -19.63 -19.15 32.13
CA LEU C 624 -18.32 -19.42 31.55
C LEU C 624 -18.30 -19.20 30.04
N LEU C 625 -19.34 -19.66 29.34
CA LEU C 625 -19.46 -19.45 27.91
C LEU C 625 -19.53 -17.96 27.57
N ALA C 626 -20.35 -17.22 28.31
CA ALA C 626 -20.50 -15.79 28.08
C ALA C 626 -19.19 -15.05 28.33
N TYR C 627 -18.50 -15.38 29.42
CA TYR C 627 -17.25 -14.71 29.74
C TYR C 627 -16.15 -15.07 28.75
N VAL C 628 -16.04 -16.34 28.36
CA VAL C 628 -14.95 -16.76 27.49
C VAL C 628 -15.11 -16.16 26.09
N LEU C 629 -16.32 -16.23 25.52
CA LEU C 629 -16.51 -15.66 24.19
C LEU C 629 -16.46 -14.14 24.21
N LEU C 630 -16.93 -13.50 25.30
CA LEU C 630 -16.81 -12.05 25.41
C LEU C 630 -15.36 -11.61 25.57
N THR C 631 -14.57 -12.39 26.32
CA THR C 631 -13.14 -12.12 26.44
C THR C 631 -12.43 -12.33 25.12
N TYR C 632 -12.88 -13.30 24.33
CA TYR C 632 -12.37 -13.47 22.97
C TYR C 632 -12.72 -12.27 22.10
N VAL C 633 -13.94 -11.73 22.26
CA VAL C 633 -14.33 -10.53 21.52
C VAL C 633 -13.44 -9.35 21.88
N LEU C 634 -13.19 -9.14 23.17
CA LEU C 634 -12.33 -8.03 23.60
C LEU C 634 -10.88 -8.25 23.19
N LEU C 635 -10.41 -9.50 23.20
CA LEU C 635 -9.03 -9.77 22.80
C LEU C 635 -8.84 -9.57 21.30
N LEU C 636 -9.81 -10.02 20.50
CA LEU C 636 -9.81 -9.74 19.06
C LEU C 636 -9.90 -8.25 18.79
N ASN C 637 -10.70 -7.53 19.57
CA ASN C 637 -10.83 -6.08 19.43
C ASN C 637 -9.52 -5.37 19.70
N MET C 638 -8.83 -5.75 20.78
CA MET C 638 -7.54 -5.13 21.09
C MET C 638 -6.50 -5.52 20.06
N LEU C 639 -6.61 -6.74 19.51
CA LEU C 639 -5.73 -7.18 18.44
C LEU C 639 -5.90 -6.34 17.18
N ILE C 640 -7.14 -6.17 16.73
CA ILE C 640 -7.38 -5.42 15.49
C ILE C 640 -7.14 -3.93 15.72
N ALA C 641 -7.34 -3.44 16.95
CA ALA C 641 -7.05 -2.05 17.25
C ALA C 641 -5.55 -1.77 17.22
N LEU C 642 -4.75 -2.68 17.79
CA LEU C 642 -3.29 -2.55 17.71
C LEU C 642 -2.81 -2.69 16.27
N MET C 643 -3.43 -3.58 15.49
CA MET C 643 -3.08 -3.74 14.08
C MET C 643 -3.41 -2.49 13.27
N SER C 644 -4.60 -1.92 13.49
CA SER C 644 -5.01 -0.74 12.73
C SER C 644 -4.19 0.47 13.12
N GLU C 645 -3.84 0.59 14.41
CA GLU C 645 -2.97 1.67 14.86
C GLU C 645 -1.58 1.53 14.27
N THR C 646 -1.04 0.31 14.25
CA THR C 646 0.30 0.07 13.70
C THR C 646 0.33 0.30 12.19
N VAL C 647 -0.74 -0.06 11.49
CA VAL C 647 -0.83 0.13 10.05
C VAL C 647 -1.00 1.61 9.77
N ASN C 648 -1.64 2.32 10.70
CA ASN C 648 -1.80 3.76 10.58
C ASN C 648 -0.58 4.49 11.13
N SER C 649 0.30 3.77 11.83
CA SER C 649 1.46 4.40 12.46
C SER C 649 2.49 4.80 11.42
N VAL C 650 3.17 5.89 11.71
CA VAL C 650 4.36 6.24 10.95
C VAL C 650 5.51 5.39 11.45
N ALA C 651 6.29 4.84 10.52
CA ALA C 651 7.34 3.90 10.87
C ALA C 651 8.73 4.41 10.55
N THR C 652 8.85 5.57 9.91
CA THR C 652 10.17 6.12 9.61
C THR C 652 10.74 6.87 10.81
N ASP C 653 9.89 7.57 11.56
CA ASP C 653 10.34 8.56 12.53
C ASP C 653 10.81 7.94 13.84
N SER C 654 10.83 6.62 13.94
CA SER C 654 11.31 5.97 15.16
C SER C 654 12.80 6.22 15.36
N TRP C 655 13.55 6.35 14.26
CA TRP C 655 14.96 6.73 14.37
C TRP C 655 15.09 8.14 14.92
N SER C 656 14.20 9.04 14.49
CA SER C 656 14.20 10.38 15.04
C SER C 656 13.82 10.37 16.50
N ILE C 657 12.87 9.51 16.88
CA ILE C 657 12.49 9.38 18.28
C ILE C 657 13.65 8.86 19.11
N TRP C 658 14.42 7.92 18.56
CA TRP C 658 15.57 7.38 19.28
C TRP C 658 16.65 8.45 19.45
N LYS C 659 16.86 9.26 18.41
CA LYS C 659 17.78 10.39 18.51
C LYS C 659 17.31 11.39 19.55
N LEU C 660 16.00 11.58 19.63
CA LEU C 660 15.43 12.49 20.61
C LEU C 660 15.66 11.98 22.03
N GLN C 661 15.46 10.68 22.24
CA GLN C 661 15.67 10.08 23.55
C GLN C 661 17.13 10.16 23.96
N LYS C 662 18.04 9.94 23.00
CA LYS C 662 19.46 10.09 23.28
C LYS C 662 19.79 11.54 23.61
N ALA C 663 19.10 12.49 22.96
CA ALA C 663 19.31 13.91 23.25
C ALA C 663 18.86 14.26 24.67
N ILE C 664 17.70 13.74 25.06
CA ILE C 664 17.20 13.89 26.43
C ILE C 664 18.23 13.34 27.41
N SER C 665 18.73 12.14 27.12
CA SER C 665 19.63 11.48 28.05
C SER C 665 20.97 12.21 28.14
N VAL C 666 21.48 12.73 27.02
CA VAL C 666 22.78 13.38 27.07
C VAL C 666 22.67 14.72 27.78
N LEU C 667 21.53 15.40 27.66
CA LEU C 667 21.35 16.63 28.42
C LEU C 667 21.23 16.36 29.92
N GLU C 668 20.52 15.29 30.28
CA GLU C 668 20.41 14.95 31.69
C GLU C 668 21.75 14.53 32.28
N MET C 669 22.55 13.77 31.53
CA MET C 669 23.83 13.32 32.07
C MET C 669 24.83 14.45 32.12
N GLU C 670 24.72 15.43 31.22
CA GLU C 670 25.56 16.61 31.34
C GLU C 670 25.13 17.49 32.51
N ASN C 671 23.85 17.43 32.90
CA ASN C 671 23.46 18.15 34.12
C ASN C 671 24.13 17.55 35.35
N GLY C 672 24.38 16.24 35.36
CA GLY C 672 25.09 15.61 36.45
C GLY C 672 24.20 15.09 37.57
N TYR C 673 24.87 14.54 38.58
CA TYR C 673 24.22 13.91 39.72
C TYR C 673 23.85 14.99 40.75
N TRP C 674 23.60 14.55 41.99
CA TRP C 674 23.52 15.48 43.12
C TRP C 674 24.79 16.32 43.23
N TRP C 675 25.95 15.70 43.07
CA TRP C 675 27.15 16.45 42.77
C TRP C 675 27.08 16.97 41.35
N CYS C 676 27.40 18.26 41.16
CA CYS C 676 27.26 18.90 39.87
C CYS C 676 28.31 18.41 38.88
N ARG C 677 27.93 18.40 37.60
CA ARG C 677 28.83 18.12 36.50
C ARG C 677 29.49 19.38 35.97
N ARG C 678 29.86 20.31 36.85
CA ARG C 678 30.29 21.65 36.49
C ARG C 678 31.60 21.68 35.72
N LYS C 679 31.97 22.88 35.26
CA LYS C 679 33.08 23.14 34.35
C LYS C 679 32.94 22.37 33.05
N LYS C 680 31.71 22.21 32.56
CA LYS C 680 31.43 21.49 31.33
C LYS C 680 32.10 22.16 30.15
N GLN C 681 32.69 21.34 29.27
CA GLN C 681 33.51 21.87 28.19
C GLN C 681 32.64 22.47 27.11
N ARG C 682 32.99 23.70 26.69
CA ARG C 682 32.41 24.28 25.48
C ARG C 682 32.76 23.41 24.29
N ALA C 683 31.75 23.12 23.47
CA ALA C 683 32.02 22.35 22.28
C ALA C 683 32.71 23.21 21.22
N GLY C 684 33.21 22.54 20.20
CA GLY C 684 33.79 23.20 19.06
C GLY C 684 35.07 23.99 19.32
N VAL C 685 35.50 24.67 18.27
CA VAL C 685 36.80 25.31 18.22
C VAL C 685 36.64 26.74 17.75
N MET C 686 37.41 27.64 18.34
CA MET C 686 37.37 29.04 17.99
C MET C 686 38.23 29.26 16.76
N LEU C 687 37.74 30.05 15.82
CA LEU C 687 38.40 30.27 14.56
C LEU C 687 38.24 31.73 14.18
N THR C 688 38.77 32.09 13.02
CA THR C 688 38.52 33.38 12.41
C THR C 688 37.79 33.18 11.10
N VAL C 689 36.55 33.65 11.03
CA VAL C 689 35.79 33.49 9.80
C VAL C 689 36.16 34.56 8.80
N GLY C 690 36.56 35.73 9.27
CA GLY C 690 36.88 36.82 8.38
C GLY C 690 36.84 38.14 9.11
N THR C 691 36.60 39.20 8.35
CA THR C 691 36.35 40.52 8.91
C THR C 691 34.97 40.98 8.49
N ARG C 692 34.30 41.70 9.37
CA ARG C 692 32.98 42.25 9.14
C ARG C 692 33.04 43.40 8.12
N PRO C 693 31.89 44.02 7.80
CA PRO C 693 31.97 45.41 7.32
C PRO C 693 32.66 46.34 8.31
N ASP C 694 32.48 46.10 9.61
CA ASP C 694 33.40 46.68 10.58
C ASP C 694 34.81 46.15 10.34
N GLY C 695 35.80 47.02 10.52
CA GLY C 695 37.18 46.65 10.24
C GLY C 695 37.73 45.59 11.18
N SER C 696 37.17 45.49 12.38
CA SER C 696 37.56 44.45 13.32
C SER C 696 37.16 43.08 12.76
N PRO C 697 37.92 42.04 13.07
CA PRO C 697 37.69 40.73 12.46
C PRO C 697 36.58 39.96 13.16
N ASP C 698 36.08 38.96 12.46
CA ASP C 698 35.10 38.03 13.00
C ASP C 698 35.83 36.86 13.60
N GLU C 699 35.42 36.48 14.80
CA GLU C 699 35.96 35.29 15.46
C GLU C 699 34.79 34.53 16.06
N ARG C 700 34.67 33.26 15.70
CA ARG C 700 33.51 32.49 16.08
C ARG C 700 33.94 31.10 16.49
N TRP C 701 33.08 30.43 17.22
CA TRP C 701 33.25 29.02 17.52
C TRP C 701 32.64 28.20 16.41
N CYS C 702 33.16 27.00 16.19
CA CYS C 702 32.84 26.31 14.96
C CYS C 702 32.89 24.80 15.15
N PHE C 703 32.18 24.10 14.26
CA PHE C 703 32.04 22.66 14.29
C PHE C 703 32.09 22.13 12.87
N ARG C 704 32.63 20.93 12.69
CA ARG C 704 32.87 20.39 11.36
C ARG C 704 31.86 19.31 11.02
N VAL C 705 31.74 19.02 9.72
CA VAL C 705 30.87 17.96 9.24
C VAL C 705 31.38 17.49 7.89
N GLY C 706 31.14 16.23 7.57
CA GLY C 706 31.53 15.67 6.28
C GLY C 706 30.32 15.36 5.42
N GLU C 707 30.51 15.44 4.11
CA GLU C 707 29.47 15.12 3.14
C GLU C 707 30.08 14.47 1.91
N MET C 708 29.28 13.63 1.24
CA MET C 708 29.70 12.99 0.00
C MET C 708 28.63 13.25 -1.05
N ASN C 709 29.00 13.92 -2.14
CA ASN C 709 28.02 14.30 -3.17
C ASN C 709 28.63 14.09 -4.55
N TRP C 710 27.88 13.42 -5.42
CA TRP C 710 28.37 13.03 -6.73
C TRP C 710 27.88 13.91 -7.86
N ALA C 711 27.07 14.92 -7.55
CA ALA C 711 26.69 15.89 -8.57
C ALA C 711 27.69 17.01 -8.71
N THR C 712 28.87 16.86 -8.11
CA THR C 712 29.82 17.96 -7.99
C THR C 712 30.42 18.37 -9.33
N TRP C 713 30.38 17.49 -10.34
CA TRP C 713 30.87 17.91 -11.64
C TRP C 713 29.84 18.78 -12.36
N GLU C 714 28.57 18.66 -11.96
CA GLU C 714 27.54 19.54 -12.49
C GLU C 714 27.63 20.94 -11.89
N GLN C 715 27.97 21.05 -10.61
CA GLN C 715 27.98 22.33 -9.90
C GLN C 715 29.33 22.50 -9.22
N THR C 716 30.07 23.53 -9.64
CA THR C 716 31.46 23.70 -9.24
C THR C 716 31.58 24.09 -7.76
N LEU C 717 32.81 24.01 -7.27
CA LEU C 717 33.11 24.09 -5.85
C LEU C 717 32.96 25.52 -5.32
N PRO C 718 32.62 25.66 -4.04
CA PRO C 718 32.56 26.98 -3.42
C PRO C 718 33.90 27.37 -2.79
N ARG C 719 33.92 28.58 -2.23
CA ARG C 719 35.13 29.12 -1.62
C ARG C 719 35.45 28.41 -0.31
N THR C 720 36.73 28.15 -0.10
CA THR C 720 37.21 27.42 1.07
C THR C 720 38.43 28.13 1.63
N LEU C 721 38.41 28.44 2.93
CA LEU C 721 39.53 29.13 3.54
C LEU C 721 40.71 28.20 3.75
N CYS C 722 40.46 26.99 4.22
CA CYS C 722 41.53 26.05 4.48
C CYS C 722 41.97 25.41 3.18
N GLU C 723 43.26 25.49 2.90
CA GLU C 723 43.80 25.00 1.64
C GLU C 723 43.84 23.49 1.60
N GLU C 724 44.56 22.90 2.53
CA GLU C 724 44.75 21.48 2.56
C GLU C 724 43.86 20.86 3.63
N PRO C 725 43.51 19.59 3.50
CA PRO C 725 42.81 18.91 4.60
C PRO C 725 43.66 18.85 5.86
N SER C 726 43.16 19.47 6.91
CA SER C 726 43.90 19.63 8.16
C SER C 726 43.21 18.88 9.28
N GLY C 727 43.93 17.92 9.86
CA GLY C 727 43.47 17.06 10.96
C GLY C 727 42.15 16.37 10.66
N ASP D 74 -52.93 0.72 -47.72
CA ASP D 74 -52.75 -0.41 -46.83
C ASP D 74 -51.65 -0.10 -45.82
N ARG D 75 -51.75 -0.71 -44.64
CA ARG D 75 -50.89 -0.34 -43.53
C ARG D 75 -49.43 -0.74 -43.77
N ASP D 76 -49.19 -1.89 -44.37
CA ASP D 76 -47.82 -2.29 -44.70
C ASP D 76 -47.26 -1.40 -45.78
N ARG D 77 -48.07 -1.13 -46.80
CA ARG D 77 -47.77 -0.14 -47.82
C ARG D 77 -47.48 1.22 -47.20
N LEU D 78 -48.26 1.61 -46.20
CA LEU D 78 -48.13 2.91 -45.57
C LEU D 78 -46.82 3.01 -44.79
N PHE D 79 -46.47 1.95 -44.06
CA PHE D 79 -45.23 1.93 -43.31
C PHE D 79 -44.03 1.94 -44.25
N ASN D 80 -44.13 1.26 -45.39
CA ASN D 80 -43.05 1.32 -46.37
C ASN D 80 -42.96 2.71 -46.99
N VAL D 81 -44.09 3.41 -47.12
CA VAL D 81 -44.06 4.78 -47.61
C VAL D 81 -43.31 5.68 -46.65
N VAL D 82 -43.67 5.61 -45.35
CA VAL D 82 -43.08 6.55 -44.40
C VAL D 82 -41.63 6.21 -44.11
N ALA D 83 -41.29 4.93 -44.06
CA ALA D 83 -39.88 4.56 -43.92
C ALA D 83 -39.10 4.91 -45.17
N ARG D 84 -39.75 4.84 -46.33
CA ARG D 84 -39.12 5.37 -47.54
C ARG D 84 -39.04 6.88 -47.51
N GLY D 85 -40.04 7.54 -46.90
CA GLY D 85 -40.08 8.98 -46.90
C GLY D 85 -40.34 9.60 -48.24
N ASN D 86 -41.07 8.92 -49.12
CA ASN D 86 -41.37 9.44 -50.44
C ASN D 86 -42.72 10.14 -50.40
N PRO D 87 -42.76 11.45 -50.63
CA PRO D 87 -44.04 12.17 -50.56
C PRO D 87 -45.01 11.83 -51.69
N GLU D 88 -44.49 11.74 -52.91
CA GLU D 88 -45.32 11.46 -54.07
C GLU D 88 -45.86 10.03 -54.04
N ASP D 89 -45.13 9.12 -53.39
CA ASP D 89 -45.67 7.77 -53.18
C ASP D 89 -46.88 7.80 -52.25
N LEU D 90 -46.93 8.77 -51.34
CA LEU D 90 -48.07 8.94 -50.46
C LEU D 90 -49.19 9.73 -51.12
N ALA D 91 -48.97 10.28 -52.30
CA ALA D 91 -50.00 11.07 -52.96
C ALA D 91 -51.17 10.19 -53.36
N GLY D 92 -52.38 10.73 -53.23
CA GLY D 92 -53.59 9.98 -53.48
C GLY D 92 -54.12 9.23 -52.28
N LEU D 93 -53.30 9.05 -51.23
CA LEU D 93 -53.77 8.41 -50.01
C LEU D 93 -54.80 9.29 -49.30
N LEU D 94 -54.71 10.61 -49.47
CA LEU D 94 -55.73 11.49 -48.91
C LEU D 94 -57.08 11.27 -49.56
N GLU D 95 -57.09 11.12 -50.89
CA GLU D 95 -58.32 10.75 -51.58
C GLU D 95 -58.75 9.33 -51.20
N TYR D 96 -57.79 8.46 -50.94
CA TYR D 96 -58.09 7.11 -50.47
C TYR D 96 -58.78 7.13 -49.11
N LEU D 97 -58.42 8.09 -48.27
CA LEU D 97 -59.08 8.23 -46.98
C LEU D 97 -60.42 8.90 -47.12
N ARG D 98 -60.53 9.83 -48.07
CA ARG D 98 -61.81 10.48 -48.36
C ARG D 98 -62.83 9.46 -48.85
N ARG D 99 -62.39 8.53 -49.69
CA ARG D 99 -63.28 7.46 -50.13
C ARG D 99 -63.52 6.45 -49.02
N THR D 100 -62.47 6.14 -48.25
CA THR D 100 -62.58 5.09 -47.24
C THR D 100 -63.42 5.53 -46.06
N SER D 101 -63.39 6.83 -45.73
CA SER D 101 -64.14 7.44 -44.63
C SER D 101 -63.82 6.79 -43.29
N LYS D 102 -62.53 6.58 -43.04
CA LYS D 102 -62.02 6.11 -41.78
C LYS D 102 -60.99 7.12 -41.28
N TYR D 103 -60.34 6.80 -40.16
CA TYR D 103 -59.42 7.71 -39.51
C TYR D 103 -58.05 7.07 -39.31
N LEU D 104 -57.03 7.91 -39.28
CA LEU D 104 -55.68 7.41 -39.06
C LEU D 104 -55.46 6.96 -37.62
N THR D 105 -56.35 7.33 -36.70
CA THR D 105 -56.27 6.84 -35.33
C THR D 105 -56.99 5.51 -35.14
N ASP D 106 -57.60 4.97 -36.20
CA ASP D 106 -58.31 3.71 -36.08
C ASP D 106 -57.33 2.55 -35.90
N SER D 107 -57.77 1.54 -35.16
CA SER D 107 -56.90 0.44 -34.75
C SER D 107 -56.39 -0.41 -35.91
N GLU D 108 -57.06 -0.34 -37.08
CA GLU D 108 -56.62 -1.10 -38.24
C GLU D 108 -55.24 -0.66 -38.72
N TYR D 109 -54.93 0.62 -38.59
CA TYR D 109 -53.65 1.16 -39.02
C TYR D 109 -52.68 1.29 -37.85
N THR D 110 -52.93 0.57 -36.77
CA THR D 110 -52.06 0.55 -35.61
C THR D 110 -51.66 -0.89 -35.35
N GLU D 111 -50.49 -1.08 -34.77
CA GLU D 111 -50.15 -2.41 -34.29
C GLU D 111 -50.95 -2.72 -33.04
N GLY D 112 -51.19 -4.01 -32.81
CA GLY D 112 -52.09 -4.41 -31.74
C GLY D 112 -51.45 -4.26 -30.37
N SER D 113 -50.42 -5.04 -30.09
CA SER D 113 -49.72 -4.96 -28.82
C SER D 113 -48.76 -3.78 -28.88
N THR D 114 -48.82 -2.93 -27.85
CA THR D 114 -48.07 -1.67 -27.74
C THR D 114 -48.39 -0.78 -28.93
N GLY D 115 -49.61 -0.28 -28.93
CA GLY D 115 -50.15 0.34 -30.11
C GLY D 115 -49.51 1.66 -30.49
N LYS D 116 -48.54 1.60 -31.39
CA LYS D 116 -47.91 2.79 -31.92
C LYS D 116 -48.53 3.10 -33.26
N THR D 117 -48.11 4.21 -33.85
CA THR D 117 -48.76 4.68 -35.05
C THR D 117 -47.77 4.76 -36.19
N CYS D 118 -48.30 5.16 -37.34
CA CYS D 118 -47.46 5.42 -38.50
C CYS D 118 -46.57 6.62 -38.27
N LEU D 119 -47.05 7.60 -37.50
CA LEU D 119 -46.28 8.80 -37.25
C LEU D 119 -45.04 8.50 -36.44
N MET D 120 -45.18 7.67 -35.41
CA MET D 120 -44.03 7.29 -34.59
C MET D 120 -43.02 6.49 -35.40
N LYS D 121 -43.52 5.63 -36.29
CA LYS D 121 -42.64 4.90 -37.20
C LYS D 121 -41.95 5.85 -38.17
N ALA D 122 -42.63 6.93 -38.55
CA ALA D 122 -42.01 7.92 -39.41
C ALA D 122 -40.90 8.65 -38.67
N VAL D 123 -41.16 9.03 -37.43
CA VAL D 123 -40.19 9.79 -36.66
C VAL D 123 -38.99 8.92 -36.29
N LEU D 124 -39.20 7.62 -36.12
CA LEU D 124 -38.08 6.71 -35.92
C LEU D 124 -37.17 6.62 -37.14
N ASN D 125 -37.69 6.90 -38.32
CA ASN D 125 -36.97 6.68 -39.56
C ASN D 125 -36.73 8.04 -40.20
N LEU D 126 -35.57 8.62 -39.94
CA LEU D 126 -35.23 9.95 -40.40
C LEU D 126 -34.10 9.88 -41.40
N GLN D 127 -34.28 10.55 -42.53
CA GLN D 127 -33.28 10.57 -43.59
C GLN D 127 -32.43 11.82 -43.38
N ASP D 128 -31.27 11.62 -42.75
CA ASP D 128 -30.25 12.66 -42.53
C ASP D 128 -30.80 13.83 -41.72
N GLY D 129 -31.60 13.53 -40.72
CA GLY D 129 -32.10 14.52 -39.81
C GLY D 129 -33.50 15.00 -40.10
N VAL D 130 -34.05 14.66 -41.26
CA VAL D 130 -35.37 15.14 -41.65
C VAL D 130 -36.16 14.00 -42.27
N ASN D 131 -37.42 14.29 -42.55
CA ASN D 131 -38.35 13.35 -43.16
C ASN D 131 -39.43 14.19 -43.82
N ALA D 132 -39.70 13.90 -45.09
CA ALA D 132 -40.51 14.80 -45.89
C ALA D 132 -42.00 14.59 -45.72
N CYS D 133 -42.42 13.43 -45.26
CA CYS D 133 -43.83 13.08 -45.27
C CYS D 133 -44.63 13.69 -44.12
N ILE D 134 -43.97 14.43 -43.23
CA ILE D 134 -44.58 14.73 -41.94
C ILE D 134 -45.60 15.84 -42.06
N GLN D 135 -45.18 16.98 -42.61
CA GLN D 135 -46.13 18.06 -42.86
C GLN D 135 -47.26 17.70 -43.83
N PRO D 136 -47.03 17.01 -44.97
CA PRO D 136 -48.20 16.54 -45.74
C PRO D 136 -49.06 15.53 -45.00
N LEU D 137 -48.47 14.71 -44.15
CA LEU D 137 -49.25 13.76 -43.36
C LEU D 137 -50.11 14.47 -42.33
N LEU D 138 -49.57 15.50 -41.70
CA LEU D 138 -50.35 16.26 -40.73
C LEU D 138 -51.44 17.06 -41.44
N GLU D 139 -51.14 17.55 -42.64
CA GLU D 139 -52.16 18.21 -43.44
C GLU D 139 -53.26 17.24 -43.85
N ILE D 140 -52.87 15.99 -44.12
CA ILE D 140 -53.84 14.96 -44.49
C ILE D 140 -54.75 14.65 -43.31
N ASP D 141 -54.19 14.56 -42.12
CA ASP D 141 -55.01 14.29 -40.94
C ASP D 141 -55.88 15.49 -40.59
N ARG D 142 -55.37 16.71 -40.79
CA ARG D 142 -56.15 17.91 -40.52
C ARG D 142 -57.33 18.01 -41.47
N ASP D 143 -57.09 17.76 -42.76
CA ASP D 143 -58.17 17.73 -43.74
C ASP D 143 -59.10 16.54 -43.52
N SER D 144 -58.66 15.51 -42.81
CA SER D 144 -59.49 14.32 -42.60
C SER D 144 -60.61 14.55 -41.59
N GLY D 145 -60.60 15.67 -40.89
CA GLY D 145 -61.61 15.90 -39.87
C GLY D 145 -61.44 15.03 -38.65
N ASN D 146 -60.21 14.61 -38.36
CA ASN D 146 -59.89 13.82 -37.19
C ASN D 146 -60.14 14.63 -35.93
N PRO D 147 -61.07 14.19 -35.07
CA PRO D 147 -61.34 14.94 -33.83
C PRO D 147 -60.16 14.94 -32.87
N GLN D 148 -59.64 13.76 -32.55
CA GLN D 148 -58.38 13.69 -31.84
C GLN D 148 -57.29 13.75 -32.90
N PRO D 149 -56.41 14.74 -32.85
CA PRO D 149 -55.37 14.85 -33.89
C PRO D 149 -54.36 13.73 -33.77
N LEU D 150 -53.53 13.64 -34.81
CA LEU D 150 -52.53 12.60 -34.90
C LEU D 150 -51.44 12.78 -33.87
N VAL D 151 -51.04 14.05 -33.65
CA VAL D 151 -49.80 14.35 -32.93
C VAL D 151 -49.92 13.97 -31.46
N ASN D 152 -51.04 14.31 -30.84
CA ASN D 152 -51.17 14.10 -29.41
C ASN D 152 -51.49 12.67 -29.02
N ALA D 153 -51.59 11.75 -29.99
CA ALA D 153 -51.89 10.37 -29.68
C ALA D 153 -50.74 9.69 -28.96
N GLN D 154 -51.07 8.81 -28.02
CA GLN D 154 -50.09 8.18 -27.17
C GLN D 154 -50.16 6.66 -27.28
N CYS D 155 -49.12 6.00 -26.78
CA CYS D 155 -49.09 4.56 -26.77
C CYS D 155 -49.95 4.01 -25.64
N THR D 156 -49.99 2.68 -25.54
CA THR D 156 -51.03 1.98 -24.79
C THR D 156 -50.46 1.04 -23.73
N ASP D 157 -49.30 0.48 -24.01
CA ASP D 157 -48.76 -0.64 -23.26
C ASP D 157 -48.39 -0.26 -21.83
N GLU D 158 -48.54 -1.22 -20.93
CA GLU D 158 -48.05 -1.02 -19.57
C GLU D 158 -46.54 -0.94 -19.52
N TYR D 159 -45.85 -1.50 -20.51
CA TYR D 159 -44.41 -1.32 -20.63
C TYR D 159 -44.05 0.09 -21.06
N TYR D 160 -44.97 0.77 -21.73
CA TYR D 160 -44.55 1.81 -22.65
C TYR D 160 -45.49 3.03 -22.71
N ARG D 161 -46.42 3.18 -21.75
CA ARG D 161 -47.57 4.06 -21.92
C ARG D 161 -47.19 5.52 -22.09
N GLY D 162 -48.00 6.24 -22.87
CA GLY D 162 -47.93 7.67 -22.93
C GLY D 162 -46.85 8.25 -23.80
N HIS D 163 -45.91 7.43 -24.26
CA HIS D 163 -44.80 7.84 -25.11
C HIS D 163 -45.32 8.54 -26.35
N SER D 164 -44.59 9.53 -26.84
CA SER D 164 -45.14 10.32 -27.93
C SER D 164 -44.15 10.37 -29.07
N ALA D 165 -44.57 11.06 -30.13
CA ALA D 165 -43.65 11.39 -31.19
C ALA D 165 -42.61 12.37 -30.69
N LEU D 166 -43.02 13.28 -29.81
CA LEU D 166 -42.17 14.38 -29.41
C LEU D 166 -41.01 13.88 -28.56
N HIS D 167 -41.27 12.92 -27.68
CA HIS D 167 -40.23 12.24 -26.92
C HIS D 167 -39.18 11.63 -27.84
N ILE D 168 -39.63 11.04 -28.94
CA ILE D 168 -38.71 10.42 -29.88
C ILE D 168 -37.87 11.47 -30.57
N ALA D 169 -38.53 12.52 -31.03
CA ALA D 169 -37.85 13.62 -31.72
C ALA D 169 -36.82 14.28 -30.84
N ILE D 170 -37.11 14.40 -29.55
CA ILE D 170 -36.11 14.91 -28.63
C ILE D 170 -34.99 13.91 -28.47
N GLU D 171 -35.32 12.62 -28.46
CA GLU D 171 -34.27 11.63 -28.29
C GLU D 171 -33.42 11.51 -29.55
N LYS D 172 -34.03 11.69 -30.72
CA LYS D 172 -33.28 11.63 -31.95
C LYS D 172 -32.62 12.95 -32.29
N ARG D 173 -32.74 13.96 -31.42
CA ARG D 173 -31.91 15.17 -31.42
C ARG D 173 -32.15 16.03 -32.66
N SER D 174 -33.40 16.36 -32.92
CA SER D 174 -33.77 17.15 -34.09
C SER D 174 -34.63 18.33 -33.66
N LEU D 175 -34.06 19.52 -33.70
CA LEU D 175 -34.80 20.72 -33.37
C LEU D 175 -35.92 21.00 -34.36
N GLN D 176 -35.70 20.61 -35.62
CA GLN D 176 -36.63 20.97 -36.68
C GLN D 176 -37.94 20.23 -36.53
N CYS D 177 -37.86 18.92 -36.27
CA CYS D 177 -39.06 18.13 -36.03
C CYS D 177 -39.81 18.60 -34.80
N VAL D 178 -39.08 19.01 -33.77
CA VAL D 178 -39.69 19.55 -32.56
C VAL D 178 -40.47 20.82 -32.89
N LYS D 179 -39.85 21.71 -33.66
CA LYS D 179 -40.52 22.92 -34.10
C LYS D 179 -41.74 22.62 -34.93
N LEU D 180 -41.67 21.57 -35.75
CA LEU D 180 -42.80 21.19 -36.58
C LEU D 180 -43.95 20.66 -35.73
N LEU D 181 -43.66 19.79 -34.78
CA LEU D 181 -44.69 19.22 -33.93
C LEU D 181 -45.35 20.29 -33.08
N VAL D 182 -44.56 21.21 -32.52
CA VAL D 182 -45.13 22.28 -31.74
C VAL D 182 -45.94 23.21 -32.63
N GLU D 183 -45.46 23.45 -33.85
CA GLU D 183 -46.21 24.25 -34.81
C GLU D 183 -47.46 23.55 -35.29
N ASN D 184 -47.60 22.25 -35.04
CA ASN D 184 -48.81 21.53 -35.39
C ASN D 184 -49.54 21.03 -34.15
N GLY D 185 -49.35 21.70 -33.02
CA GLY D 185 -50.20 21.44 -31.88
C GLY D 185 -49.88 20.20 -31.10
N ALA D 186 -48.61 19.91 -30.87
CA ALA D 186 -48.24 18.80 -30.00
C ALA D 186 -48.55 19.15 -28.55
N ASN D 187 -48.61 18.12 -27.73
CA ASN D 187 -48.68 18.34 -26.29
C ASN D 187 -47.26 18.45 -25.76
N VAL D 188 -47.11 19.26 -24.73
CA VAL D 188 -45.85 19.40 -24.02
C VAL D 188 -45.93 18.82 -22.62
N HIS D 189 -47.13 18.72 -22.07
CA HIS D 189 -47.29 18.13 -20.75
C HIS D 189 -47.51 16.63 -20.81
N ALA D 190 -47.61 16.05 -22.01
CA ALA D 190 -47.79 14.61 -22.17
C ALA D 190 -46.60 13.84 -21.59
N LYS D 191 -46.89 12.92 -20.68
CA LYS D 191 -45.86 12.26 -19.92
C LYS D 191 -46.01 10.74 -19.95
N ALA D 192 -44.88 10.05 -19.89
CA ALA D 192 -44.81 8.62 -20.15
C ALA D 192 -44.63 7.85 -18.85
N CYS D 193 -45.65 7.07 -18.48
CA CYS D 193 -45.70 6.41 -17.18
C CYS D 193 -45.53 4.89 -17.27
N GLY D 194 -44.84 4.39 -18.28
CA GLY D 194 -44.69 2.97 -18.44
C GLY D 194 -43.65 2.37 -17.52
N HIS D 195 -43.57 1.04 -17.53
CA HIS D 195 -42.60 0.32 -16.71
C HIS D 195 -41.17 0.58 -17.16
N PHE D 196 -40.97 0.85 -18.45
CA PHE D 196 -39.65 1.23 -18.92
C PHE D 196 -39.23 2.57 -18.36
N PHE D 197 -40.18 3.43 -18.08
CA PHE D 197 -39.86 4.76 -17.56
C PHE D 197 -39.98 4.77 -16.03
N GLN D 198 -39.24 3.87 -15.40
CA GLN D 198 -39.22 3.76 -13.94
C GLN D 198 -37.81 3.41 -13.49
N LYS D 199 -37.45 3.88 -12.30
CA LYS D 199 -36.07 3.81 -11.87
C LYS D 199 -35.69 2.43 -11.33
N ASN D 200 -36.67 1.68 -10.84
CA ASN D 200 -36.36 0.48 -10.07
C ASN D 200 -35.99 -0.72 -10.95
N GLN D 201 -36.38 -0.71 -12.22
CA GLN D 201 -36.26 -1.89 -13.05
C GLN D 201 -34.81 -2.12 -13.48
N ASP D 202 -34.63 -3.08 -14.36
CA ASP D 202 -33.36 -3.29 -15.05
C ASP D 202 -33.51 -2.99 -16.53
N THR D 203 -32.40 -2.53 -17.13
CA THR D 203 -32.29 -2.07 -18.51
C THR D 203 -33.40 -1.07 -18.85
N CYS D 204 -33.47 -0.02 -18.06
CA CYS D 204 -34.51 0.97 -18.23
C CYS D 204 -33.95 2.36 -17.98
N PHE D 205 -34.70 3.35 -18.42
CA PHE D 205 -34.24 4.73 -18.49
C PHE D 205 -35.24 5.58 -17.72
N TYR D 206 -34.73 6.36 -16.77
CA TYR D 206 -35.57 7.25 -15.98
C TYR D 206 -35.06 8.67 -16.08
N PHE D 207 -35.97 9.59 -16.36
CA PHE D 207 -35.62 10.99 -16.52
C PHE D 207 -36.66 11.92 -15.92
N GLY D 208 -37.50 11.45 -15.04
CA GLY D 208 -38.75 12.14 -14.86
C GLY D 208 -39.61 11.69 -16.01
N GLU D 209 -40.59 12.48 -16.42
CA GLU D 209 -41.48 12.00 -17.47
C GLU D 209 -41.77 13.01 -18.56
N LEU D 210 -41.47 14.22 -18.37
CA LEU D 210 -41.87 15.25 -19.31
C LEU D 210 -40.83 15.44 -20.40
N PRO D 211 -41.21 16.02 -21.54
CA PRO D 211 -40.23 16.23 -22.61
C PRO D 211 -39.14 17.21 -22.24
N LEU D 212 -39.48 18.28 -21.53
CA LEU D 212 -38.48 19.25 -21.09
C LEU D 212 -37.44 18.61 -20.20
N SER D 213 -37.87 17.68 -19.36
CA SER D 213 -36.94 16.91 -18.54
C SER D 213 -36.02 16.07 -19.40
N LEU D 214 -36.56 15.52 -20.49
CA LEU D 214 -35.76 14.70 -21.39
C LEU D 214 -34.71 15.53 -22.11
N ALA D 215 -35.09 16.73 -22.52
CA ALA D 215 -34.13 17.64 -23.13
C ALA D 215 -33.04 18.02 -22.16
N ALA D 216 -33.42 18.23 -20.90
CA ALA D 216 -32.44 18.58 -19.88
C ALA D 216 -31.46 17.44 -19.64
N CYS D 217 -31.98 16.22 -19.45
CA CYS D 217 -31.13 15.08 -19.11
C CYS D 217 -30.18 14.70 -20.23
N THR D 218 -30.51 15.03 -21.47
CA THR D 218 -29.69 14.65 -22.60
C THR D 218 -28.89 15.82 -23.16
N LYS D 219 -28.68 16.86 -22.35
CA LYS D 219 -27.83 18.03 -22.59
C LYS D 219 -28.06 18.70 -23.95
N GLN D 220 -29.31 19.09 -24.18
CA GLN D 220 -29.68 19.80 -25.41
C GLN D 220 -30.20 21.16 -24.98
N TRP D 221 -29.30 22.12 -24.85
CA TRP D 221 -29.66 23.41 -24.30
C TRP D 221 -30.60 24.17 -25.24
N ASP D 222 -30.40 24.03 -26.54
CA ASP D 222 -31.21 24.73 -27.53
C ASP D 222 -32.66 24.31 -27.47
N VAL D 223 -32.92 23.02 -27.29
CA VAL D 223 -34.29 22.53 -27.21
C VAL D 223 -34.97 23.05 -25.96
N VAL D 224 -34.21 23.21 -24.88
CA VAL D 224 -34.75 23.75 -23.65
C VAL D 224 -35.12 25.21 -23.84
N ASN D 225 -34.22 25.98 -24.47
CA ASN D 225 -34.50 27.37 -24.77
C ASN D 225 -35.70 27.50 -25.68
N TYR D 226 -35.86 26.57 -26.62
CA TYR D 226 -36.97 26.60 -27.55
C TYR D 226 -38.30 26.30 -26.85
N LEU D 227 -38.30 25.27 -26.02
CA LEU D 227 -39.54 24.86 -25.36
C LEU D 227 -39.98 25.86 -24.31
N LEU D 228 -39.03 26.57 -23.73
CA LEU D 228 -39.42 27.67 -22.86
C LEU D 228 -39.90 28.86 -23.69
N GLU D 229 -39.27 29.11 -24.83
CA GLU D 229 -39.47 30.34 -25.59
C GLU D 229 -40.42 30.19 -26.77
N ASN D 230 -41.08 29.05 -26.92
CA ASN D 230 -42.01 28.89 -28.04
C ASN D 230 -43.26 29.76 -27.84
N PRO D 231 -43.86 30.23 -28.93
CA PRO D 231 -45.06 31.05 -28.79
C PRO D 231 -46.29 30.24 -28.39
N HIS D 232 -46.41 29.04 -28.93
CA HIS D 232 -47.64 28.28 -28.83
C HIS D 232 -47.87 27.69 -27.45
N GLN D 233 -47.00 26.76 -27.06
CA GLN D 233 -47.18 25.96 -25.85
C GLN D 233 -45.95 26.13 -24.96
N PRO D 234 -45.96 27.13 -24.09
CA PRO D 234 -44.80 27.32 -23.21
C PRO D 234 -44.73 26.21 -22.16
N ALA D 235 -43.52 25.67 -22.00
CA ALA D 235 -43.30 24.63 -21.01
C ALA D 235 -43.34 25.23 -19.61
N SER D 236 -43.63 24.39 -18.63
CA SER D 236 -43.73 24.83 -17.25
C SER D 236 -42.72 24.06 -16.41
N LEU D 237 -41.75 24.79 -15.85
CA LEU D 237 -40.83 24.19 -14.89
C LEU D 237 -41.56 23.75 -13.63
N GLN D 238 -42.68 24.40 -13.32
CA GLN D 238 -43.49 24.06 -12.16
C GLN D 238 -44.11 22.69 -12.29
N ALA D 239 -44.32 22.21 -13.51
CA ALA D 239 -44.99 20.95 -13.75
C ALA D 239 -44.15 19.80 -13.24
N GLN D 240 -44.82 18.73 -12.83
CA GLN D 240 -44.17 17.60 -12.21
C GLN D 240 -44.93 16.33 -12.56
N ASP D 241 -44.23 15.20 -12.47
CA ASP D 241 -44.78 13.95 -12.98
C ASP D 241 -45.70 13.31 -11.94
N SER D 242 -45.94 12.01 -12.09
CA SER D 242 -46.77 11.29 -11.14
C SER D 242 -46.13 11.23 -9.76
N LEU D 243 -44.80 11.12 -9.71
CA LEU D 243 -44.13 11.15 -8.43
C LEU D 243 -43.87 12.54 -7.91
N GLY D 244 -44.37 13.58 -8.59
CA GLY D 244 -44.17 14.94 -8.14
C GLY D 244 -42.77 15.47 -8.34
N ASN D 245 -41.93 14.76 -9.10
CA ASN D 245 -40.58 15.23 -9.35
C ASN D 245 -40.58 16.25 -10.48
N THR D 246 -39.85 17.34 -10.29
CA THR D 246 -39.65 18.31 -11.35
C THR D 246 -38.30 18.08 -12.00
N VAL D 247 -37.90 19.06 -12.81
CA VAL D 247 -36.70 18.96 -13.64
C VAL D 247 -35.46 18.82 -12.76
N LEU D 248 -35.41 19.63 -11.72
CA LEU D 248 -34.27 19.60 -10.81
C LEU D 248 -34.19 18.27 -10.09
N HIS D 249 -35.35 17.71 -9.74
CA HIS D 249 -35.39 16.40 -9.11
C HIS D 249 -34.85 15.33 -10.04
N ALA D 250 -35.18 15.43 -11.33
CA ALA D 250 -34.70 14.43 -12.27
C ALA D 250 -33.19 14.53 -12.46
N LEU D 251 -32.68 15.75 -12.56
CA LEU D 251 -31.24 15.98 -12.63
C LEU D 251 -30.54 15.44 -11.39
N VAL D 252 -31.20 15.51 -10.25
CA VAL D 252 -30.68 14.84 -9.07
C VAL D 252 -30.64 13.34 -9.28
N MET D 253 -31.75 12.77 -9.77
CA MET D 253 -31.89 11.32 -9.85
C MET D 253 -30.89 10.70 -10.82
N ILE D 254 -30.52 11.41 -11.86
CA ILE D 254 -29.59 10.83 -12.82
C ILE D 254 -28.13 10.99 -12.42
N ALA D 255 -27.84 11.74 -11.37
CA ALA D 255 -26.46 12.02 -11.02
C ALA D 255 -25.75 10.78 -10.47
N ASP D 256 -24.58 10.48 -11.01
CA ASP D 256 -23.68 9.50 -10.44
C ASP D 256 -22.32 10.13 -10.17
N ASP D 257 -21.31 9.29 -10.05
CA ASP D 257 -19.99 9.75 -9.62
C ASP D 257 -19.08 10.17 -10.77
N SER D 258 -19.43 9.92 -12.02
CA SER D 258 -18.49 10.18 -13.10
C SER D 258 -18.36 11.69 -13.34
N ALA D 259 -17.24 12.07 -13.98
CA ALA D 259 -16.88 13.48 -14.06
C ALA D 259 -17.72 14.22 -15.08
N GLU D 260 -17.95 13.59 -16.24
CA GLU D 260 -18.72 14.22 -17.30
C GLU D 260 -20.16 14.44 -16.89
N ASN D 261 -20.76 13.44 -16.24
CA ASN D 261 -22.10 13.57 -15.67
C ASN D 261 -22.14 14.72 -14.68
N SER D 262 -21.10 14.87 -13.87
CA SER D 262 -21.07 15.91 -12.85
C SER D 262 -21.07 17.30 -13.48
N ALA D 263 -20.18 17.50 -14.46
CA ALA D 263 -20.08 18.80 -15.12
C ALA D 263 -21.35 19.14 -15.88
N LEU D 264 -21.93 18.15 -16.57
CA LEU D 264 -23.15 18.38 -17.32
C LEU D 264 -24.31 18.73 -16.41
N VAL D 265 -24.46 18.00 -15.31
CA VAL D 265 -25.56 18.23 -14.38
C VAL D 265 -25.45 19.62 -13.75
N VAL D 266 -24.24 20.01 -13.34
CA VAL D 266 -24.15 21.29 -12.66
C VAL D 266 -24.35 22.45 -13.64
N ARG D 267 -23.86 22.30 -14.88
CA ARG D 267 -24.07 23.36 -15.86
C ARG D 267 -25.55 23.50 -16.21
N MET D 268 -26.24 22.36 -16.35
CA MET D 268 -27.65 22.38 -16.69
C MET D 268 -28.48 22.97 -15.56
N TYR D 269 -28.14 22.58 -14.34
CA TYR D 269 -28.82 23.05 -13.14
C TYR D 269 -28.72 24.56 -13.01
N ASP D 270 -27.52 25.09 -13.24
CA ASP D 270 -27.32 26.53 -13.13
C ASP D 270 -28.07 27.29 -14.21
N GLY D 271 -28.00 26.80 -15.46
CA GLY D 271 -28.73 27.46 -16.52
C GLY D 271 -30.23 27.45 -16.30
N LEU D 272 -30.74 26.35 -15.76
CA LEU D 272 -32.16 26.25 -15.45
C LEU D 272 -32.58 27.20 -14.35
N LEU D 273 -31.73 27.37 -13.33
CA LEU D 273 -32.07 28.34 -12.30
C LEU D 273 -32.10 29.75 -12.84
N GLN D 274 -31.16 30.09 -13.72
CA GLN D 274 -31.18 31.42 -14.32
C GLN D 274 -32.41 31.64 -15.18
N ALA D 275 -32.80 30.62 -15.94
CA ALA D 275 -33.96 30.76 -16.81
C ALA D 275 -35.24 30.83 -16.00
N GLY D 276 -35.34 30.03 -14.93
CA GLY D 276 -36.50 30.12 -14.07
C GLY D 276 -36.57 31.43 -13.32
N ALA D 277 -35.42 32.04 -13.06
CA ALA D 277 -35.40 33.40 -12.55
C ALA D 277 -35.98 34.37 -13.56
N ARG D 278 -35.61 34.21 -14.83
CA ARG D 278 -36.11 35.10 -15.86
C ARG D 278 -37.61 34.97 -16.06
N LEU D 279 -38.15 33.77 -15.93
CA LEU D 279 -39.52 33.56 -16.37
C LEU D 279 -40.54 33.52 -15.24
N CYS D 280 -40.18 32.99 -14.09
CA CYS D 280 -41.06 32.99 -12.92
C CYS D 280 -40.27 33.46 -11.71
N PRO D 281 -40.05 34.78 -11.60
CA PRO D 281 -39.19 35.30 -10.52
C PRO D 281 -39.78 35.10 -9.14
N ASN D 282 -41.11 35.09 -9.04
CA ASN D 282 -41.76 35.02 -7.73
C ASN D 282 -41.58 33.66 -7.06
N VAL D 283 -41.55 32.60 -7.85
CA VAL D 283 -41.55 31.26 -7.29
C VAL D 283 -40.14 30.89 -6.86
N GLN D 284 -40.02 30.20 -5.73
CA GLN D 284 -38.75 29.67 -5.26
C GLN D 284 -38.71 28.21 -5.69
N LEU D 285 -37.92 27.93 -6.73
CA LEU D 285 -37.98 26.64 -7.41
C LEU D 285 -37.47 25.50 -6.55
N GLU D 286 -36.53 25.79 -5.65
CA GLU D 286 -36.07 24.76 -4.74
C GLU D 286 -37.12 24.37 -3.73
N GLY D 287 -38.14 25.21 -3.53
CA GLY D 287 -39.09 24.99 -2.45
C GLY D 287 -40.05 23.84 -2.67
N ILE D 288 -40.26 23.44 -3.92
CA ILE D 288 -41.31 22.47 -4.23
C ILE D 288 -40.87 21.07 -3.79
N PRO D 289 -41.64 20.37 -2.99
CA PRO D 289 -41.31 18.99 -2.66
C PRO D 289 -42.06 18.01 -3.56
N ASN D 290 -41.61 16.76 -3.53
CA ASN D 290 -42.29 15.69 -4.24
C ASN D 290 -43.38 15.11 -3.34
N LEU D 291 -43.90 13.93 -3.70
CA LEU D 291 -44.90 13.27 -2.87
C LEU D 291 -44.33 12.86 -1.52
N GLU D 292 -43.05 12.52 -1.47
CA GLU D 292 -42.39 12.22 -0.21
C GLU D 292 -42.03 13.46 0.59
N GLY D 293 -42.46 14.64 0.17
CA GLY D 293 -42.15 15.86 0.89
C GLY D 293 -40.69 16.26 0.84
N LEU D 294 -39.99 15.98 -0.24
CA LEU D 294 -38.57 16.24 -0.33
C LEU D 294 -38.28 17.28 -1.40
N THR D 295 -37.60 18.35 -1.01
CA THR D 295 -37.09 19.34 -1.93
C THR D 295 -35.83 18.78 -2.60
N PRO D 296 -35.37 19.36 -3.73
CA PRO D 296 -34.25 18.76 -4.46
C PRO D 296 -32.95 18.69 -3.69
N LEU D 297 -32.73 19.61 -2.77
CA LEU D 297 -31.56 19.49 -1.90
C LEU D 297 -31.68 18.26 -1.03
N LYS D 298 -32.86 18.02 -0.47
CA LYS D 298 -33.06 16.89 0.40
C LYS D 298 -32.97 15.58 -0.37
N LEU D 299 -33.56 15.55 -1.56
CA LEU D 299 -33.46 14.38 -2.42
C LEU D 299 -32.03 14.14 -2.87
N ALA D 300 -31.27 15.22 -3.06
CA ALA D 300 -29.85 15.09 -3.38
C ALA D 300 -29.09 14.48 -2.24
N ALA D 301 -29.48 14.84 -1.02
CA ALA D 301 -28.89 14.25 0.16
C ALA D 301 -29.25 12.78 0.28
N LYS D 302 -30.48 12.43 -0.11
CA LYS D 302 -31.04 11.14 0.25
C LYS D 302 -30.41 10.00 -0.53
N GLU D 303 -30.16 10.20 -1.82
CA GLU D 303 -29.67 9.13 -2.66
C GLU D 303 -28.15 9.03 -2.66
N GLY D 304 -27.48 9.68 -1.71
CA GLY D 304 -26.02 9.68 -1.69
C GLY D 304 -25.40 10.39 -2.87
N LYS D 305 -26.10 11.36 -3.44
CA LYS D 305 -25.58 12.14 -4.56
C LYS D 305 -24.61 13.15 -3.98
N ILE D 306 -23.32 12.97 -4.28
CA ILE D 306 -22.28 13.72 -3.59
C ILE D 306 -22.03 15.07 -4.26
N GLU D 307 -21.73 15.02 -5.56
CA GLU D 307 -21.09 16.17 -6.21
C GLU D 307 -22.05 17.32 -6.40
N ILE D 308 -23.28 17.02 -6.82
CA ILE D 308 -24.27 18.06 -6.94
C ILE D 308 -24.61 18.65 -5.59
N PHE D 309 -24.60 17.83 -4.55
CA PHE D 309 -24.88 18.31 -3.20
C PHE D 309 -23.81 19.30 -2.73
N LYS D 310 -22.55 18.91 -2.89
CA LYS D 310 -21.40 19.78 -2.67
C LYS D 310 -21.54 21.09 -3.43
N HIS D 311 -21.91 21.01 -4.70
CA HIS D 311 -22.04 22.23 -5.48
C HIS D 311 -23.24 23.06 -5.06
N ILE D 312 -24.29 22.44 -4.55
CA ILE D 312 -25.45 23.22 -4.15
C ILE D 312 -25.16 23.98 -2.86
N LEU D 313 -24.36 23.41 -1.96
CA LEU D 313 -24.02 24.15 -0.75
C LEU D 313 -23.13 25.36 -1.06
N GLN D 314 -22.00 25.12 -1.71
CA GLN D 314 -20.98 26.16 -1.92
C GLN D 314 -21.26 26.89 -3.23
N ARG D 315 -22.40 27.57 -3.30
CA ARG D 315 -22.89 28.05 -4.58
C ARG D 315 -22.90 29.56 -4.60
N GLU D 316 -22.17 30.15 -5.55
CA GLU D 316 -22.03 31.59 -5.65
C GLU D 316 -22.24 32.03 -7.09
N PHE D 317 -23.10 33.02 -7.29
CA PHE D 317 -23.31 33.59 -8.61
C PHE D 317 -22.80 35.02 -8.64
N SER D 318 -21.93 35.31 -9.62
CA SER D 318 -21.52 36.67 -9.91
C SER D 318 -22.50 37.41 -10.79
N ALA D 319 -23.65 36.81 -11.06
CA ALA D 319 -24.65 37.34 -11.97
C ALA D 319 -25.35 38.53 -11.32
N PRO D 320 -26.21 39.24 -12.07
CA PRO D 320 -27.19 40.13 -11.40
C PRO D 320 -28.06 39.39 -10.41
N CYS D 321 -28.41 38.14 -10.70
CA CYS D 321 -29.21 37.33 -9.78
C CYS D 321 -28.30 36.62 -8.77
N GLN D 322 -27.61 37.44 -7.98
CA GLN D 322 -26.76 36.89 -6.93
C GLN D 322 -27.57 36.32 -5.78
N SER D 323 -28.86 36.66 -5.68
CA SER D 323 -29.68 36.23 -4.54
C SER D 323 -29.92 34.73 -4.54
N LEU D 324 -29.79 34.09 -5.70
CA LEU D 324 -29.94 32.64 -5.79
C LEU D 324 -28.82 31.92 -5.04
N SER D 325 -27.68 32.57 -4.92
CA SER D 325 -26.50 31.95 -4.35
C SER D 325 -26.65 31.77 -2.85
N ARG D 326 -25.78 30.93 -2.28
CA ARG D 326 -25.80 30.68 -0.85
C ARG D 326 -24.55 31.19 -0.12
N LYS D 327 -23.38 31.11 -0.73
CA LYS D 327 -22.15 31.51 -0.05
C LYS D 327 -21.95 33.01 -0.18
N PHE D 328 -21.39 33.61 0.87
CA PHE D 328 -21.09 35.03 0.81
C PHE D 328 -19.77 35.28 1.53
N THR D 329 -19.13 36.39 1.20
CA THR D 329 -17.90 36.81 1.86
C THR D 329 -18.21 38.04 2.69
N GLU D 330 -18.00 37.94 4.00
CA GLU D 330 -18.45 38.98 4.90
C GLU D 330 -17.45 40.13 4.94
N TRP D 331 -16.18 39.80 5.16
CA TRP D 331 -15.10 40.73 4.89
C TRP D 331 -13.85 39.94 4.59
N CYS D 332 -12.85 40.64 4.06
CA CYS D 332 -11.61 40.03 3.64
C CYS D 332 -10.50 41.01 3.96
N TYR D 333 -9.42 40.50 4.53
CA TYR D 333 -8.37 41.36 5.06
C TYR D 333 -7.10 40.54 5.08
N GLY D 334 -6.25 40.71 4.08
CA GLY D 334 -5.04 39.93 3.97
C GLY D 334 -5.38 38.49 3.66
N PRO D 335 -4.62 37.55 4.23
CA PRO D 335 -4.95 36.15 4.02
C PRO D 335 -6.21 35.72 4.73
N VAL D 336 -6.60 36.43 5.78
CA VAL D 336 -7.82 36.12 6.51
C VAL D 336 -9.03 36.64 5.75
N ARG D 337 -10.02 35.78 5.50
CA ARG D 337 -11.35 36.22 5.14
C ARG D 337 -12.37 35.36 5.87
N VAL D 338 -13.58 35.90 5.99
CA VAL D 338 -14.67 35.21 6.66
C VAL D 338 -15.77 34.94 5.65
N SER D 339 -16.13 33.68 5.51
CA SER D 339 -17.16 33.25 4.59
C SER D 339 -18.48 33.15 5.33
N LEU D 340 -19.56 33.57 4.68
CA LEU D 340 -20.89 33.26 5.15
C LEU D 340 -21.49 32.17 4.29
N TYR D 341 -22.13 31.20 4.94
CA TYR D 341 -22.96 30.22 4.25
C TYR D 341 -24.39 30.39 4.72
N ASP D 342 -25.34 30.19 3.82
CA ASP D 342 -26.72 30.11 4.25
C ASP D 342 -26.98 28.72 4.82
N LEU D 343 -28.00 28.62 5.67
CA LEU D 343 -28.13 27.40 6.45
C LEU D 343 -29.60 27.01 6.59
N ALA D 344 -30.47 27.52 5.71
CA ALA D 344 -31.92 27.43 5.90
C ALA D 344 -32.42 25.99 5.94
N SER D 345 -31.85 25.12 5.11
CA SER D 345 -32.29 23.73 5.16
C SER D 345 -31.49 22.91 6.16
N VAL D 346 -30.27 23.30 6.46
CA VAL D 346 -29.39 22.46 7.27
C VAL D 346 -29.68 22.59 8.76
N ASP D 347 -30.52 23.54 9.16
CA ASP D 347 -30.79 23.78 10.57
C ASP D 347 -31.54 22.61 11.18
N SER D 348 -31.02 22.12 12.32
CA SER D 348 -31.64 21.00 13.02
C SER D 348 -32.97 21.38 13.64
N TRP D 349 -33.23 22.69 13.79
CA TRP D 349 -34.50 23.17 14.32
C TRP D 349 -35.68 22.73 13.46
N GLU D 350 -35.55 22.85 12.16
CA GLU D 350 -36.70 22.63 11.30
C GLU D 350 -37.00 21.15 11.15
N GLU D 351 -38.27 20.86 10.89
CA GLU D 351 -38.68 19.48 10.60
C GLU D 351 -38.13 19.06 9.25
N ASN D 352 -37.72 17.79 9.19
CA ASN D 352 -36.94 17.22 8.08
C ASN D 352 -35.72 18.07 7.79
N SER D 353 -34.83 18.17 8.77
CA SER D 353 -33.56 18.78 8.52
C SER D 353 -32.72 17.89 7.62
N VAL D 354 -31.73 18.49 6.96
CA VAL D 354 -30.82 17.73 6.13
C VAL D 354 -29.98 16.80 6.99
N LEU D 355 -29.66 17.23 8.21
CA LEU D 355 -28.87 16.40 9.11
C LEU D 355 -29.61 15.16 9.54
N GLU D 356 -30.90 15.30 9.86
CA GLU D 356 -31.72 14.15 10.21
C GLU D 356 -31.86 13.18 9.04
N ILE D 357 -31.78 13.69 7.82
CA ILE D 357 -31.95 12.85 6.65
C ILE D 357 -30.65 12.17 6.26
N ILE D 358 -29.50 12.82 6.46
CA ILE D 358 -28.23 12.11 6.33
C ILE D 358 -28.12 11.05 7.40
N ALA D 359 -28.58 11.37 8.60
CA ALA D 359 -28.42 10.48 9.74
C ALA D 359 -29.33 9.27 9.64
N PHE D 360 -30.64 9.48 9.67
CA PHE D 360 -31.59 8.39 9.76
C PHE D 360 -31.93 7.84 8.37
N HIS D 361 -32.58 8.64 7.54
CA HIS D 361 -33.29 8.12 6.37
C HIS D 361 -32.36 7.74 5.24
N SER D 362 -31.09 8.10 5.32
CA SER D 362 -30.16 7.83 4.24
C SER D 362 -29.78 6.36 4.25
N ARG D 363 -29.78 5.75 3.08
CA ARG D 363 -29.32 4.38 2.92
C ARG D 363 -28.03 4.35 2.10
N SER D 364 -27.27 5.37 2.19
CA SER D 364 -26.17 5.45 1.26
C SER D 364 -24.90 4.88 1.89
N PRO D 365 -24.05 4.26 1.08
CA PRO D 365 -22.76 3.79 1.60
C PRO D 365 -21.81 4.95 1.80
N HIS D 366 -21.95 5.99 1.00
CA HIS D 366 -21.10 7.16 1.08
C HIS D 366 -21.68 8.25 1.99
N ARG D 367 -22.53 7.88 2.94
CA ARG D 367 -23.11 8.85 3.88
C ARG D 367 -22.03 9.47 4.75
N HIS D 368 -20.95 8.73 4.99
CA HIS D 368 -19.78 9.28 5.65
C HIS D 368 -19.11 10.37 4.81
N ARG D 369 -19.14 10.22 3.48
CA ARG D 369 -18.38 11.12 2.62
C ARG D 369 -19.01 12.51 2.59
N MET D 370 -20.32 12.59 2.82
CA MET D 370 -21.00 13.88 2.76
C MET D 370 -20.60 14.80 3.91
N VAL D 371 -20.22 14.23 5.05
CA VAL D 371 -20.05 15.00 6.28
C VAL D 371 -18.83 15.90 6.26
N VAL D 372 -17.83 15.57 5.45
CA VAL D 372 -16.54 16.26 5.44
C VAL D 372 -16.67 17.71 4.96
N LEU D 373 -17.73 18.02 4.22
CA LEU D 373 -17.92 19.33 3.61
C LEU D 373 -18.07 20.43 4.64
N GLU D 374 -17.54 21.62 4.29
CA GLU D 374 -17.25 22.74 5.18
C GLU D 374 -18.37 23.19 6.13
N PRO D 375 -19.60 23.52 5.68
CA PRO D 375 -20.60 24.00 6.66
C PRO D 375 -21.02 22.92 7.64
N LEU D 376 -21.09 21.67 7.16
CA LEU D 376 -21.42 20.55 8.03
C LEU D 376 -20.36 20.35 9.11
N ASN D 377 -19.09 20.37 8.71
CA ASN D 377 -18.00 20.12 9.64
C ASN D 377 -17.93 21.21 10.69
N LYS D 378 -18.00 22.47 10.27
CA LYS D 378 -17.95 23.56 11.23
C LYS D 378 -19.16 23.54 12.16
N LEU D 379 -20.34 23.21 11.64
CA LEU D 379 -21.54 23.23 12.48
C LEU D 379 -21.52 22.09 13.49
N LEU D 380 -21.13 20.89 13.07
CA LEU D 380 -21.07 19.78 14.01
C LEU D 380 -19.98 19.98 15.04
N GLN D 381 -18.87 20.60 14.64
CA GLN D 381 -17.81 20.88 15.59
C GLN D 381 -18.27 21.85 16.66
N ALA D 382 -19.00 22.89 16.25
CA ALA D 382 -19.52 23.87 17.21
C ALA D 382 -20.52 23.23 18.15
N LYS D 383 -21.44 22.44 17.61
CA LYS D 383 -22.47 21.82 18.46
C LYS D 383 -21.88 20.82 19.44
N TRP D 384 -20.87 20.06 19.00
CA TRP D 384 -20.24 19.09 19.89
C TRP D 384 -19.44 19.75 21.00
N ASP D 385 -18.68 20.80 20.67
CA ASP D 385 -17.93 21.50 21.70
C ASP D 385 -18.85 22.19 22.68
N ARG D 386 -20.01 22.66 22.22
CA ARG D 386 -21.00 23.13 23.18
C ARG D 386 -21.57 21.97 24.00
N LEU D 387 -21.58 20.76 23.44
CA LEU D 387 -22.31 19.67 24.05
C LEU D 387 -21.55 18.90 25.13
N ILE D 388 -20.20 18.95 25.11
CA ILE D 388 -19.38 18.02 25.93
C ILE D 388 -19.74 17.91 27.43
N PRO D 389 -20.09 18.99 28.16
CA PRO D 389 -20.51 18.79 29.57
C PRO D 389 -21.77 17.96 29.76
N ARG D 390 -22.75 18.11 28.87
CA ARG D 390 -23.95 17.27 28.94
C ARG D 390 -23.62 15.81 28.70
N PHE D 391 -22.62 15.54 27.88
CA PHE D 391 -22.15 14.18 27.69
C PHE D 391 -21.53 13.63 28.97
N CYS D 392 -20.66 14.43 29.61
CA CYS D 392 -20.02 13.99 30.85
C CYS D 392 -21.03 13.81 31.99
N PHE D 393 -22.13 14.58 31.95
CA PHE D 393 -23.19 14.49 32.94
C PHE D 393 -23.86 13.12 32.94
N ASN D 394 -24.31 12.66 31.78
CA ASN D 394 -24.94 11.36 31.72
C ASN D 394 -23.93 10.23 31.82
N PHE D 395 -22.66 10.50 31.49
CA PHE D 395 -21.60 9.54 31.77
C PHE D 395 -21.54 9.20 33.26
N LEU D 396 -21.50 10.22 34.11
CA LEU D 396 -21.41 10.00 35.55
C LEU D 396 -22.71 9.48 36.12
N CYS D 397 -23.85 9.93 35.60
CA CYS D 397 -25.15 9.45 36.06
C CYS D 397 -25.31 7.96 35.80
N TYR D 398 -24.96 7.50 34.59
CA TYR D 398 -25.08 6.09 34.26
C TYR D 398 -24.06 5.25 35.00
N LEU D 399 -22.85 5.80 35.23
CA LEU D 399 -21.87 5.09 36.06
C LEU D 399 -22.35 4.91 37.49
N VAL D 400 -23.01 5.93 38.05
CA VAL D 400 -23.54 5.85 39.41
C VAL D 400 -24.70 4.87 39.49
N TYR D 401 -25.54 4.82 38.44
CA TYR D 401 -26.61 3.82 38.39
C TYR D 401 -26.05 2.41 38.36
N MET D 402 -25.02 2.17 37.54
CA MET D 402 -24.37 0.87 37.52
C MET D 402 -23.68 0.56 38.85
N LEU D 403 -23.18 1.58 39.54
CA LEU D 403 -22.62 1.39 40.87
C LEU D 403 -23.67 0.93 41.86
N ILE D 404 -24.83 1.58 41.86
CA ILE D 404 -25.93 1.21 42.75
C ILE D 404 -26.42 -0.20 42.45
N PHE D 405 -26.46 -0.58 41.17
CA PHE D 405 -26.94 -1.92 40.85
C PHE D 405 -25.89 -2.98 41.18
N THR D 406 -24.61 -2.65 41.05
CA THR D 406 -23.56 -3.55 41.55
C THR D 406 -23.66 -3.71 43.07
N ALA D 407 -24.02 -2.65 43.78
CA ALA D 407 -24.19 -2.74 45.23
C ALA D 407 -25.39 -3.61 45.62
N VAL D 408 -26.54 -3.44 44.94
CA VAL D 408 -27.73 -4.23 45.24
C VAL D 408 -27.52 -5.68 44.87
N ALA D 409 -26.73 -5.95 43.82
CA ALA D 409 -26.36 -7.32 43.52
C ALA D 409 -25.41 -7.88 44.56
N TYR D 410 -24.56 -7.03 45.14
CA TYR D 410 -23.66 -7.48 46.19
C TYR D 410 -24.41 -7.85 47.47
N HIS D 411 -25.42 -7.05 47.85
CA HIS D 411 -26.14 -7.25 49.11
C HIS D 411 -27.39 -8.11 48.96
N GLN D 412 -27.52 -8.90 47.90
CA GLN D 412 -28.70 -9.75 47.75
C GLN D 412 -28.39 -11.20 48.12
N MET D 431 -30.70 -3.30 53.80
CA MET D 431 -30.19 -2.19 53.00
C MET D 431 -30.39 -2.45 51.52
N LEU D 432 -30.56 -3.72 51.15
CA LEU D 432 -30.71 -4.08 49.75
C LEU D 432 -32.10 -3.78 49.20
N LEU D 433 -33.11 -3.71 50.08
CA LEU D 433 -34.50 -3.65 49.62
C LEU D 433 -34.84 -2.32 48.92
N LEU D 434 -34.50 -1.19 49.57
CA LEU D 434 -34.78 0.12 48.97
C LEU D 434 -33.94 0.35 47.72
N GLY D 435 -32.69 -0.13 47.75
CA GLY D 435 -31.87 -0.12 46.55
C GLY D 435 -32.48 -0.90 45.41
N HIS D 436 -33.04 -2.07 45.70
CA HIS D 436 -33.69 -2.86 44.66
C HIS D 436 -34.94 -2.17 44.12
N ILE D 437 -35.66 -1.45 44.98
CA ILE D 437 -36.81 -0.66 44.51
C ILE D 437 -36.34 0.46 43.57
N LEU D 438 -35.20 1.07 43.88
CA LEU D 438 -34.63 2.09 43.00
C LEU D 438 -34.17 1.49 41.68
N ILE D 439 -33.65 0.26 41.71
CA ILE D 439 -33.24 -0.40 40.49
C ILE D 439 -34.45 -0.73 39.61
N LEU D 440 -35.57 -1.12 40.23
CA LEU D 440 -36.79 -1.34 39.46
C LEU D 440 -37.31 -0.03 38.84
N LEU D 441 -37.19 1.08 39.58
CA LEU D 441 -37.47 2.41 39.01
C LEU D 441 -36.57 2.71 37.82
N GLY D 442 -35.27 2.44 37.95
CA GLY D 442 -34.34 2.75 36.86
C GLY D 442 -34.57 1.88 35.64
N GLY D 443 -34.95 0.62 35.86
CA GLY D 443 -35.33 -0.24 34.75
C GLY D 443 -36.58 0.23 34.04
N VAL D 444 -37.56 0.71 34.81
CA VAL D 444 -38.75 1.31 34.20
C VAL D 444 -38.38 2.58 33.43
N TYR D 445 -37.38 3.32 33.90
CA TYR D 445 -36.94 4.55 33.24
C TYR D 445 -36.28 4.25 31.89
N LEU D 446 -35.32 3.31 31.88
CA LEU D 446 -34.66 2.93 30.64
C LEU D 446 -35.64 2.28 29.68
N LEU D 447 -36.63 1.53 30.21
CA LEU D 447 -37.66 0.92 29.37
C LEU D 447 -38.52 1.99 28.70
N LEU D 448 -38.93 3.01 29.48
CA LEU D 448 -39.74 4.09 28.92
C LEU D 448 -38.96 4.92 27.90
N GLY D 449 -37.65 5.11 28.15
CA GLY D 449 -36.83 5.84 27.20
C GLY D 449 -36.69 5.14 25.86
N GLN D 450 -36.31 3.85 25.89
CA GLN D 450 -36.18 3.11 24.65
C GLN D 450 -37.54 2.86 23.99
N LEU D 451 -38.60 2.79 24.80
CA LEU D 451 -39.95 2.66 24.27
C LEU D 451 -40.34 3.91 23.50
N TRP D 452 -40.03 5.10 24.05
CA TRP D 452 -40.28 6.34 23.33
C TRP D 452 -39.43 6.44 22.07
N TYR D 453 -38.21 5.90 22.12
CA TYR D 453 -37.34 5.94 20.94
C TYR D 453 -37.92 5.12 19.80
N PHE D 454 -38.17 3.82 20.05
CA PHE D 454 -38.59 2.96 18.94
C PHE D 454 -40.08 3.04 18.64
N TRP D 455 -40.90 3.47 19.60
CA TRP D 455 -42.33 3.60 19.37
C TRP D 455 -42.64 4.75 18.44
N ARG D 456 -41.85 5.83 18.53
CA ARG D 456 -42.07 7.02 17.72
C ARG D 456 -41.77 6.75 16.24
N ARG D 457 -40.68 6.04 15.96
CA ARG D 457 -40.26 5.78 14.59
C ARG D 457 -40.10 4.28 14.38
N ARG D 458 -40.88 3.72 13.46
CA ARG D 458 -40.83 2.31 13.12
C ARG D 458 -40.20 2.04 11.76
N LEU D 459 -40.67 2.73 10.72
CA LEU D 459 -40.06 2.58 9.40
C LEU D 459 -38.65 3.14 9.39
N PHE D 460 -38.42 4.19 10.17
CA PHE D 460 -37.06 4.66 10.41
C PHE D 460 -36.24 3.63 11.19
N ILE D 461 -36.86 2.81 12.02
CA ILE D 461 -36.12 1.73 12.68
C ILE D 461 -35.76 0.64 11.68
N TRP D 462 -36.66 0.36 10.72
CA TRP D 462 -36.35 -0.57 9.65
C TRP D 462 -35.20 -0.07 8.78
N ILE D 463 -35.16 1.23 8.52
CA ILE D 463 -34.03 1.80 7.79
C ILE D 463 -32.78 1.81 8.66
N SER D 464 -32.94 2.01 9.97
CA SER D 464 -31.84 2.23 10.90
C SER D 464 -31.15 0.95 11.35
N PHE D 465 -31.81 -0.21 11.16
CA PHE D 465 -31.35 -1.51 11.66
C PHE D 465 -29.91 -1.87 11.27
N MET D 466 -29.41 -1.35 10.14
CA MET D 466 -28.02 -1.58 9.76
C MET D 466 -27.05 -0.97 10.76
N ASP D 467 -27.43 0.13 11.43
CA ASP D 467 -26.51 0.76 12.37
C ASP D 467 -27.18 1.22 13.67
N SER D 468 -28.33 0.67 14.06
CA SER D 468 -29.01 1.09 15.28
C SER D 468 -28.63 0.23 16.47
N TYR D 469 -27.40 -0.30 16.46
CA TYR D 469 -26.96 -1.36 17.35
C TYR D 469 -26.99 -0.98 18.83
N SER D 470 -26.88 0.31 19.14
CA SER D 470 -26.77 0.74 20.53
C SER D 470 -28.13 0.73 21.25
N GLU D 471 -29.14 1.36 20.65
CA GLU D 471 -30.44 1.48 21.27
C GLU D 471 -31.15 0.13 21.40
N ILE D 472 -30.82 -0.82 20.52
CA ILE D 472 -31.28 -2.20 20.66
C ILE D 472 -30.78 -2.80 21.98
N LEU D 473 -29.47 -2.69 22.24
CA LEU D 473 -28.90 -3.19 23.48
C LEU D 473 -29.44 -2.45 24.69
N PHE D 474 -29.76 -1.16 24.55
CA PHE D 474 -30.36 -0.45 25.67
C PHE D 474 -31.77 -0.96 25.98
N LEU D 475 -32.59 -1.16 24.94
CA LEU D 475 -33.93 -1.72 25.15
C LEU D 475 -33.86 -3.14 25.69
N LEU D 476 -32.85 -3.90 25.26
CA LEU D 476 -32.68 -5.28 25.72
C LEU D 476 -32.31 -5.32 27.21
N GLN D 477 -31.38 -4.46 27.63
CA GLN D 477 -31.00 -4.41 29.05
C GLN D 477 -32.15 -3.93 29.91
N ALA D 478 -32.95 -3.00 29.39
CA ALA D 478 -34.12 -2.53 30.12
C ALA D 478 -35.16 -3.63 30.29
N LEU D 479 -35.42 -4.42 29.23
CA LEU D 479 -36.37 -5.52 29.33
C LEU D 479 -35.88 -6.61 30.27
N LEU D 480 -34.58 -6.92 30.23
CA LEU D 480 -34.01 -7.94 31.12
C LEU D 480 -34.10 -7.51 32.58
N THR D 481 -33.82 -6.24 32.86
CA THR D 481 -33.94 -5.74 34.23
C THR D 481 -35.38 -5.73 34.70
N VAL D 482 -36.31 -5.43 33.79
CA VAL D 482 -37.73 -5.45 34.12
C VAL D 482 -38.18 -6.85 34.51
N LEU D 483 -37.77 -7.85 33.72
CA LEU D 483 -38.14 -9.23 33.99
C LEU D 483 -37.52 -9.74 35.29
N SER D 484 -36.24 -9.40 35.53
CA SER D 484 -35.57 -9.86 36.75
C SER D 484 -36.17 -9.22 38.00
N GLN D 485 -36.52 -7.93 37.94
CA GLN D 485 -37.14 -7.29 39.09
C GLN D 485 -38.55 -7.81 39.35
N VAL D 486 -39.33 -8.05 38.28
CA VAL D 486 -40.69 -8.54 38.46
C VAL D 486 -40.70 -9.96 39.01
N LEU D 487 -39.77 -10.81 38.53
CA LEU D 487 -39.71 -12.18 39.01
C LEU D 487 -39.09 -12.27 40.41
N CYS D 488 -38.14 -11.38 40.72
CA CYS D 488 -37.63 -11.30 42.08
C CYS D 488 -38.68 -10.79 43.07
N PHE D 489 -39.64 -9.98 42.59
CA PHE D 489 -40.80 -9.65 43.41
C PHE D 489 -41.68 -10.87 43.65
N LEU D 490 -41.63 -11.87 42.77
CA LEU D 490 -42.32 -13.13 42.99
C LEU D 490 -41.35 -14.22 43.45
N GLU D 493 -38.09 -18.01 40.72
CA GLU D 493 -36.96 -18.84 41.12
C GLU D 493 -35.82 -18.74 40.11
N TRP D 494 -36.18 -18.44 38.87
CA TRP D 494 -35.23 -18.30 37.78
C TRP D 494 -34.89 -16.83 37.48
N TYR D 495 -35.14 -15.92 38.42
CA TYR D 495 -34.85 -14.52 38.17
C TYR D 495 -33.36 -14.20 38.21
N LEU D 496 -32.56 -15.01 38.91
CA LEU D 496 -31.12 -14.75 39.00
C LEU D 496 -30.35 -14.88 37.69
N PRO D 497 -30.61 -15.82 36.77
CA PRO D 497 -29.96 -15.73 35.44
C PRO D 497 -30.25 -14.46 34.65
N LEU D 498 -31.52 -14.03 34.60
CA LEU D 498 -31.86 -12.76 33.97
C LEU D 498 -31.24 -11.58 34.72
N LEU D 499 -31.12 -11.70 36.04
CA LEU D 499 -30.51 -10.63 36.83
C LEU D 499 -29.03 -10.48 36.53
N VAL D 500 -28.32 -11.61 36.43
CA VAL D 500 -26.88 -11.52 36.17
C VAL D 500 -26.62 -11.14 34.72
N SER D 501 -27.51 -11.55 33.80
CA SER D 501 -27.42 -11.09 32.42
C SER D 501 -27.62 -9.59 32.31
N SER D 502 -28.62 -9.05 33.02
CA SER D 502 -28.87 -7.61 32.93
C SER D 502 -27.76 -6.81 33.58
N LEU D 503 -27.16 -7.34 34.66
CA LEU D 503 -26.03 -6.68 35.29
C LEU D 503 -24.80 -6.65 34.40
N ALA D 504 -24.45 -7.80 33.81
CA ALA D 504 -23.34 -7.87 32.87
C ALA D 504 -23.58 -6.97 31.66
N MET D 505 -24.81 -6.93 31.16
CA MET D 505 -25.06 -6.15 29.96
C MET D 505 -25.13 -4.66 30.27
N GLY D 506 -25.53 -4.27 31.48
CA GLY D 506 -25.43 -2.87 31.86
C GLY D 506 -23.99 -2.40 31.98
N TRP D 507 -23.16 -3.16 32.70
CA TRP D 507 -21.76 -2.76 32.82
C TRP D 507 -20.98 -2.91 31.51
N THR D 508 -21.49 -3.66 30.54
CA THR D 508 -20.90 -3.57 29.21
C THR D 508 -21.55 -2.49 28.33
N ASN D 509 -22.81 -2.12 28.60
CA ASN D 509 -23.45 -1.00 27.93
C ASN D 509 -22.86 0.33 28.32
N LEU D 510 -22.10 0.37 29.42
CA LEU D 510 -21.28 1.55 29.71
C LEU D 510 -20.32 1.91 28.56
N LEU D 511 -19.93 0.93 27.73
CA LEU D 511 -19.09 1.16 26.54
C LEU D 511 -19.68 2.13 25.52
N TYR D 512 -20.99 2.36 25.54
CA TYR D 512 -21.61 3.32 24.63
C TYR D 512 -21.03 4.71 24.79
N TYR D 513 -20.75 5.11 26.03
CA TYR D 513 -20.24 6.44 26.31
C TYR D 513 -18.75 6.59 26.07
N THR D 514 -18.09 5.63 25.41
CA THR D 514 -16.70 5.81 24.99
C THR D 514 -16.57 6.71 23.77
N ARG D 515 -17.67 7.05 23.11
CA ARG D 515 -17.63 7.80 21.86
C ARG D 515 -17.25 9.26 22.03
N GLY D 516 -17.14 9.77 23.26
CA GLY D 516 -16.85 11.18 23.46
C GLY D 516 -15.48 11.59 22.96
N PHE D 517 -14.44 10.87 23.40
CA PHE D 517 -13.09 11.19 22.98
C PHE D 517 -12.84 10.57 21.60
N GLN D 518 -11.81 11.09 20.93
CA GLN D 518 -11.52 10.70 19.55
C GLN D 518 -11.19 9.22 19.43
N HIS D 519 -10.08 8.80 20.04
CA HIS D 519 -9.57 7.46 19.76
C HIS D 519 -10.41 6.37 20.40
N THR D 520 -11.02 6.66 21.55
CA THR D 520 -11.93 5.70 22.17
C THR D 520 -13.18 5.51 21.33
N GLY D 521 -13.71 6.60 20.78
CA GLY D 521 -14.81 6.51 19.85
C GLY D 521 -14.45 5.77 18.58
N ILE D 522 -13.22 5.97 18.10
CA ILE D 522 -12.72 5.26 16.91
C ILE D 522 -12.70 3.76 17.16
N TYR D 523 -12.13 3.34 18.30
CA TYR D 523 -12.04 1.93 18.63
C TYR D 523 -13.41 1.31 18.85
N SER D 524 -14.31 2.01 19.55
CA SER D 524 -15.63 1.47 19.81
C SER D 524 -16.48 1.39 18.56
N VAL D 525 -16.39 2.39 17.69
CA VAL D 525 -17.18 2.39 16.46
C VAL D 525 -16.66 1.34 15.49
N MET D 526 -15.33 1.15 15.45
CA MET D 526 -14.74 0.07 14.66
C MET D 526 -15.21 -1.29 15.17
N ILE D 527 -15.24 -1.47 16.50
CA ILE D 527 -15.65 -2.76 17.07
C ILE D 527 -17.12 -3.02 16.78
N GLU D 528 -17.97 -2.00 16.94
CA GLU D 528 -19.41 -2.17 16.71
C GLU D 528 -19.71 -2.44 15.24
N LYS D 529 -19.02 -1.74 14.33
CA LYS D 529 -19.25 -1.94 12.90
C LYS D 529 -18.71 -3.30 12.44
N VAL D 530 -17.61 -3.76 13.02
CA VAL D 530 -17.08 -5.08 12.68
C VAL D 530 -18.01 -6.17 13.15
N ILE D 531 -18.46 -6.08 14.41
CA ILE D 531 -19.23 -7.16 15.05
C ILE D 531 -20.59 -7.35 14.37
N LEU D 532 -21.13 -6.28 13.79
CA LEU D 532 -22.29 -6.42 12.92
C LEU D 532 -21.93 -7.16 11.63
N ARG D 533 -20.76 -6.88 11.07
CA ARG D 533 -20.43 -7.36 9.74
C ARG D 533 -20.07 -8.84 9.72
N ASP D 534 -19.25 -9.29 10.66
CA ASP D 534 -18.58 -10.57 10.49
C ASP D 534 -18.68 -11.54 11.66
N LEU D 535 -19.00 -11.06 12.86
CA LEU D 535 -19.00 -11.93 14.03
C LEU D 535 -20.19 -12.89 14.00
N LEU D 536 -21.29 -12.49 13.38
CA LEU D 536 -22.48 -13.34 13.31
C LEU D 536 -22.20 -14.61 12.49
N ARG D 537 -21.36 -14.50 11.47
CA ARG D 537 -21.00 -15.65 10.66
C ARG D 537 -20.20 -16.67 11.47
N PHE D 538 -19.27 -16.20 12.29
CA PHE D 538 -18.44 -17.09 13.08
C PHE D 538 -19.24 -17.82 14.16
N LEU D 539 -20.27 -17.14 14.70
CA LEU D 539 -21.09 -17.72 15.75
C LEU D 539 -21.89 -18.93 15.26
N LEU D 540 -22.39 -18.84 14.02
CA LEU D 540 -23.22 -19.91 13.47
C LEU D 540 -22.41 -21.18 13.21
N VAL D 541 -21.13 -21.03 12.83
CA VAL D 541 -20.34 -22.18 12.39
C VAL D 541 -20.00 -23.10 13.56
N TYR D 542 -19.69 -22.51 14.72
CA TYR D 542 -19.23 -23.30 15.86
C TYR D 542 -20.35 -24.14 16.46
N LEU D 543 -21.58 -23.63 16.42
CA LEU D 543 -22.68 -24.24 17.16
C LEU D 543 -23.05 -25.61 16.61
N VAL D 544 -22.98 -25.77 15.29
CA VAL D 544 -23.34 -27.04 14.66
C VAL D 544 -22.35 -28.14 15.05
N PHE D 545 -21.05 -27.82 15.01
CA PHE D 545 -20.02 -28.77 15.41
C PHE D 545 -20.11 -29.07 16.90
N LEU D 546 -20.43 -28.06 17.70
CA LEU D 546 -20.57 -28.27 19.14
C LEU D 546 -21.76 -29.15 19.47
N PHE D 547 -22.89 -28.94 18.78
CA PHE D 547 -24.05 -29.80 18.95
C PHE D 547 -23.75 -31.23 18.52
N GLY D 548 -23.01 -31.38 17.41
CA GLY D 548 -22.64 -32.70 16.95
C GLY D 548 -21.73 -33.43 17.92
N PHE D 549 -20.71 -32.74 18.43
CA PHE D 549 -19.78 -33.37 19.37
C PHE D 549 -20.42 -33.64 20.74
N ALA D 550 -21.39 -32.81 21.15
CA ALA D 550 -22.06 -33.06 22.41
C ALA D 550 -22.99 -34.26 22.33
N VAL D 551 -23.79 -34.34 21.26
CA VAL D 551 -24.61 -35.53 21.03
C VAL D 551 -23.73 -36.75 20.77
N ALA D 552 -22.53 -36.52 20.21
CA ALA D 552 -21.56 -37.58 19.98
C ALA D 552 -21.08 -38.20 21.28
N LEU D 553 -20.67 -37.37 22.23
CA LEU D 553 -20.25 -37.89 23.53
C LEU D 553 -21.42 -38.52 24.28
N VAL D 554 -22.64 -37.96 24.11
CA VAL D 554 -23.81 -38.48 24.79
C VAL D 554 -24.17 -39.87 24.27
N SER D 555 -24.00 -40.10 22.97
CA SER D 555 -24.22 -41.44 22.43
C SER D 555 -23.04 -42.36 22.65
N LEU D 556 -21.84 -41.81 22.85
CA LEU D 556 -20.64 -42.64 22.91
C LEU D 556 -20.35 -43.19 24.29
N SER D 557 -20.40 -42.33 25.33
CA SER D 557 -19.92 -42.73 26.65
C SER D 557 -20.83 -43.78 27.29
N ARG D 589 -31.12 -38.66 29.13
CA ARG D 589 -30.84 -38.08 27.83
C ARG D 589 -31.06 -36.57 27.83
N SER D 590 -30.01 -35.83 28.16
CA SER D 590 -30.07 -34.38 28.29
C SER D 590 -29.03 -33.78 27.35
N ILE D 591 -29.50 -33.07 26.32
CA ILE D 591 -28.60 -32.40 25.39
C ILE D 591 -27.85 -31.27 26.08
N LEU D 592 -28.48 -30.66 27.09
CA LEU D 592 -27.83 -29.59 27.86
C LEU D 592 -26.60 -30.12 28.60
N ASP D 593 -26.75 -31.25 29.30
CA ASP D 593 -25.63 -31.84 30.04
C ASP D 593 -24.54 -32.33 29.08
N ALA D 594 -24.94 -32.75 27.87
CA ALA D 594 -23.98 -33.14 26.85
C ALA D 594 -23.13 -31.94 26.42
N SER D 595 -23.78 -30.79 26.20
CA SER D 595 -23.05 -29.57 25.89
C SER D 595 -22.19 -29.11 27.07
N LEU D 596 -22.63 -29.40 28.31
CA LEU D 596 -21.84 -29.07 29.49
C LEU D 596 -20.54 -29.84 29.50
N GLU D 597 -20.63 -31.16 29.30
CA GLU D 597 -19.44 -32.01 29.24
C GLU D 597 -18.54 -31.62 28.08
N LEU D 598 -19.13 -31.25 26.93
CA LEU D 598 -18.33 -30.87 25.77
C LEU D 598 -17.57 -29.57 26.00
N PHE D 599 -18.23 -28.53 26.51
CA PHE D 599 -17.53 -27.26 26.70
C PHE D 599 -16.56 -27.33 27.87
N LYS D 600 -16.85 -28.15 28.88
CA LYS D 600 -15.86 -28.40 29.93
C LYS D 600 -14.63 -29.11 29.38
N PHE D 601 -14.83 -29.98 28.38
CA PHE D 601 -13.68 -30.61 27.71
C PHE D 601 -12.90 -29.61 26.86
N THR D 602 -13.60 -28.78 26.07
CA THR D 602 -12.93 -27.89 25.13
C THR D 602 -12.21 -26.74 25.84
N ILE D 603 -12.86 -26.15 26.86
CA ILE D 603 -12.22 -25.10 27.64
C ILE D 603 -11.12 -25.63 28.55
N GLY D 604 -11.05 -26.94 28.75
CA GLY D 604 -10.03 -27.54 29.60
C GLY D 604 -10.37 -27.59 31.07
N MET D 605 -11.63 -27.32 31.44
CA MET D 605 -12.00 -27.30 32.84
C MET D 605 -12.03 -28.71 33.43
N GLY D 606 -12.81 -29.61 32.83
CA GLY D 606 -12.91 -30.98 33.30
C GLY D 606 -12.72 -31.98 32.18
N GLU D 607 -12.97 -33.26 32.45
CA GLU D 607 -12.76 -34.32 31.46
C GLU D 607 -13.79 -34.25 30.32
N PHE D 616 -14.16 -46.84 21.72
CA PHE D 616 -12.74 -46.98 22.00
C PHE D 616 -12.16 -45.68 22.55
N ARG D 617 -11.44 -45.77 23.67
CA ARG D 617 -10.87 -44.59 24.29
C ARG D 617 -9.85 -43.86 23.43
N GLY D 618 -8.97 -44.61 22.78
CA GLY D 618 -7.97 -43.98 21.93
C GLY D 618 -8.57 -43.25 20.74
N VAL D 619 -9.53 -43.90 20.09
CA VAL D 619 -10.19 -43.31 18.92
C VAL D 619 -10.95 -42.06 19.33
N VAL D 620 -11.63 -42.14 20.47
CA VAL D 620 -12.40 -41.02 20.97
C VAL D 620 -11.46 -39.87 21.27
N LEU D 621 -10.32 -40.19 21.86
CA LEU D 621 -9.34 -39.17 22.20
C LEU D 621 -8.84 -38.48 20.94
N LEU D 622 -8.59 -39.28 19.91
CA LEU D 622 -8.10 -38.73 18.65
C LEU D 622 -9.15 -37.80 18.05
N LEU D 623 -10.41 -38.21 18.12
CA LEU D 623 -11.49 -37.41 17.59
C LEU D 623 -11.57 -36.08 18.33
N LEU D 624 -11.41 -36.14 19.66
CA LEU D 624 -11.48 -34.95 20.48
C LEU D 624 -10.37 -33.97 20.08
N LEU D 625 -9.18 -34.51 19.86
CA LEU D 625 -8.05 -33.67 19.47
C LEU D 625 -8.34 -33.03 18.13
N ALA D 626 -8.90 -33.83 17.21
CA ALA D 626 -9.24 -33.32 15.89
C ALA D 626 -10.33 -32.27 16.04
N TYR D 627 -11.32 -32.57 16.87
CA TYR D 627 -12.42 -31.65 17.11
C TYR D 627 -11.91 -30.39 17.77
N VAL D 628 -11.00 -30.54 18.73
CA VAL D 628 -10.42 -29.38 19.40
C VAL D 628 -9.59 -28.57 18.42
N LEU D 629 -8.84 -29.28 17.58
CA LEU D 629 -8.00 -28.62 16.59
C LEU D 629 -8.85 -27.71 15.72
N LEU D 630 -9.84 -28.30 15.04
CA LEU D 630 -10.74 -27.56 14.18
C LEU D 630 -11.41 -26.38 14.90
N THR D 631 -11.89 -26.64 16.12
CA THR D 631 -12.54 -25.63 16.94
C THR D 631 -11.77 -24.30 17.04
N TYR D 632 -10.46 -24.37 17.26
CA TYR D 632 -9.65 -23.16 17.41
C TYR D 632 -8.75 -22.80 16.23
N VAL D 633 -8.21 -23.81 15.54
CA VAL D 633 -7.31 -23.53 14.41
C VAL D 633 -7.97 -23.39 13.05
N LEU D 634 -9.28 -23.13 13.03
CA LEU D 634 -10.00 -22.96 11.78
C LEU D 634 -10.92 -21.75 11.84
N LEU D 635 -12.03 -21.88 12.54
CA LEU D 635 -13.00 -20.79 12.67
C LEU D 635 -12.34 -19.51 13.16
N LEU D 636 -11.76 -19.56 14.35
CA LEU D 636 -11.09 -18.41 14.93
C LEU D 636 -10.05 -17.83 13.97
N ASN D 637 -9.20 -18.72 13.44
CA ASN D 637 -8.14 -18.34 12.51
C ASN D 637 -8.68 -17.64 11.26
N MET D 638 -9.55 -18.31 10.52
CA MET D 638 -10.09 -17.73 9.30
C MET D 638 -10.87 -16.44 9.55
N LEU D 639 -11.67 -16.42 10.61
CA LEU D 639 -12.46 -15.25 10.93
C LEU D 639 -11.58 -14.04 11.22
N ILE D 640 -10.50 -14.25 11.95
CA ILE D 640 -9.59 -13.16 12.28
C ILE D 640 -8.98 -12.58 11.02
N ALA D 641 -8.59 -13.46 10.10
CA ALA D 641 -8.00 -13.03 8.83
C ALA D 641 -9.01 -12.22 8.04
N LEU D 642 -10.25 -12.67 8.03
CA LEU D 642 -11.31 -11.97 7.31
C LEU D 642 -11.51 -10.58 7.90
N MET D 643 -11.49 -10.49 9.23
CA MET D 643 -11.66 -9.22 9.91
C MET D 643 -10.52 -8.28 9.54
N SER D 644 -9.31 -8.80 9.51
CA SER D 644 -8.15 -8.00 9.15
C SER D 644 -8.32 -7.51 7.72
N GLU D 645 -8.80 -8.41 6.86
CA GLU D 645 -9.04 -8.09 5.46
C GLU D 645 -10.14 -7.03 5.36
N THR D 646 -11.16 -7.17 6.19
CA THR D 646 -12.29 -6.24 6.23
C THR D 646 -11.82 -4.86 6.67
N VAL D 647 -10.90 -4.82 7.61
CA VAL D 647 -10.37 -3.56 8.13
C VAL D 647 -9.66 -2.76 7.04
N ASN D 648 -8.93 -3.46 6.17
CA ASN D 648 -8.22 -2.80 5.08
C ASN D 648 -9.19 -2.11 4.13
N SER D 649 -10.32 -2.77 3.86
CA SER D 649 -11.34 -2.21 2.98
C SER D 649 -11.93 -0.94 3.59
N VAL D 650 -12.13 -0.96 4.91
CA VAL D 650 -12.70 0.17 5.65
C VAL D 650 -11.62 1.11 6.15
N ALA D 651 -10.37 0.81 5.85
CA ALA D 651 -9.23 1.63 6.29
C ALA D 651 -9.21 3.01 5.63
N THR D 652 -8.60 3.95 6.33
CA THR D 652 -8.46 5.35 5.91
C THR D 652 -9.77 6.09 5.68
N ASP D 653 -10.77 5.78 6.50
CA ASP D 653 -12.06 6.46 6.41
C ASP D 653 -12.73 6.52 7.79
N SER D 654 -12.02 6.04 8.80
CA SER D 654 -12.55 6.00 10.17
C SER D 654 -12.86 7.36 10.76
N TRP D 655 -11.99 8.34 10.54
CA TRP D 655 -12.23 9.66 11.09
C TRP D 655 -13.61 10.18 10.72
N SER D 656 -14.06 9.87 9.51
CA SER D 656 -15.35 10.36 9.05
C SER D 656 -16.48 9.71 9.84
N ILE D 657 -16.40 8.39 10.07
CA ILE D 657 -17.42 7.71 10.85
C ILE D 657 -17.42 8.24 12.29
N TRP D 658 -16.23 8.53 12.81
CA TRP D 658 -16.14 9.14 14.12
C TRP D 658 -16.86 10.48 14.16
N LYS D 659 -16.59 11.34 13.18
CA LYS D 659 -17.27 12.62 13.13
C LYS D 659 -18.78 12.44 12.99
N LEU D 660 -19.19 11.38 12.31
CA LEU D 660 -20.61 11.16 12.10
C LEU D 660 -21.33 10.79 13.39
N GLN D 661 -20.76 9.89 14.18
CA GLN D 661 -21.49 9.37 15.33
C GLN D 661 -21.81 10.48 16.33
N LYS D 662 -20.94 11.48 16.41
CA LYS D 662 -21.19 12.62 17.28
C LYS D 662 -22.42 13.37 16.84
N ALA D 663 -22.69 13.38 15.52
CA ALA D 663 -23.90 14.00 15.00
C ALA D 663 -25.14 13.30 15.55
N ILE D 664 -25.11 11.97 15.57
CA ILE D 664 -26.22 11.22 16.12
C ILE D 664 -26.41 11.58 17.57
N SER D 665 -25.30 11.66 18.30
CA SER D 665 -25.37 11.95 19.73
C SER D 665 -26.02 13.31 19.97
N VAL D 666 -25.56 14.32 19.23
CA VAL D 666 -26.01 15.68 19.48
C VAL D 666 -27.48 15.82 19.09
N LEU D 667 -27.87 15.13 18.02
CA LEU D 667 -29.25 15.19 17.58
C LEU D 667 -30.15 14.50 18.58
N GLU D 668 -29.70 13.37 19.12
CA GLU D 668 -30.46 12.68 20.13
C GLU D 668 -30.66 13.57 21.35
N MET D 669 -29.56 14.16 21.80
CA MET D 669 -29.50 15.00 22.98
C MET D 669 -30.42 16.16 22.75
N GLU D 670 -30.42 16.61 21.51
CA GLU D 670 -31.28 17.70 21.08
C GLU D 670 -32.68 17.14 21.33
N ASN D 671 -32.85 15.84 21.11
CA ASN D 671 -34.17 15.25 21.29
C ASN D 671 -34.52 15.15 22.78
N GLY D 672 -33.54 14.84 23.62
CA GLY D 672 -33.75 14.81 25.05
C GLY D 672 -34.27 13.49 25.56
N TYR D 673 -34.46 13.45 26.88
CA TYR D 673 -34.93 12.25 27.56
C TYR D 673 -36.46 12.25 27.59
N TRP D 674 -37.03 11.34 28.40
CA TRP D 674 -38.47 11.39 28.68
C TRP D 674 -38.86 12.72 29.29
N TRP D 675 -38.05 13.23 30.22
CA TRP D 675 -38.02 14.66 30.45
C TRP D 675 -37.32 15.32 29.26
N CYS D 676 -38.05 16.19 28.56
CA CYS D 676 -37.64 16.62 27.23
C CYS D 676 -36.55 17.69 27.29
N ARG D 677 -35.82 17.83 26.17
CA ARG D 677 -34.87 18.91 25.96
C ARG D 677 -35.30 19.86 24.85
N ARG D 678 -36.58 20.25 24.84
CA ARG D 678 -37.15 21.12 23.83
C ARG D 678 -36.52 22.52 23.85
N LYS D 679 -36.93 23.33 22.87
CA LYS D 679 -36.60 24.74 22.70
C LYS D 679 -35.11 24.93 22.40
N LYS D 680 -34.58 24.05 21.54
CA LYS D 680 -33.20 24.16 21.08
C LYS D 680 -32.99 25.45 20.29
N GLN D 681 -31.79 26.03 20.42
CA GLN D 681 -31.54 27.32 19.80
C GLN D 681 -31.34 27.17 18.29
N ARG D 682 -31.43 28.30 17.60
CA ARG D 682 -31.00 28.39 16.22
C ARG D 682 -29.49 28.21 16.14
N ALA D 683 -28.99 28.05 14.91
CA ALA D 683 -27.57 27.79 14.75
C ALA D 683 -26.77 29.02 14.32
N GLY D 684 -27.40 29.99 13.65
CA GLY D 684 -26.67 31.08 13.05
C GLY D 684 -27.13 32.44 13.50
N VAL D 685 -26.56 33.46 12.86
CA VAL D 685 -26.91 34.85 13.07
C VAL D 685 -27.67 35.34 11.86
N MET D 686 -28.64 36.21 12.08
CA MET D 686 -29.46 36.75 11.01
C MET D 686 -28.78 37.97 10.43
N LEU D 687 -28.66 38.00 9.10
CA LEU D 687 -27.99 39.10 8.41
C LEU D 687 -28.66 39.30 7.07
N THR D 688 -29.13 40.51 6.80
CA THR D 688 -29.80 40.81 5.54
C THR D 688 -28.75 41.01 4.47
N VAL D 689 -28.67 40.07 3.55
CA VAL D 689 -27.61 40.01 2.55
C VAL D 689 -28.18 40.55 1.26
N GLY D 690 -27.94 41.82 0.98
CA GLY D 690 -28.37 42.39 -0.29
C GLY D 690 -29.86 42.63 -0.33
N THR D 691 -30.40 42.68 -1.55
CA THR D 691 -31.83 42.79 -1.75
C THR D 691 -32.31 41.68 -2.66
N ARG D 692 -33.59 41.35 -2.55
CA ARG D 692 -34.23 40.37 -3.41
C ARG D 692 -34.43 40.99 -4.80
N PRO D 693 -34.75 40.17 -5.82
CA PRO D 693 -35.39 40.76 -7.01
C PRO D 693 -36.67 41.50 -6.69
N ASP D 694 -37.48 41.00 -5.77
CA ASP D 694 -38.53 41.81 -5.18
C ASP D 694 -37.91 42.91 -4.32
N GLY D 695 -38.68 43.97 -4.08
CA GLY D 695 -38.14 45.14 -3.38
C GLY D 695 -37.77 44.88 -1.93
N SER D 696 -38.34 43.85 -1.32
CA SER D 696 -38.08 43.55 0.08
C SER D 696 -36.65 43.06 0.26
N PRO D 697 -35.99 43.40 1.37
CA PRO D 697 -34.68 42.82 1.65
C PRO D 697 -34.83 41.40 2.17
N ASP D 698 -33.75 40.64 2.04
CA ASP D 698 -33.76 39.21 2.32
C ASP D 698 -33.01 38.91 3.61
N GLU D 699 -33.75 38.67 4.66
CA GLU D 699 -33.17 38.21 5.91
C GLU D 699 -32.94 36.72 5.83
N ARG D 700 -31.73 36.29 6.15
CA ARG D 700 -31.42 34.87 6.18
C ARG D 700 -30.63 34.59 7.43
N TRP D 701 -30.63 33.33 7.83
CA TRP D 701 -29.81 32.88 8.95
C TRP D 701 -28.54 32.28 8.38
N CYS D 702 -27.41 32.63 8.95
CA CYS D 702 -26.16 32.27 8.32
C CYS D 702 -25.14 31.91 9.38
N PHE D 703 -24.27 30.98 9.01
CA PHE D 703 -23.22 30.49 9.89
C PHE D 703 -21.89 30.94 9.34
N ARG D 704 -21.10 31.66 10.15
CA ARG D 704 -19.89 32.28 9.66
C ARG D 704 -18.69 31.42 10.04
N VAL D 705 -17.74 31.33 9.13
CA VAL D 705 -16.58 30.45 9.24
C VAL D 705 -15.37 31.23 8.73
N GLY D 706 -14.24 31.10 9.41
CA GLY D 706 -13.03 31.76 9.00
C GLY D 706 -12.21 30.89 8.08
N GLU D 707 -11.32 31.54 7.33
CA GLU D 707 -10.46 30.83 6.39
C GLU D 707 -9.22 31.68 6.12
N MET D 708 -8.08 31.01 5.96
CA MET D 708 -6.80 31.68 5.69
C MET D 708 -6.18 31.09 4.43
N ASN D 709 -6.07 31.90 3.39
CA ASN D 709 -5.45 31.47 2.14
C ASN D 709 -4.27 32.36 1.82
N TRP D 710 -3.18 31.75 1.37
CA TRP D 710 -1.99 32.49 1.01
C TRP D 710 -1.82 32.64 -0.49
N ALA D 711 -2.68 32.04 -1.30
CA ALA D 711 -2.65 32.22 -2.73
C ALA D 711 -3.47 33.41 -3.19
N THR D 712 -3.84 34.29 -2.24
CA THR D 712 -4.91 35.23 -2.45
C THR D 712 -4.51 36.35 -3.42
N TRP D 713 -3.23 36.72 -3.43
CA TRP D 713 -2.81 37.87 -4.22
C TRP D 713 -2.81 37.57 -5.71
N GLU D 714 -2.79 36.29 -6.09
CA GLU D 714 -3.02 35.94 -7.48
C GLU D 714 -4.44 36.27 -7.91
N GLN D 715 -5.41 36.03 -7.04
CA GLN D 715 -6.81 36.22 -7.39
C GLN D 715 -7.26 37.64 -7.14
N THR D 716 -8.35 38.02 -7.82
CA THR D 716 -8.98 39.29 -7.57
C THR D 716 -9.89 39.21 -6.35
N LEU D 717 -10.17 40.37 -5.77
CA LEU D 717 -10.92 40.41 -4.53
C LEU D 717 -12.39 40.10 -4.78
N PRO D 718 -13.02 39.33 -3.90
CA PRO D 718 -14.44 39.03 -4.07
C PRO D 718 -15.31 40.21 -3.67
N ARG D 719 -16.57 40.16 -4.11
CA ARG D 719 -17.53 41.16 -3.68
C ARG D 719 -17.89 40.92 -2.22
N THR D 720 -17.87 41.99 -1.44
CA THR D 720 -18.08 41.91 -0.01
C THR D 720 -19.31 42.73 0.36
N LEU D 721 -19.79 42.51 1.57
CA LEU D 721 -20.99 43.16 2.05
C LEU D 721 -20.77 43.97 3.32
N CYS D 722 -19.95 43.47 4.24
CA CYS D 722 -19.60 44.21 5.43
C CYS D 722 -18.26 44.89 5.21
N GLU D 723 -18.17 46.16 5.61
CA GLU D 723 -16.95 46.94 5.40
C GLU D 723 -15.99 46.77 6.56
N GLU D 724 -16.43 47.13 7.75
CA GLU D 724 -15.61 47.03 8.94
C GLU D 724 -15.53 45.58 9.39
N PRO D 725 -14.33 45.05 9.60
CA PRO D 725 -14.18 43.66 10.02
C PRO D 725 -14.73 43.32 11.40
N SER D 726 -15.20 44.31 12.17
CA SER D 726 -15.53 44.10 13.57
C SER D 726 -16.73 43.18 13.77
N GLY D 727 -16.52 42.16 14.60
CA GLY D 727 -17.53 41.20 15.06
C GLY D 727 -18.28 40.49 13.93
CBT 6EU E . -17.81 -24.79 1.34
OAH 6EU E . -16.66 -25.57 1.52
CBQ 6EU E . -16.86 -26.68 2.36
CBO 6EU E . -16.52 -26.60 3.74
CBS 6EU E . -17.42 -27.86 1.84
OAI 6EU E . -17.76 -27.95 0.49
CBR 6EU E . -17.63 -28.94 2.66
CBP 6EU E . -17.28 -28.86 4.02
CBN 6EU E . -16.73 -27.69 4.55
CBM 6EU E . -16.36 -27.65 6.06
CBK 6EU E . -14.91 -28.10 6.32
OAG 6EU E . -14.01 -27.44 5.93
OAF 6EU E . -14.64 -29.32 7.05
CBC 6EU E . -13.51 -29.20 7.90
CAX 6EU E . -12.92 -30.64 8.15
CAS 6EU E . -11.36 -30.88 7.85
CAK 6EU E . -10.85 -32.27 7.05
CAU 6EU E . -13.81 -31.67 8.91
CAR 6EU E . -13.40 -33.13 8.77
OAD 6EU E . -13.76 -33.61 7.52
CAZ 6EU E . -14.26 -33.97 9.76
OAE 6EU E . -15.42 -33.93 9.84
CBA 6EU E . -13.32 -34.82 10.57
CBF 6EU E . -13.71 -36.07 11.38
CAW 6EU E . -11.92 -34.33 10.32
CAO 6EU E . -11.95 -33.31 9.16
CAJ 6EU E . -10.82 -33.52 7.99
OAA 6EU E . -9.23 -33.35 8.77
CAN 6EU E . -10.77 -34.81 7.25
CAT 6EU E . -10.00 -36.00 7.95
CAP 6EU E . -10.01 -34.70 5.84
CAM 6EU E . -8.92 -33.42 5.87
CAV 6EU E . -8.24 -33.28 4.56
CBB 6EU E . -8.06 -34.40 3.73
CBD 6EU E . -7.69 -31.92 4.11
OAC 6EU E . -8.12 -33.59 6.71
CAL 6EU E . -9.64 -32.02 6.41
OAB 6EU E . -8.78 -31.63 7.31
CAQ 6EU E . -8.22 -32.75 7.81
CAY 6EU E . -6.85 -32.51 8.48
CBE 6EU E . -6.48 -33.82 9.30
CBG 6EU E . -6.71 -33.86 10.66
CBI 6EU E . -6.39 -35.01 11.39
CBL 6EU E . -5.83 -36.11 10.73
CBJ 6EU E . -5.60 -36.07 9.37
CBH 6EU E . -5.93 -34.93 8.64
CBT 6EU F . 15.94 -23.43 10.07
OAH 6EU F . 16.53 -23.84 11.27
CBQ 6EU F . 15.81 -24.83 11.96
CBO 6EU F . 14.73 -24.51 12.83
CBS 6EU F . 16.17 -26.17 11.78
OAI 6EU F . 17.23 -26.48 10.92
CBR 6EU F . 15.50 -27.17 12.44
CBP 6EU F . 14.44 -26.85 13.29
CBN 6EU F . 14.06 -25.51 13.49
CBM 6EU F . 12.87 -25.21 14.47
CBK 6EU F . 13.26 -25.24 15.95
OAG 6EU F . 13.93 -24.36 16.39
OAF 6EU F . 12.82 -26.33 16.81
CBC 6EU F . 11.97 -25.97 17.90
CAX 6EU F . 12.84 -25.93 19.21
CAS 6EU F . 13.44 -24.49 19.60
CAK 6EU F . 14.87 -24.35 20.46
CAU 6EU F . 13.68 -27.19 19.56
CAR 6EU F . 14.10 -27.34 21.01
OAD 6EU F . 15.45 -27.63 21.03
CAZ 6EU F . 13.33 -28.53 21.64
OAE 6EU F . 12.80 -29.40 21.08
CBA 6EU F . 13.40 -28.31 23.12
CBF 6EU F . 14.04 -29.26 24.15
CAW 6EU F . 13.34 -26.81 23.26
CAO 6EU F . 13.73 -26.18 21.88
CAJ 6EU F . 14.71 -24.87 21.92
OAA 6EU F . 13.83 -23.54 22.65
CAN 6EU F . 15.98 -24.93 22.71
CAT 6EU F . 15.84 -24.63 24.26
CAP 6EU F . 17.00 -23.79 22.30
CAM 6EU F . 16.24 -22.50 21.58
CAV 6EU F . 17.29 -21.55 21.14
CBB 6EU F . 17.15 -20.19 21.37
CBD 6EU F . 18.56 -22.10 20.45
OAC 6EU F . 15.48 -21.95 22.32
CAL 6EU F . 15.20 -22.99 20.39
OAB 6EU F . 14.10 -22.33 20.71
CAQ 6EU F . 14.15 -22.19 22.05
CAY 6EU F . 13.16 -21.11 22.57
CBE 6EU F . 12.17 -21.85 23.57
CBG 6EU F . 11.01 -22.43 23.12
CBI 6EU F . 10.18 -23.10 24.01
CBL 6EU F . 10.53 -23.16 25.37
CBJ 6EU F . 11.68 -22.58 25.84
CBH 6EU F . 12.52 -21.91 24.94
CBT 6EU G . 11.53 2.47 28.06
OAH 6EU G . 10.24 2.75 28.55
CBQ 6EU G . 10.02 2.24 29.83
CBO 6EU G . 9.35 1.00 30.00
CBS 6EU G . 10.45 2.95 30.96
OAI 6EU G . 11.11 4.17 30.81
CBR 6EU G . 10.24 2.46 32.22
CBP 6EU G . 9.58 1.23 32.38
CBN 6EU G . 9.13 0.51 31.26
CBM 6EU G . 8.40 -0.86 31.48
CBK 6EU G . 6.88 -0.68 31.56
OAG 6EU G . 6.27 -0.36 30.60
OAF 6EU G . 6.17 -0.92 32.79
CBC 6EU G . 4.90 -1.53 32.59
CAX 6EU G . 4.00 -1.24 33.84
CAS 6EU G . 2.54 -0.59 33.60
CAK 6EU G . 1.99 0.66 34.57
CAU 6EU G . 4.43 -1.83 35.21
CAR 6EU G . 3.80 -1.21 36.45
OAD 6EU G . 4.37 0.02 36.68
CAZ 6EU G . 4.18 -2.06 37.69
OAE 6EU G . 5.26 -2.39 37.97
CBA 6EU G . 2.92 -2.39 38.43
CBF 6EU G . 2.82 -2.80 39.91
CAW 6EU G . 1.75 -2.03 37.54
CAO 6EU G . 2.29 -1.23 36.32
CAJ 6EU G . 1.47 0.14 35.96
OAA 6EU G . -0.20 -0.32 35.59
CAN 6EU G . 1.37 1.23 36.98
CAT 6EU G . 0.24 1.05 38.07
CAP 6EU G . 1.03 2.65 36.34
CAM 6EU G . 0.24 2.47 34.88
CAV 6EU G . -0.06 3.78 34.26
CBB 6EU G . -0.25 4.91 35.06
CBD 6EU G . -0.18 3.91 32.73
OAC 6EU G . -0.77 1.88 35.03
CAL 6EU G . 1.06 1.42 33.88
OAB 6EU G . 0.08 0.62 33.51
CAQ 6EU G . -0.79 0.58 34.53
CAY 6EU G . -2.21 0.15 34.12
CBE 6EU G . -3.02 -0.17 35.44
CBG 6EU G . -3.16 -1.47 35.86
CBI 6EU G . -3.86 -1.78 37.04
CBL 6EU G . -4.45 -0.73 37.76
CBJ 6EU G . -4.32 0.58 37.35
CBH 6EU G . -3.61 0.88 36.19
CBT 6EU H . -22.20 0.46 20.10
OAH 6EU H . -23.15 -0.41 20.65
CBQ 6EU H . -22.81 -0.91 21.93
CBO 6EU H . -21.96 -2.03 22.10
CBS 6EU H . -23.35 -0.26 23.04
OAI 6EU H . -24.19 0.85 22.87
CBR 6EU H . -23.05 -0.70 24.31
CBP 6EU H . -22.21 -1.81 24.48
CBN 6EU H . -21.66 -2.47 23.36
CBM 6EU H . -20.72 -3.69 23.61
CBK 6EU H . -21.50 -5.00 23.87
OAG 6EU H . -22.05 -5.52 22.96
OAF 6EU H . -21.55 -5.57 25.21
CBC 6EU H . -20.97 -6.86 25.36
CAX 6EU H . -22.13 -7.92 25.39
CAS 6EU H . -22.54 -8.54 23.97
CAK 6EU H . -24.08 -9.14 23.69
CAU 6EU H . -23.24 -7.74 26.46
CAR 6EU H . -24.03 -8.99 26.81
OAD 6EU H . -25.38 -8.69 26.74
CAZ 6EU H . -23.71 -9.42 28.27
OAE 6EU H . -23.24 -8.77 29.11
CBA 6EU H . -24.08 -10.87 28.35
CBF 6EU H . -25.14 -11.49 29.28
CAW 6EU H . -23.71 -11.40 26.99
CAO 6EU H . -23.65 -10.20 26.00
CAJ 6EU H . -24.35 -10.41 24.54
OAA 6EU H . -23.42 -11.61 23.66
CAN 6EU H . -25.76 -10.93 24.47
CAT 6EU H . -25.90 -12.51 24.56
CAP 6EU H . -26.44 -10.66 23.07
CAM 6EU H . -25.30 -10.46 21.87
CAV 6EU H . -26.03 -10.11 20.62
CBB 6EU H . -25.76 -10.78 19.44
CBD 6EU H . -27.12 -9.02 20.67
OAC 6EU H . -24.65 -11.43 21.69
CAL 6EU H . -24.13 -9.38 22.31
OAB 6EU H . -23.05 -10.05 22.01
CAQ 6EU H . -23.35 -11.35 22.18
CAY 6EU H . -22.34 -12.31 21.49
CBE 6EU H . -21.84 -13.30 22.62
CBG 6EU H . -20.72 -13.00 23.35
CBI 6EU H . -20.31 -13.87 24.37
CBL 6EU H . -21.03 -15.06 24.60
CBJ 6EU H . -22.15 -15.37 23.85
CBH 6EU H . -22.56 -14.50 22.86
#